data_2JIF
#
_entry.id   2JIF
#
_cell.length_a   150.245
_cell.length_b   150.245
_cell.length_c   201.586
_cell.angle_alpha   90.00
_cell.angle_beta   90.00
_cell.angle_gamma   120.00
#
_symmetry.space_group_name_H-M   'P 31 2 1'
#
loop_
_entity.id
_entity.type
_entity.pdbx_description
1 polymer 'SHORT/BRANCHED CHAIN SPECIFIC ACYL-COA DEHYDROGENASE'
2 non-polymer 'FLAVIN-ADENINE DINUCLEOTIDE'
3 non-polymer 'COENZYME A PERSULFIDE'
4 non-polymer 1,2-ETHANEDIOL
5 non-polymer 'CHLORIDE ION'
6 water water
#
_entity_poly.entity_id   1
_entity_poly.type   'polypeptide(L)'
_entity_poly.pdbx_seq_one_letter_code
;MHHHHHHSSGVDLGTENLYFQSMAPLQTFTDEEMMIKSSVKKFAQEQIAPLVSTMDENSKMEKSVIQGLFQQGLMGIEVD
PEYGGTGASFLSTVLVIEELAKVDASVAVFCEIQNTLINTLIRKHGTEEQKATYLPQLTTEKVGSFCLSEAGAGSDSFAL
KTRADKEGDYYVLNGSKMWISSAEHAGLFLVMANVDPTIGYKGITSFLVDRDTPGLHIGKPENKLGLRASSTCPLTFENV
KVPEANILGQIGHGYKYAIGSLNEGRIGIAAQMLGLAQGCFDYTIPYIKERIQFGKRLFDFQGLQHQVAHVATQLEAARL
LTYNAARLLEAGKPFIKEASMAKYYASEIAGQTTSKCIEWMGGVGYTKDYPVEKYFRDAKIGTIYEGASNIQLNTIAKHI
DAEY
;
_entity_poly.pdbx_strand_id   A,B,C,D
#
loop_
_chem_comp.id
_chem_comp.type
_chem_comp.name
_chem_comp.formula
CL non-polymer 'CHLORIDE ION' 'Cl -1'
COS non-polymer 'COENZYME A PERSULFIDE' 'C21 H36 N7 O16 P3 S2'
EDO non-polymer 1,2-ETHANEDIOL 'C2 H6 O2'
FAD non-polymer 'FLAVIN-ADENINE DINUCLEOTIDE' 'C27 H33 N9 O15 P2'
#
# COMPACT_ATOMS: atom_id res chain seq x y z
N ALA A 24 17.69 24.28 -13.78
CA ALA A 24 16.36 24.89 -13.51
C ALA A 24 15.34 23.82 -13.09
N PRO A 25 14.41 24.16 -12.17
CA PRO A 25 13.34 23.21 -11.78
C PRO A 25 12.53 22.68 -12.99
N LEU A 26 12.04 21.44 -12.89
CA LEU A 26 11.26 20.81 -13.98
C LEU A 26 9.98 21.59 -14.35
N GLN A 27 9.45 22.37 -13.41
CA GLN A 27 8.28 23.21 -13.70
C GLN A 27 8.64 24.63 -14.23
N THR A 28 9.90 24.86 -14.59
CA THR A 28 10.34 26.09 -15.28
C THR A 28 10.32 25.89 -16.79
N PHE A 29 9.34 26.49 -17.45
CA PHE A 29 9.10 26.27 -18.87
C PHE A 29 9.71 27.38 -19.74
N THR A 30 9.77 27.14 -21.05
CA THR A 30 10.14 28.19 -21.98
C THR A 30 8.95 29.15 -22.12
N ASP A 31 9.21 30.35 -22.60
CA ASP A 31 8.15 31.34 -22.81
C ASP A 31 7.05 30.77 -23.71
N GLU A 32 7.42 30.07 -24.78
CA GLU A 32 6.43 29.45 -25.68
C GLU A 32 5.60 28.37 -24.97
N GLU A 33 6.28 27.55 -24.16
CA GLU A 33 5.60 26.51 -23.39
C GLU A 33 4.59 27.11 -22.42
N MET A 34 4.98 28.17 -21.71
CA MET A 34 4.09 28.89 -20.79
C MET A 34 2.87 29.46 -21.54
N MET A 35 3.12 30.08 -22.69
CA MET A 35 2.07 30.70 -23.50
C MET A 35 1.05 29.68 -24.00
N ILE A 36 1.54 28.54 -24.49
CA ILE A 36 0.68 27.46 -24.97
C ILE A 36 -0.15 26.85 -23.82
N LYS A 37 0.47 26.64 -22.66
CA LYS A 37 -0.27 26.15 -21.47
C LYS A 37 -1.46 27.06 -21.11
N SER A 38 -1.17 28.36 -20.99
CA SER A 38 -2.20 29.36 -20.68
C SER A 38 -3.33 29.38 -21.72
N SER A 39 -2.98 29.29 -22.99
CA SER A 39 -3.96 29.28 -24.08
C SER A 39 -4.92 28.08 -23.99
N VAL A 40 -4.36 26.91 -23.72
CA VAL A 40 -5.17 25.70 -23.60
C VAL A 40 -6.06 25.72 -22.35
N LYS A 41 -5.54 26.24 -21.25
CA LYS A 41 -6.33 26.43 -20.02
C LYS A 41 -7.60 27.24 -20.31
N LYS A 42 -7.42 28.34 -21.04
CA LYS A 42 -8.51 29.24 -21.42
C LYS A 42 -9.50 28.52 -22.33
N PHE A 43 -8.99 27.88 -23.38
CA PHE A 43 -9.79 27.12 -24.33
C PHE A 43 -10.61 26.03 -23.65
N ALA A 44 -9.95 25.27 -22.78
CA ALA A 44 -10.60 24.15 -22.09
C ALA A 44 -11.73 24.64 -21.17
N GLN A 45 -11.47 25.71 -20.43
CA GLN A 45 -12.48 26.28 -19.53
C GLN A 45 -13.68 26.85 -20.29
N GLU A 46 -13.42 27.57 -21.39
CA GLU A 46 -14.47 28.22 -22.16
C GLU A 46 -15.22 27.30 -23.13
N GLN A 47 -14.51 26.43 -23.83
CA GLN A 47 -15.10 25.62 -24.90
C GLN A 47 -15.41 24.17 -24.54
N ILE A 48 -14.71 23.62 -23.55
CA ILE A 48 -14.86 22.20 -23.21
C ILE A 48 -15.67 21.97 -21.92
N ALA A 49 -15.31 22.68 -20.86
CA ALA A 49 -15.93 22.50 -19.53
C ALA A 49 -17.46 22.43 -19.53
N PRO A 50 -18.14 23.35 -20.24
CA PRO A 50 -19.61 23.31 -20.34
C PRO A 50 -20.23 22.03 -20.94
N LEU A 51 -19.44 21.28 -21.71
CA LEU A 51 -19.91 20.12 -22.46
C LEU A 51 -19.51 18.75 -21.91
N VAL A 52 -18.65 18.72 -20.89
CA VAL A 52 -18.06 17.48 -20.38
C VAL A 52 -19.12 16.45 -19.94
N SER A 53 -20.16 16.90 -19.25
CA SER A 53 -21.21 15.99 -18.76
C SER A 53 -22.05 15.37 -19.88
N THR A 54 -22.46 16.19 -20.84
CA THR A 54 -23.20 15.72 -22.02
C THR A 54 -22.42 14.72 -22.86
N MET A 55 -21.16 15.02 -23.11
CA MET A 55 -20.31 14.13 -23.89
C MET A 55 -20.15 12.78 -23.19
N ASP A 56 -19.98 12.81 -21.87
CA ASP A 56 -19.89 11.61 -21.05
C ASP A 56 -21.19 10.82 -21.09
N GLU A 57 -22.31 11.51 -20.85
CA GLU A 57 -23.62 10.87 -20.81
C GLU A 57 -23.95 10.22 -22.16
N ASN A 58 -23.68 10.94 -23.25
CA ASN A 58 -24.02 10.49 -24.59
C ASN A 58 -22.99 9.58 -25.24
N SER A 59 -21.82 9.45 -24.63
CA SER A 59 -20.66 8.78 -25.25
C SER A 59 -20.36 9.37 -26.64
N LYS A 60 -20.34 10.68 -26.73
CA LYS A 60 -20.20 11.35 -28.02
C LYS A 60 -19.43 12.64 -27.88
N MET A 61 -18.29 12.69 -28.53
CA MET A 61 -17.47 13.88 -28.65
C MET A 61 -18.20 14.91 -29.55
N GLU A 62 -18.28 16.16 -29.07
CA GLU A 62 -18.91 17.24 -29.82
C GLU A 62 -18.03 17.76 -30.95
N LYS A 63 -18.65 18.01 -32.10
CA LYS A 63 -17.99 18.57 -33.27
C LYS A 63 -17.30 19.90 -32.94
N SER A 64 -17.97 20.76 -32.18
CA SER A 64 -17.40 22.05 -31.77
C SER A 64 -16.04 21.90 -31.08
N VAL A 65 -15.92 20.88 -30.22
CA VAL A 65 -14.68 20.65 -29.48
C VAL A 65 -13.55 20.21 -30.44
N ILE A 66 -13.88 19.32 -31.38
CA ILE A 66 -12.90 18.82 -32.35
C ILE A 66 -12.46 19.94 -33.28
N GLN A 67 -13.43 20.65 -33.85
CA GLN A 67 -13.18 21.86 -34.62
C GLN A 67 -12.27 22.82 -33.85
N GLY A 68 -12.56 22.99 -32.55
CA GLY A 68 -11.80 23.89 -31.69
C GLY A 68 -10.36 23.47 -31.44
N LEU A 69 -10.14 22.17 -31.25
CA LEU A 69 -8.79 21.64 -31.16
C LEU A 69 -7.94 22.00 -32.40
N PHE A 70 -8.53 21.82 -33.59
CA PHE A 70 -7.85 22.16 -34.85
C PHE A 70 -7.61 23.66 -34.96
N GLN A 71 -8.63 24.44 -34.66
CA GLN A 71 -8.58 25.91 -34.74
C GLN A 71 -7.53 26.52 -33.80
N GLN A 72 -7.38 25.96 -32.60
CA GLN A 72 -6.39 26.43 -31.63
C GLN A 72 -4.97 25.91 -31.92
N GLY A 73 -4.82 25.11 -32.96
CA GLY A 73 -3.51 24.59 -33.35
C GLY A 73 -3.05 23.47 -32.45
N LEU A 74 -4.00 22.77 -31.82
CA LEU A 74 -3.66 21.75 -30.83
C LEU A 74 -3.52 20.36 -31.44
N MET A 75 -3.74 20.24 -32.74
CA MET A 75 -3.65 18.95 -33.44
C MET A 75 -2.38 18.83 -34.30
N GLY A 76 -1.53 19.85 -34.26
CA GLY A 76 -0.24 19.83 -34.96
C GLY A 76 0.84 20.56 -34.18
N ILE A 77 0.89 20.28 -32.87
CA ILE A 77 1.72 21.03 -31.92
C ILE A 77 3.21 21.04 -32.32
N GLU A 78 3.76 19.88 -32.65
CA GLU A 78 5.17 19.75 -33.01
C GLU A 78 5.43 19.75 -34.50
N VAL A 79 4.38 19.67 -35.31
CA VAL A 79 4.54 19.70 -36.77
C VAL A 79 5.10 21.04 -37.23
N ASP A 80 5.98 21.02 -38.23
CA ASP A 80 6.59 22.23 -38.77
C ASP A 80 5.51 23.13 -39.36
N PRO A 81 5.63 24.45 -39.16
CA PRO A 81 4.78 25.46 -39.81
C PRO A 81 4.64 25.34 -41.33
N GLU A 82 5.60 24.73 -42.03
CA GLU A 82 5.48 24.54 -43.48
C GLU A 82 4.33 23.58 -43.84
N TYR A 83 3.92 22.76 -42.86
CA TYR A 83 2.75 21.89 -42.99
C TYR A 83 1.55 22.38 -42.15
N GLY A 84 1.57 23.65 -41.75
CA GLY A 84 0.51 24.21 -40.90
C GLY A 84 0.54 23.88 -39.42
N GLY A 85 1.68 23.41 -38.92
CA GLY A 85 1.81 23.10 -37.48
C GLY A 85 2.40 24.25 -36.69
N THR A 86 2.58 24.05 -35.39
CA THR A 86 3.11 25.09 -34.51
C THR A 86 4.63 25.01 -34.39
N GLY A 87 5.18 23.82 -34.57
CA GLY A 87 6.62 23.64 -34.43
C GLY A 87 7.10 23.84 -33.01
N ALA A 88 6.24 23.51 -32.05
CA ALA A 88 6.58 23.63 -30.63
C ALA A 88 7.32 22.40 -30.14
N SER A 89 7.73 22.44 -28.87
CA SER A 89 8.52 21.38 -28.27
C SER A 89 7.65 20.18 -27.89
N PHE A 90 8.29 19.05 -27.65
CA PHE A 90 7.55 17.89 -27.13
C PHE A 90 6.93 18.21 -25.74
N LEU A 91 7.63 18.96 -24.89
CA LEU A 91 7.08 19.28 -23.57
C LEU A 91 5.77 20.10 -23.68
N SER A 92 5.68 20.95 -24.69
CA SER A 92 4.45 21.68 -25.02
C SER A 92 3.26 20.73 -25.27
N THR A 93 3.50 19.67 -26.04
CA THR A 93 2.49 18.63 -26.26
C THR A 93 2.07 18.00 -24.93
N VAL A 94 3.05 17.65 -24.11
CA VAL A 94 2.78 17.12 -22.77
C VAL A 94 1.93 18.08 -21.95
N LEU A 95 2.27 19.37 -21.99
CA LEU A 95 1.55 20.37 -21.21
C LEU A 95 0.13 20.57 -21.76
N VAL A 96 -0.03 20.52 -23.07
CA VAL A 96 -1.35 20.61 -23.67
C VAL A 96 -2.23 19.44 -23.22
N ILE A 97 -1.66 18.23 -23.23
CA ILE A 97 -2.40 17.04 -22.83
C ILE A 97 -2.81 17.12 -21.35
N GLU A 98 -1.88 17.54 -20.49
CA GLU A 98 -2.12 17.67 -19.07
C GLU A 98 -3.25 18.67 -18.83
N GLU A 99 -3.13 19.83 -19.46
CA GLU A 99 -4.07 20.91 -19.27
C GLU A 99 -5.49 20.56 -19.75
N LEU A 100 -5.60 19.85 -20.87
CA LEU A 100 -6.90 19.38 -21.39
C LEU A 100 -7.55 18.35 -20.45
N ALA A 101 -6.75 17.42 -19.94
CA ALA A 101 -7.23 16.33 -19.12
C ALA A 101 -7.71 16.81 -17.75
N LYS A 102 -7.19 17.95 -17.29
CA LYS A 102 -7.69 18.61 -16.10
C LYS A 102 -9.18 18.92 -16.22
N VAL A 103 -9.67 19.09 -17.44
CA VAL A 103 -11.08 19.34 -17.70
C VAL A 103 -11.76 18.06 -18.20
N ASP A 104 -11.16 17.39 -19.19
CA ASP A 104 -11.76 16.19 -19.78
C ASP A 104 -10.70 15.26 -20.38
N ALA A 105 -10.51 14.11 -19.73
CA ALA A 105 -9.51 13.14 -20.16
C ALA A 105 -9.82 12.58 -21.55
N SER A 106 -11.10 12.52 -21.93
CA SER A 106 -11.49 12.08 -23.28
C SER A 106 -10.97 12.99 -24.37
N VAL A 107 -11.14 14.29 -24.18
CA VAL A 107 -10.61 15.27 -25.12
C VAL A 107 -9.07 15.23 -25.14
N ALA A 108 -8.45 15.02 -23.98
CA ALA A 108 -7.00 14.92 -23.89
C ALA A 108 -6.45 13.75 -24.72
N VAL A 109 -7.10 12.60 -24.65
CA VAL A 109 -6.62 11.43 -25.39
C VAL A 109 -6.79 11.61 -26.91
N PHE A 110 -7.90 12.24 -27.31
CA PHE A 110 -8.11 12.66 -28.71
C PHE A 110 -6.90 13.44 -29.25
N CYS A 111 -6.48 14.44 -28.48
CA CYS A 111 -5.31 15.25 -28.80
C CYS A 111 -3.99 14.44 -28.73
N GLU A 112 -3.83 13.64 -27.68
CA GLU A 112 -2.65 12.79 -27.49
C GLU A 112 -2.39 11.84 -28.68
N ILE A 113 -3.42 11.13 -29.13
CA ILE A 113 -3.27 10.20 -30.25
C ILE A 113 -2.79 10.95 -31.52
N GLN A 114 -3.47 12.05 -31.85
CA GLN A 114 -3.14 12.82 -33.05
C GLN A 114 -1.68 13.27 -33.00
N ASN A 115 -1.27 13.83 -31.86
CA ASN A 115 0.05 14.44 -31.76
C ASN A 115 1.19 13.42 -31.59
N THR A 116 1.05 12.56 -30.60
CA THR A 116 2.14 11.71 -30.17
C THR A 116 2.20 10.38 -30.92
N LEU A 117 1.10 9.94 -31.51
CA LEU A 117 1.11 8.68 -32.27
C LEU A 117 1.10 8.96 -33.75
N ILE A 118 0.03 9.58 -34.25
CA ILE A 118 -0.18 9.77 -35.68
C ILE A 118 0.82 10.76 -36.32
N ASN A 119 0.85 12.00 -35.84
CA ASN A 119 1.76 13.02 -36.35
C ASN A 119 3.24 12.61 -36.23
N THR A 120 3.60 11.95 -35.12
CA THR A 120 4.97 11.53 -34.90
C THR A 120 5.40 10.42 -35.88
N LEU A 121 4.55 9.41 -36.04
CA LEU A 121 4.82 8.34 -37.00
C LEU A 121 5.13 8.88 -38.41
N ILE A 122 4.30 9.81 -38.88
CA ILE A 122 4.49 10.39 -40.21
C ILE A 122 5.66 11.39 -40.27
N ARG A 123 5.80 12.22 -39.24
CA ARG A 123 6.94 13.13 -39.13
C ARG A 123 8.26 12.36 -39.17
N LYS A 124 8.35 11.28 -38.40
CA LYS A 124 9.61 10.55 -38.25
C LYS A 124 9.90 9.54 -39.36
N HIS A 125 8.86 8.93 -39.93
CA HIS A 125 9.05 7.81 -40.85
C HIS A 125 8.41 7.99 -42.22
N GLY A 126 7.86 9.16 -42.49
CA GLY A 126 7.18 9.42 -43.76
C GLY A 126 8.19 9.87 -44.79
N THR A 127 7.91 9.60 -46.07
CA THR A 127 8.67 10.20 -47.17
C THR A 127 8.28 11.69 -47.22
N GLU A 128 9.06 12.48 -47.96
CA GLU A 128 8.75 13.90 -48.12
C GLU A 128 7.36 14.09 -48.74
N GLU A 129 7.01 13.21 -49.68
CA GLU A 129 5.70 13.22 -50.32
C GLU A 129 4.54 12.89 -49.34
N GLN A 130 4.72 11.86 -48.52
CA GLN A 130 3.74 11.50 -47.50
C GLN A 130 3.56 12.61 -46.47
N LYS A 131 4.67 13.22 -46.05
CA LYS A 131 4.59 14.36 -45.14
C LYS A 131 3.81 15.51 -45.80
N ALA A 132 4.15 15.83 -47.04
CA ALA A 132 3.48 16.92 -47.77
C ALA A 132 1.99 16.66 -48.01
N THR A 133 1.61 15.39 -48.13
CA THR A 133 0.21 15.03 -48.37
C THR A 133 -0.63 15.04 -47.07
N TYR A 134 -0.10 14.40 -46.03
CA TYR A 134 -0.89 14.09 -44.84
C TYR A 134 -0.77 15.14 -43.74
N LEU A 135 0.42 15.66 -43.49
CA LEU A 135 0.60 16.58 -42.36
C LEU A 135 -0.25 17.84 -42.41
N PRO A 136 -0.36 18.49 -43.58
CA PRO A 136 -1.29 19.63 -43.70
C PRO A 136 -2.75 19.27 -43.39
N GLN A 137 -3.18 18.06 -43.75
CA GLN A 137 -4.53 17.59 -43.46
C GLN A 137 -4.69 17.36 -41.96
N LEU A 138 -3.72 16.67 -41.37
CA LEU A 138 -3.74 16.32 -39.95
C LEU A 138 -3.58 17.51 -39.02
N THR A 139 -2.96 18.60 -39.47
CA THR A 139 -2.85 19.80 -38.64
C THR A 139 -4.08 20.71 -38.72
N THR A 140 -4.96 20.48 -39.70
CA THR A 140 -6.06 21.42 -39.97
C THR A 140 -7.48 20.83 -39.86
N GLU A 141 -7.69 19.59 -40.28
CA GLU A 141 -9.05 18.99 -40.28
C GLU A 141 -9.16 17.45 -40.19
N LYS A 142 -8.12 16.71 -40.58
CA LYS A 142 -8.21 15.24 -40.63
C LYS A 142 -7.78 14.60 -39.31
N VAL A 143 -8.66 13.81 -38.71
CA VAL A 143 -8.34 13.00 -37.54
C VAL A 143 -7.74 11.65 -37.96
N GLY A 144 -6.70 11.21 -37.23
CA GLY A 144 -6.08 9.89 -37.44
C GLY A 144 -6.37 8.86 -36.36
N SER A 145 -6.47 7.58 -36.77
CA SER A 145 -6.52 6.45 -35.81
C SER A 145 -5.27 5.57 -35.92
N PHE A 146 -4.81 5.09 -34.78
CA PHE A 146 -3.66 4.20 -34.65
C PHE A 146 -4.22 2.79 -34.45
N CYS A 147 -3.94 1.89 -35.40
CA CYS A 147 -4.60 0.58 -35.49
C CYS A 147 -3.60 -0.57 -35.34
N LEU A 148 -3.34 -0.93 -34.10
CA LEU A 148 -2.43 -2.01 -33.76
C LEU A 148 -3.14 -3.23 -33.17
N SER A 149 -3.94 -3.00 -32.13
CA SER A 149 -4.49 -4.09 -31.32
C SER A 149 -5.57 -4.90 -32.05
N GLU A 150 -5.65 -6.17 -31.68
CA GLU A 150 -6.70 -7.09 -32.14
C GLU A 150 -7.21 -7.87 -30.94
N ALA A 151 -8.31 -8.59 -31.12
CA ALA A 151 -8.86 -9.42 -30.06
C ALA A 151 -7.83 -10.45 -29.56
N GLY A 152 -6.99 -10.97 -30.46
CA GLY A 152 -5.94 -11.91 -30.08
C GLY A 152 -4.56 -11.30 -29.85
N ALA A 153 -4.46 -9.99 -29.90
CA ALA A 153 -3.17 -9.31 -29.85
C ALA A 153 -3.33 -7.99 -29.11
N GLY A 154 -3.36 -8.06 -27.79
CA GLY A 154 -3.47 -6.86 -26.95
C GLY A 154 -2.11 -6.50 -26.40
N SER A 155 -1.77 -7.06 -25.24
CA SER A 155 -0.42 -6.87 -24.70
C SER A 155 0.60 -7.46 -25.68
N ASP A 156 0.24 -8.61 -26.27
CA ASP A 156 1.03 -9.26 -27.31
C ASP A 156 0.67 -8.67 -28.70
N SER A 157 1.02 -7.40 -28.90
CA SER A 157 0.69 -6.63 -30.13
C SER A 157 1.19 -7.31 -31.38
N PHE A 158 2.39 -7.89 -31.27
CA PHE A 158 3.07 -8.43 -32.43
C PHE A 158 2.58 -9.82 -32.83
N ALA A 159 1.62 -10.37 -32.09
CA ALA A 159 0.87 -11.57 -32.51
C ALA A 159 -0.29 -11.22 -33.44
N LEU A 160 -0.40 -9.94 -33.82
CA LEU A 160 -1.45 -9.50 -34.75
C LEU A 160 -1.52 -10.38 -36.01
N LYS A 161 -2.75 -10.68 -36.41
CA LYS A 161 -3.03 -11.57 -37.52
C LYS A 161 -3.52 -10.86 -38.79
N THR A 162 -3.79 -9.56 -38.72
CA THR A 162 -4.13 -8.83 -39.94
C THR A 162 -2.97 -9.00 -40.94
N ARG A 163 -3.30 -9.44 -42.15
CA ARG A 163 -2.33 -9.73 -43.22
C ARG A 163 -2.35 -8.69 -44.33
N ALA A 164 -1.19 -8.48 -44.94
CA ALA A 164 -1.08 -7.69 -46.16
C ALA A 164 -0.42 -8.57 -47.21
N ASP A 165 -1.16 -8.90 -48.27
CA ASP A 165 -0.65 -9.73 -49.36
C ASP A 165 -0.34 -8.88 -50.59
N LYS A 166 0.87 -9.03 -51.11
CA LYS A 166 1.30 -8.29 -52.29
C LYS A 166 0.54 -8.80 -53.52
N GLU A 167 -0.02 -7.87 -54.28
CA GLU A 167 -0.70 -8.17 -55.52
C GLU A 167 -0.34 -7.05 -56.52
N GLY A 168 0.73 -7.29 -57.29
CA GLY A 168 1.29 -6.26 -58.17
C GLY A 168 1.89 -5.10 -57.39
N ASP A 169 1.53 -3.87 -57.77
CA ASP A 169 1.99 -2.67 -57.09
C ASP A 169 1.10 -2.29 -55.87
N TYR A 170 0.33 -3.24 -55.36
CA TYR A 170 -0.58 -3.02 -54.23
C TYR A 170 -0.43 -4.09 -53.16
N TYR A 171 -0.96 -3.80 -51.97
CA TYR A 171 -1.11 -4.75 -50.89
C TYR A 171 -2.57 -4.91 -50.53
N VAL A 172 -3.00 -6.15 -50.33
CA VAL A 172 -4.39 -6.45 -50.02
C VAL A 172 -4.47 -6.86 -48.54
N LEU A 173 -5.09 -5.99 -47.75
CA LEU A 173 -5.18 -6.20 -46.31
C LEU A 173 -6.43 -7.00 -45.95
N ASN A 174 -6.24 -8.02 -45.11
CA ASN A 174 -7.33 -8.82 -44.57
C ASN A 174 -7.15 -9.09 -43.08
N GLY A 175 -8.20 -8.85 -42.31
CA GLY A 175 -8.18 -9.09 -40.87
C GLY A 175 -9.08 -8.13 -40.12
N SER A 176 -8.72 -7.86 -38.89
CA SER A 176 -9.55 -7.04 -38.03
C SER A 176 -8.70 -6.36 -36.99
N LYS A 177 -9.24 -5.28 -36.43
CA LYS A 177 -8.62 -4.58 -35.32
C LYS A 177 -9.66 -4.37 -34.25
N MET A 178 -9.18 -4.11 -33.04
CA MET A 178 -10.03 -3.93 -31.88
C MET A 178 -9.50 -2.73 -31.10
N TRP A 179 -10.42 -2.01 -30.46
CA TRP A 179 -10.10 -0.93 -29.50
C TRP A 179 -9.58 0.34 -30.16
N ILE A 180 -10.00 0.62 -31.39
CA ILE A 180 -9.39 1.73 -32.12
C ILE A 180 -10.03 3.06 -31.73
N SER A 181 -9.24 3.90 -31.07
CA SER A 181 -9.68 5.17 -30.60
C SER A 181 -9.81 6.17 -31.76
N SER A 182 -10.85 7.00 -31.66
CA SER A 182 -11.16 8.05 -32.64
C SER A 182 -11.66 7.54 -34.01
N ALA A 183 -11.98 6.25 -34.10
CA ALA A 183 -12.32 5.63 -35.39
C ALA A 183 -13.58 6.23 -36.01
N GLU A 184 -14.55 6.59 -35.18
CA GLU A 184 -15.81 7.17 -35.66
C GLU A 184 -15.57 8.44 -36.49
N HIS A 185 -14.53 9.21 -36.15
CA HIS A 185 -14.23 10.48 -36.84
C HIS A 185 -13.02 10.42 -37.79
N ALA A 186 -12.18 9.40 -37.63
CA ALA A 186 -10.91 9.30 -38.37
C ALA A 186 -11.07 9.27 -39.90
N GLY A 187 -10.30 10.12 -40.58
CA GLY A 187 -10.17 10.06 -42.04
C GLY A 187 -8.96 9.22 -42.47
N LEU A 188 -8.00 9.04 -41.55
CA LEU A 188 -6.78 8.29 -41.84
C LEU A 188 -6.55 7.22 -40.77
N PHE A 189 -6.28 5.99 -41.24
CA PHE A 189 -6.06 4.85 -40.37
C PHE A 189 -4.63 4.34 -40.59
N LEU A 190 -3.81 4.38 -39.54
CA LEU A 190 -2.46 3.83 -39.61
C LEU A 190 -2.55 2.40 -39.12
N VAL A 191 -2.45 1.47 -40.06
CA VAL A 191 -2.76 0.08 -39.80
C VAL A 191 -1.49 -0.76 -39.81
N MET A 192 -1.29 -1.49 -38.72
CA MET A 192 -0.21 -2.46 -38.65
C MET A 192 -0.73 -3.84 -39.12
N ALA A 193 -0.08 -4.36 -40.15
CA ALA A 193 -0.46 -5.63 -40.78
C ALA A 193 0.83 -6.38 -41.09
N ASN A 194 0.76 -7.70 -41.12
CA ASN A 194 1.94 -8.53 -41.38
C ASN A 194 2.02 -8.97 -42.85
N VAL A 195 3.09 -8.59 -43.52
CA VAL A 195 3.28 -8.93 -44.94
C VAL A 195 3.85 -10.34 -45.13
N ASP A 196 4.38 -10.92 -44.05
CA ASP A 196 4.91 -12.27 -44.07
C ASP A 196 4.86 -12.88 -42.67
N PRO A 197 3.72 -13.52 -42.34
CA PRO A 197 3.53 -14.07 -40.99
C PRO A 197 4.53 -15.15 -40.60
N THR A 198 5.21 -15.78 -41.56
CA THR A 198 6.19 -16.82 -41.26
C THR A 198 7.50 -16.28 -40.64
N ILE A 199 7.73 -14.97 -40.74
CA ILE A 199 8.89 -14.35 -40.06
C ILE A 199 8.49 -13.57 -38.81
N GLY A 200 7.27 -13.82 -38.32
CA GLY A 200 6.80 -13.23 -37.08
C GLY A 200 6.76 -11.71 -37.09
N TYR A 201 7.24 -11.10 -36.01
CA TYR A 201 7.13 -9.66 -35.82
C TYR A 201 7.87 -8.84 -36.88
N LYS A 202 8.92 -9.43 -37.47
CA LYS A 202 9.69 -8.77 -38.53
C LYS A 202 8.92 -8.61 -39.86
N GLY A 203 7.71 -9.16 -39.95
CA GLY A 203 6.87 -8.94 -41.12
C GLY A 203 5.88 -7.78 -40.96
N ILE A 204 5.80 -7.23 -39.75
CA ILE A 204 4.81 -6.21 -39.43
C ILE A 204 5.17 -4.88 -40.07
N THR A 205 4.18 -4.31 -40.74
CA THR A 205 4.36 -3.18 -41.63
C THR A 205 3.21 -2.19 -41.34
N SER A 206 3.53 -0.90 -41.37
CA SER A 206 2.55 0.19 -41.15
C SER A 206 2.00 0.64 -42.51
N PHE A 207 0.67 0.76 -42.61
CA PHE A 207 0.00 1.18 -43.83
C PHE A 207 -0.86 2.42 -43.57
N LEU A 208 -0.80 3.37 -44.49
CA LEU A 208 -1.69 4.54 -44.51
C LEU A 208 -2.94 4.21 -45.31
N VAL A 209 -4.08 4.13 -44.63
CA VAL A 209 -5.33 3.69 -45.23
C VAL A 209 -6.40 4.77 -45.04
N ASP A 210 -6.94 5.26 -46.15
CA ASP A 210 -8.01 6.27 -46.14
C ASP A 210 -9.33 5.65 -45.66
N ARG A 211 -10.12 6.43 -44.93
CA ARG A 211 -11.42 5.97 -44.44
C ARG A 211 -12.30 5.38 -45.54
N ASP A 212 -12.33 6.02 -46.70
CA ASP A 212 -13.24 5.61 -47.76
C ASP A 212 -12.68 4.54 -48.72
N THR A 213 -11.70 3.77 -48.26
CA THR A 213 -11.20 2.62 -49.03
C THR A 213 -12.23 1.49 -48.94
N PRO A 214 -12.68 0.95 -50.09
CA PRO A 214 -13.60 -0.20 -50.08
C PRO A 214 -13.05 -1.39 -49.30
N GLY A 215 -13.91 -2.04 -48.51
CA GLY A 215 -13.51 -3.18 -47.71
C GLY A 215 -13.16 -2.88 -46.27
N LEU A 216 -13.01 -1.60 -45.93
CA LEU A 216 -12.76 -1.17 -44.55
C LEU A 216 -14.09 -0.81 -43.88
N HIS A 217 -14.42 -1.50 -42.78
CA HIS A 217 -15.67 -1.28 -42.06
C HIS A 217 -15.38 -0.90 -40.61
N ILE A 218 -16.01 0.17 -40.15
CA ILE A 218 -15.87 0.64 -38.78
C ILE A 218 -17.09 0.20 -38.00
N GLY A 219 -16.87 -0.64 -37.00
CA GLY A 219 -17.97 -1.20 -36.19
C GLY A 219 -18.53 -0.24 -35.16
N LYS A 220 -19.49 -0.73 -34.38
CA LYS A 220 -20.12 0.05 -33.30
C LYS A 220 -19.16 0.40 -32.17
N PRO A 221 -19.18 1.66 -31.69
CA PRO A 221 -18.35 2.04 -30.57
C PRO A 221 -18.63 1.21 -29.33
N GLU A 222 -17.58 0.91 -28.58
CA GLU A 222 -17.73 0.23 -27.29
C GLU A 222 -18.54 1.09 -26.32
N ASN A 223 -19.32 0.43 -25.48
CA ASN A 223 -19.96 1.05 -24.32
C ASN A 223 -19.01 0.93 -23.12
N LYS A 224 -18.43 2.06 -22.70
CA LYS A 224 -17.31 2.05 -21.76
C LYS A 224 -17.61 2.62 -20.37
N LEU A 225 -16.82 2.18 -19.41
CA LEU A 225 -16.84 2.68 -18.04
C LEU A 225 -16.59 4.19 -17.97
N GLY A 226 -15.58 4.65 -18.69
CA GLY A 226 -15.18 6.04 -18.74
C GLY A 226 -14.53 6.31 -20.08
N LEU A 227 -13.89 7.47 -20.21
CA LEU A 227 -13.34 7.91 -21.50
C LEU A 227 -14.43 7.79 -22.58
N ARG A 228 -15.65 8.09 -22.19
CA ARG A 228 -16.80 7.73 -23.02
C ARG A 228 -16.94 8.57 -24.27
N ALA A 229 -16.50 9.83 -24.23
CA ALA A 229 -16.56 10.69 -25.40
C ALA A 229 -15.55 10.29 -26.49
N SER A 230 -14.54 9.51 -26.13
CA SER A 230 -13.59 8.98 -27.11
C SER A 230 -14.12 7.69 -27.73
N SER A 231 -14.52 7.75 -29.00
CA SER A 231 -14.96 6.54 -29.73
C SER A 231 -13.86 5.49 -29.75
N THR A 232 -14.28 4.24 -29.55
CA THR A 232 -13.40 3.08 -29.45
C THR A 232 -14.14 2.01 -30.22
N CYS A 233 -13.64 1.67 -31.40
CA CYS A 233 -14.40 0.84 -32.34
C CYS A 233 -13.59 -0.34 -32.86
N PRO A 234 -14.26 -1.46 -33.15
CA PRO A 234 -13.62 -2.50 -33.95
C PRO A 234 -13.55 -2.13 -35.42
N LEU A 235 -12.52 -2.62 -36.10
CA LEU A 235 -12.42 -2.51 -37.57
C LEU A 235 -12.33 -3.89 -38.19
N THR A 236 -12.85 -4.03 -39.40
CA THR A 236 -12.60 -5.22 -40.20
C THR A 236 -12.07 -4.80 -41.58
N PHE A 237 -11.18 -5.64 -42.12
CA PHE A 237 -10.55 -5.42 -43.42
C PHE A 237 -10.88 -6.59 -44.31
N GLU A 238 -11.68 -6.36 -45.34
CA GLU A 238 -11.98 -7.36 -46.36
C GLU A 238 -11.38 -6.95 -47.69
N ASN A 239 -10.27 -7.57 -48.08
CA ASN A 239 -9.61 -7.26 -49.35
C ASN A 239 -9.47 -5.75 -49.58
N VAL A 240 -8.97 -5.06 -48.55
CA VAL A 240 -8.69 -3.63 -48.62
C VAL A 240 -7.40 -3.42 -49.43
N LYS A 241 -7.53 -2.79 -50.60
CA LYS A 241 -6.41 -2.64 -51.53
C LYS A 241 -5.67 -1.33 -51.25
N VAL A 242 -4.40 -1.45 -50.92
CA VAL A 242 -3.56 -0.30 -50.60
C VAL A 242 -2.40 -0.22 -51.60
N PRO A 243 -2.16 0.96 -52.21
CA PRO A 243 -1.00 1.09 -53.09
C PRO A 243 0.29 0.91 -52.30
N GLU A 244 1.32 0.34 -52.91
CA GLU A 244 2.59 0.08 -52.21
C GLU A 244 3.23 1.36 -51.66
N ALA A 245 2.93 2.50 -52.30
CA ALA A 245 3.41 3.80 -51.83
C ALA A 245 2.85 4.19 -50.47
N ASN A 246 1.71 3.61 -50.10
CA ASN A 246 1.07 3.90 -48.80
C ASN A 246 1.68 3.17 -47.60
N ILE A 247 2.69 2.33 -47.82
CA ILE A 247 3.50 1.82 -46.71
C ILE A 247 4.18 3.03 -46.08
N LEU A 248 3.99 3.17 -44.77
CA LEU A 248 4.71 4.16 -43.97
C LEU A 248 6.02 3.55 -43.47
N GLY A 249 7.12 4.20 -43.85
CA GLY A 249 8.46 3.69 -43.57
C GLY A 249 8.80 2.41 -44.31
N GLN A 250 9.74 1.67 -43.73
CA GLN A 250 10.31 0.49 -44.36
C GLN A 250 9.44 -0.71 -44.09
N ILE A 251 9.22 -1.50 -45.14
CA ILE A 251 8.48 -2.74 -45.05
C ILE A 251 9.12 -3.64 -43.98
N GLY A 252 8.30 -4.18 -43.07
CA GLY A 252 8.80 -5.03 -41.99
C GLY A 252 9.37 -4.31 -40.77
N HIS A 253 9.34 -2.98 -40.75
CA HIS A 253 9.81 -2.21 -39.60
C HIS A 253 8.65 -1.57 -38.82
N GLY A 254 7.41 -1.93 -39.17
CA GLY A 254 6.23 -1.36 -38.54
C GLY A 254 6.10 -1.66 -37.04
N TYR A 255 6.66 -2.78 -36.62
CA TYR A 255 6.71 -3.13 -35.21
C TYR A 255 7.61 -2.12 -34.48
N LYS A 256 8.73 -1.76 -35.10
CA LYS A 256 9.62 -0.76 -34.50
C LYS A 256 8.98 0.62 -34.44
N TYR A 257 8.35 1.04 -35.53
CA TYR A 257 7.72 2.36 -35.58
C TYR A 257 6.59 2.44 -34.56
N ALA A 258 5.81 1.37 -34.46
CA ALA A 258 4.64 1.34 -33.59
C ALA A 258 5.04 1.49 -32.13
N ILE A 259 5.97 0.65 -31.68
CA ILE A 259 6.44 0.71 -30.31
C ILE A 259 7.30 1.96 -30.04
N GLY A 260 8.02 2.44 -31.05
CA GLY A 260 8.69 3.71 -30.94
C GLY A 260 7.73 4.85 -30.60
N SER A 261 6.60 4.90 -31.30
CA SER A 261 5.63 5.97 -31.09
C SER A 261 4.94 5.79 -29.72
N LEU A 262 4.68 4.54 -29.35
CA LEU A 262 4.12 4.20 -28.04
C LEU A 262 5.03 4.55 -26.84
N ASN A 263 6.34 4.51 -27.00
CA ASN A 263 7.28 4.98 -25.96
C ASN A 263 7.06 6.48 -25.67
N GLU A 264 6.83 7.29 -26.72
CA GLU A 264 6.42 8.68 -26.54
C GLU A 264 4.99 8.82 -26.06
N GLY A 265 4.09 7.98 -26.59
CA GLY A 265 2.71 8.00 -26.20
C GLY A 265 2.57 7.69 -24.71
N ARG A 266 3.54 6.98 -24.14
CA ARG A 266 3.49 6.64 -22.72
C ARG A 266 3.71 7.87 -21.86
N ILE A 267 4.53 8.80 -22.34
CA ILE A 267 4.66 10.10 -21.70
C ILE A 267 3.38 10.90 -21.87
N GLY A 268 2.77 10.83 -23.06
CA GLY A 268 1.47 11.46 -23.32
C GLY A 268 0.35 10.99 -22.39
N ILE A 269 0.29 9.67 -22.15
CA ILE A 269 -0.74 9.13 -21.26
C ILE A 269 -0.43 9.45 -19.78
N ALA A 270 0.86 9.44 -19.41
CA ALA A 270 1.27 9.94 -18.11
C ALA A 270 0.74 11.36 -17.88
N ALA A 271 0.87 12.21 -18.90
CA ALA A 271 0.38 13.59 -18.84
C ALA A 271 -1.15 13.65 -18.70
N GLN A 272 -1.86 12.80 -19.43
CA GLN A 272 -3.32 12.72 -19.31
C GLN A 272 -3.75 12.33 -17.89
N MET A 273 -3.12 11.27 -17.37
CA MET A 273 -3.43 10.77 -16.02
C MET A 273 -3.10 11.78 -14.95
N LEU A 274 -1.97 12.44 -15.13
CA LEU A 274 -1.54 13.55 -14.27
C LEU A 274 -2.56 14.67 -14.26
N GLY A 275 -2.96 15.13 -15.45
CA GLY A 275 -3.88 16.24 -15.56
C GLY A 275 -5.25 15.93 -14.98
N LEU A 276 -5.78 14.75 -15.27
CA LEU A 276 -7.07 14.36 -14.73
C LEU A 276 -7.05 14.23 -13.20
N ALA A 277 -5.97 13.67 -12.66
CA ALA A 277 -5.81 13.55 -11.20
C ALA A 277 -5.69 14.93 -10.57
N GLN A 278 -4.95 15.80 -11.23
CA GLN A 278 -4.77 17.16 -10.76
C GLN A 278 -6.11 17.92 -10.77
N GLY A 279 -6.86 17.81 -11.87
CA GLY A 279 -8.19 18.43 -11.96
C GLY A 279 -9.12 17.98 -10.87
N CYS A 280 -9.13 16.68 -10.61
CA CYS A 280 -9.96 16.11 -9.57
C CYS A 280 -9.56 16.66 -8.21
N PHE A 281 -8.26 16.64 -7.94
CA PHE A 281 -7.68 17.16 -6.71
C PHE A 281 -8.04 18.64 -6.55
N ASP A 282 -7.82 19.42 -7.61
CA ASP A 282 -8.09 20.86 -7.60
C ASP A 282 -9.54 21.18 -7.29
N TYR A 283 -10.46 20.38 -7.80
CA TYR A 283 -11.88 20.53 -7.49
C TYR A 283 -12.21 20.20 -6.02
N THR A 284 -11.58 19.16 -5.49
CA THR A 284 -11.95 18.61 -4.20
C THR A 284 -11.49 19.44 -2.99
N ILE A 285 -10.30 20.05 -3.07
CA ILE A 285 -9.77 20.79 -1.93
C ILE A 285 -10.66 21.96 -1.44
N PRO A 286 -11.12 22.87 -2.34
CA PRO A 286 -12.11 23.86 -1.90
C PRO A 286 -13.36 23.25 -1.22
N TYR A 287 -13.84 22.11 -1.70
CA TYR A 287 -14.98 21.46 -1.08
C TYR A 287 -14.71 21.08 0.40
N ILE A 288 -13.60 20.41 0.64
CA ILE A 288 -13.28 19.93 1.99
C ILE A 288 -12.90 21.08 2.91
N LYS A 289 -12.47 22.20 2.33
CA LYS A 289 -12.29 23.46 3.08
C LYS A 289 -13.61 24.07 3.56
N GLU A 290 -14.67 23.92 2.78
CA GLU A 290 -15.95 24.58 3.07
C GLU A 290 -16.97 23.70 3.79
N ARG A 291 -16.92 22.40 3.55
CA ARG A 291 -17.87 21.47 4.17
C ARG A 291 -17.54 21.34 5.66
N ILE A 292 -18.54 21.58 6.51
CA ILE A 292 -18.42 21.49 7.96
C ILE A 292 -19.19 20.26 8.53
N GLN A 293 -18.48 19.47 9.34
CA GLN A 293 -19.08 18.43 10.18
C GLN A 293 -18.43 18.50 11.55
N PHE A 294 -19.19 18.20 12.60
CA PHE A 294 -18.72 18.23 13.99
C PHE A 294 -18.09 19.59 14.32
N GLY A 295 -18.63 20.65 13.73
CA GLY A 295 -18.14 22.00 13.96
C GLY A 295 -16.83 22.37 13.29
N LYS A 296 -16.26 21.44 12.52
CA LYS A 296 -14.97 21.63 11.86
C LYS A 296 -15.09 21.49 10.35
N ARG A 297 -14.23 22.23 9.63
CA ARG A 297 -13.94 21.94 8.23
C ARG A 297 -13.44 20.51 8.14
N LEU A 298 -13.88 19.79 7.10
CA LEU A 298 -13.40 18.43 6.83
C LEU A 298 -11.87 18.41 6.72
N PHE A 299 -11.32 19.48 6.14
CA PHE A 299 -9.88 19.64 5.99
C PHE A 299 -9.14 19.64 7.34
N ASP A 300 -9.83 19.99 8.42
CA ASP A 300 -9.21 20.01 9.74
C ASP A 300 -9.21 18.68 10.50
N PHE A 301 -9.79 17.64 9.93
CA PHE A 301 -9.61 16.31 10.51
C PHE A 301 -8.28 15.76 10.03
N GLN A 302 -7.38 15.51 10.98
CA GLN A 302 -6.00 15.16 10.63
C GLN A 302 -5.86 13.91 9.76
N GLY A 303 -6.73 12.91 9.96
CA GLY A 303 -6.71 11.74 9.10
C GLY A 303 -6.92 12.09 7.63
N LEU A 304 -7.88 12.96 7.40
CA LEU A 304 -8.18 13.43 6.05
C LEU A 304 -7.05 14.33 5.54
N GLN A 305 -6.51 15.18 6.41
CA GLN A 305 -5.35 16.00 6.04
C GLN A 305 -4.13 15.20 5.59
N HIS A 306 -3.84 14.13 6.30
CA HIS A 306 -2.69 13.30 5.96
C HIS A 306 -2.92 12.59 4.63
N GLN A 307 -4.15 12.13 4.37
CA GLN A 307 -4.49 11.51 3.07
C GLN A 307 -4.30 12.50 1.93
N VAL A 308 -4.76 13.73 2.14
CA VAL A 308 -4.58 14.82 1.19
C VAL A 308 -3.10 15.14 0.91
N ALA A 309 -2.32 15.25 1.97
CA ALA A 309 -0.89 15.52 1.84
C ALA A 309 -0.15 14.38 1.17
N HIS A 310 -0.53 13.14 1.47
CA HIS A 310 0.03 11.95 0.82
C HIS A 310 -0.26 11.96 -0.70
N VAL A 311 -1.52 12.19 -1.03
CA VAL A 311 -1.95 12.31 -2.42
C VAL A 311 -1.23 13.48 -3.15
N ALA A 312 -1.13 14.64 -2.50
CA ALA A 312 -0.38 15.78 -3.06
C ALA A 312 1.06 15.42 -3.41
N THR A 313 1.70 14.66 -2.52
CA THR A 313 3.09 14.22 -2.73
C THR A 313 3.21 13.32 -3.98
N GLN A 314 2.26 12.41 -4.11
CA GLN A 314 2.20 11.52 -5.29
C GLN A 314 1.96 12.25 -6.59
N LEU A 315 1.07 13.25 -6.56
CA LEU A 315 0.83 14.10 -7.74
C LEU A 315 2.10 14.82 -8.16
N GLU A 316 2.81 15.33 -7.16
CA GLU A 316 4.05 16.07 -7.38
C GLU A 316 5.11 15.17 -8.01
N ALA A 317 5.25 13.97 -7.46
CA ALA A 317 6.16 12.97 -7.98
C ALA A 317 5.79 12.53 -9.41
N ALA A 318 4.49 12.34 -9.68
CA ALA A 318 4.04 12.02 -11.03
C ALA A 318 4.34 13.14 -12.04
N ARG A 319 4.12 14.40 -11.64
CA ARG A 319 4.48 15.56 -12.48
C ARG A 319 5.96 15.52 -12.84
N LEU A 320 6.82 15.32 -11.84
CA LEU A 320 8.27 15.36 -12.09
C LEU A 320 8.71 14.20 -12.98
N LEU A 321 8.21 13.00 -12.73
CA LEU A 321 8.49 11.85 -13.61
C LEU A 321 8.08 12.14 -15.06
N THR A 322 6.91 12.76 -15.21
CA THR A 322 6.36 13.04 -16.53
C THR A 322 7.21 14.07 -17.28
N TYR A 323 7.47 15.20 -16.64
CA TYR A 323 8.26 16.27 -17.24
C TYR A 323 9.70 15.83 -17.48
N ASN A 324 10.28 15.05 -16.56
CA ASN A 324 11.66 14.56 -16.75
C ASN A 324 11.77 13.63 -17.96
N ALA A 325 10.82 12.72 -18.11
CA ALA A 325 10.81 11.82 -19.28
C ALA A 325 10.75 12.63 -20.56
N ALA A 326 9.88 13.65 -20.59
CA ALA A 326 9.80 14.58 -21.74
C ALA A 326 11.11 15.30 -22.02
N ARG A 327 11.76 15.78 -20.96
CA ARG A 327 13.01 16.50 -21.13
C ARG A 327 14.14 15.58 -21.57
N LEU A 328 14.12 14.33 -21.11
CA LEU A 328 15.10 13.34 -21.58
C LEU A 328 14.94 13.10 -23.10
N LEU A 329 13.72 12.90 -23.55
CA LEU A 329 13.42 12.73 -24.98
C LEU A 329 13.92 13.91 -25.83
N GLU A 330 13.63 15.13 -25.36
CA GLU A 330 14.07 16.35 -26.07
C GLU A 330 15.59 16.50 -26.15
N ALA A 331 16.28 16.00 -25.14
CA ALA A 331 17.74 16.10 -25.08
C ALA A 331 18.44 14.99 -25.88
N GLY A 332 17.67 14.12 -26.53
CA GLY A 332 18.22 12.97 -27.24
C GLY A 332 18.86 11.95 -26.31
N LYS A 333 18.38 11.89 -25.07
CA LYS A 333 18.89 10.96 -24.07
C LYS A 333 18.00 9.74 -23.97
N PRO A 334 18.52 8.63 -23.41
CA PRO A 334 17.67 7.47 -23.18
C PRO A 334 16.46 7.87 -22.34
N PHE A 335 15.27 7.51 -22.80
CA PHE A 335 14.03 7.91 -22.13
C PHE A 335 12.99 6.79 -21.95
N ILE A 336 13.22 5.60 -22.55
CA ILE A 336 12.20 4.54 -22.53
C ILE A 336 11.86 4.07 -21.10
N LYS A 337 12.87 3.79 -20.28
CA LYS A 337 12.61 3.40 -18.87
C LYS A 337 11.82 4.48 -18.12
N GLU A 338 12.23 5.73 -18.33
CA GLU A 338 11.62 6.86 -17.66
C GLU A 338 10.19 7.09 -18.14
N ALA A 339 9.95 6.87 -19.43
CA ALA A 339 8.60 6.98 -19.98
C ALA A 339 7.68 5.95 -19.35
N SER A 340 8.17 4.72 -19.21
CA SER A 340 7.43 3.63 -18.59
C SER A 340 7.17 3.92 -17.11
N MET A 341 8.20 4.41 -16.41
CA MET A 341 8.04 4.80 -15.02
C MET A 341 6.97 5.88 -14.87
N ALA A 342 7.01 6.91 -15.74
CA ALA A 342 6.01 7.98 -15.70
C ALA A 342 4.60 7.48 -15.95
N LYS A 343 4.42 6.67 -16.98
CA LYS A 343 3.10 6.15 -17.33
C LYS A 343 2.55 5.23 -16.24
N TYR A 344 3.40 4.35 -15.72
CA TYR A 344 2.99 3.44 -14.66
C TYR A 344 2.58 4.22 -13.39
N TYR A 345 3.48 5.07 -12.94
CA TYR A 345 3.27 5.84 -11.72
C TYR A 345 2.07 6.80 -11.79
N ALA A 346 2.02 7.61 -12.84
CA ALA A 346 0.90 8.55 -13.04
C ALA A 346 -0.45 7.85 -13.14
N SER A 347 -0.53 6.77 -13.92
CA SER A 347 -1.79 6.03 -14.03
C SER A 347 -2.21 5.44 -12.67
N GLU A 348 -1.27 4.84 -11.96
CA GLU A 348 -1.56 4.22 -10.67
C GLU A 348 -2.01 5.28 -9.65
N ILE A 349 -1.31 6.41 -9.59
CA ILE A 349 -1.71 7.41 -8.61
CA ILE A 349 -1.63 7.52 -8.69
C ILE A 349 -2.96 8.20 -9.04
N ALA A 350 -3.26 8.28 -10.34
CA ALA A 350 -4.53 8.84 -10.79
C ALA A 350 -5.72 8.02 -10.28
N GLY A 351 -5.57 6.69 -10.27
CA GLY A 351 -6.58 5.81 -9.69
C GLY A 351 -6.77 6.09 -8.22
N GLN A 352 -5.65 6.19 -7.49
CA GLN A 352 -5.69 6.39 -6.03
C GLN A 352 -6.23 7.78 -5.68
N THR A 353 -5.82 8.78 -6.45
CA THR A 353 -6.24 10.16 -6.25
C THR A 353 -7.74 10.33 -6.41
N THR A 354 -8.28 9.82 -7.52
CA THR A 354 -9.68 9.97 -7.84
C THR A 354 -10.54 9.15 -6.85
N SER A 355 -10.06 7.97 -6.47
CA SER A 355 -10.73 7.12 -5.49
C SER A 355 -10.83 7.81 -4.13
N LYS A 356 -9.72 8.41 -3.69
CA LYS A 356 -9.70 9.20 -2.46
C LYS A 356 -10.54 10.46 -2.54
N CYS A 357 -10.54 11.18 -3.66
CA CYS A 357 -11.37 12.38 -3.79
C CYS A 357 -12.87 12.08 -3.61
N ILE A 358 -13.36 10.96 -4.15
CA ILE A 358 -14.75 10.56 -3.96
C ILE A 358 -15.05 10.40 -2.45
N GLU A 359 -14.15 9.74 -1.74
CA GLU A 359 -14.28 9.56 -0.27
C GLU A 359 -14.25 10.89 0.51
N TRP A 360 -13.37 11.79 0.10
CA TRP A 360 -13.28 13.10 0.77
C TRP A 360 -14.54 13.90 0.55
N MET A 361 -15.13 13.78 -0.63
CA MET A 361 -16.41 14.44 -0.94
C MET A 361 -17.59 13.85 -0.15
N GLY A 362 -17.53 12.55 0.16
CA GLY A 362 -18.65 11.81 0.76
C GLY A 362 -19.75 11.55 -0.27
N GLY A 363 -21.01 11.51 0.20
CA GLY A 363 -22.14 11.17 -0.64
C GLY A 363 -22.21 11.90 -1.98
N VAL A 364 -22.00 13.22 -1.94
CA VAL A 364 -22.05 14.03 -3.18
C VAL A 364 -21.02 13.57 -4.25
N GLY A 365 -19.88 13.09 -3.80
CA GLY A 365 -18.85 12.53 -4.69
C GLY A 365 -19.31 11.31 -5.50
N TYR A 366 -20.30 10.59 -4.98
CA TYR A 366 -20.85 9.39 -5.63
C TYR A 366 -21.94 9.74 -6.64
N THR A 367 -22.28 11.03 -6.76
CA THR A 367 -23.32 11.45 -7.70
C THR A 367 -22.74 12.11 -8.94
N LYS A 368 -23.48 11.98 -10.05
CA LYS A 368 -23.13 12.55 -11.35
C LYS A 368 -23.40 14.06 -11.48
N ASP A 369 -24.07 14.65 -10.48
CA ASP A 369 -24.17 16.10 -10.35
C ASP A 369 -22.83 16.76 -9.99
N TYR A 370 -21.87 15.97 -9.52
CA TYR A 370 -20.55 16.44 -9.20
C TYR A 370 -19.58 15.75 -10.14
N PRO A 371 -18.41 16.39 -10.39
CA PRO A 371 -17.50 15.92 -11.44
C PRO A 371 -16.52 14.83 -11.05
N VAL A 372 -16.44 14.46 -9.76
CA VAL A 372 -15.37 13.61 -9.29
C VAL A 372 -15.59 12.13 -9.72
N GLU A 373 -16.83 11.67 -9.78
CA GLU A 373 -17.09 10.29 -10.21
C GLU A 373 -16.65 10.04 -11.67
N LYS A 374 -16.74 11.05 -12.54
CA LYS A 374 -16.24 10.93 -13.93
C LYS A 374 -14.72 10.82 -13.97
N TYR A 375 -14.01 11.66 -13.22
CA TYR A 375 -12.55 11.51 -13.11
C TYR A 375 -12.18 10.10 -12.68
N PHE A 376 -12.88 9.56 -11.68
CA PHE A 376 -12.64 8.19 -11.19
C PHE A 376 -12.81 7.13 -12.29
N ARG A 377 -13.90 7.20 -13.03
CA ARG A 377 -14.17 6.27 -14.13
C ARG A 377 -13.17 6.40 -15.28
N ASP A 378 -12.83 7.65 -15.62
CA ASP A 378 -11.83 7.94 -16.65
C ASP A 378 -10.43 7.45 -16.27
N ALA A 379 -10.05 7.62 -14.99
CA ALA A 379 -8.68 7.30 -14.56
C ALA A 379 -8.35 5.82 -14.72
N LYS A 380 -9.36 4.96 -14.60
CA LYS A 380 -9.15 3.51 -14.59
C LYS A 380 -8.57 3.00 -15.93
N ILE A 381 -8.87 3.64 -17.07
CA ILE A 381 -8.29 3.22 -18.36
C ILE A 381 -6.75 3.32 -18.39
N GLY A 382 -6.19 4.23 -17.58
CA GLY A 382 -4.78 4.52 -17.56
C GLY A 382 -3.86 3.36 -17.25
N THR A 383 -4.34 2.38 -16.48
CA THR A 383 -3.53 1.22 -16.13
C THR A 383 -3.65 0.08 -17.15
N ILE A 384 -4.41 0.34 -18.23
CA ILE A 384 -4.73 -0.68 -19.22
C ILE A 384 -4.18 -0.34 -20.60
N TYR A 385 -4.57 0.79 -21.17
CA TYR A 385 -4.14 1.12 -22.50
C TYR A 385 -2.74 1.74 -22.55
N GLU A 386 -2.22 1.79 -23.78
CA GLU A 386 -0.85 2.17 -24.07
C GLU A 386 0.15 1.31 -23.27
N GLY A 387 -0.19 0.03 -23.08
CA GLY A 387 0.66 -0.91 -22.36
C GLY A 387 0.23 -0.96 -20.91
N ALA A 388 -0.43 -2.04 -20.54
CA ALA A 388 -0.96 -2.19 -19.19
C ALA A 388 0.18 -2.07 -18.16
N SER A 389 -0.17 -1.82 -16.92
CA SER A 389 0.84 -1.68 -15.86
C SER A 389 1.89 -2.79 -15.80
N ASN A 390 1.48 -4.05 -15.90
CA ASN A 390 2.43 -5.17 -15.91
C ASN A 390 3.46 -5.05 -17.03
N ILE A 391 3.00 -4.64 -18.21
CA ILE A 391 3.86 -4.45 -19.37
C ILE A 391 4.86 -3.31 -19.08
N GLN A 392 4.42 -2.26 -18.42
CA GLN A 392 5.31 -1.16 -18.05
C GLN A 392 6.41 -1.67 -17.09
N LEU A 393 6.02 -2.47 -16.11
CA LEU A 393 6.97 -3.02 -15.15
C LEU A 393 7.97 -3.95 -15.84
N ASN A 394 7.48 -4.78 -16.77
CA ASN A 394 8.36 -5.64 -17.57
C ASN A 394 9.40 -4.84 -18.35
N THR A 395 8.95 -3.78 -19.00
CA THR A 395 9.82 -2.87 -19.74
C THR A 395 10.87 -2.24 -18.81
N ILE A 396 10.41 -1.71 -17.66
CA ILE A 396 11.32 -1.10 -16.69
C ILE A 396 12.38 -2.12 -16.25
N ALA A 397 11.96 -3.34 -15.97
CA ALA A 397 12.85 -4.40 -15.51
C ALA A 397 13.92 -4.73 -16.55
N LYS A 398 13.53 -4.79 -17.83
CA LYS A 398 14.49 -5.06 -18.92
C LYS A 398 15.61 -4.01 -18.94
N HIS A 399 15.25 -2.76 -18.70
CA HIS A 399 16.25 -1.68 -18.66
C HIS A 399 17.14 -1.73 -17.42
N ILE A 400 16.56 -2.07 -16.27
CA ILE A 400 17.33 -2.27 -15.06
C ILE A 400 18.37 -3.38 -15.25
N ASP A 401 17.97 -4.47 -15.91
CA ASP A 401 18.88 -5.58 -16.21
C ASP A 401 20.09 -5.13 -17.03
N ALA A 402 19.84 -4.28 -18.03
CA ALA A 402 20.88 -3.73 -18.89
C ALA A 402 21.82 -2.78 -18.16
N GLU A 403 21.34 -2.18 -17.06
CA GLU A 403 22.09 -1.16 -16.31
C GLU A 403 23.04 -1.73 -15.25
N TYR A 404 22.88 -3.01 -14.89
CA TYR A 404 23.72 -3.66 -13.89
C TYR A 404 24.40 -4.94 -14.38
N THR B 28 21.19 16.62 -14.91
CA THR B 28 22.27 17.46 -15.52
C THR B 28 22.79 18.49 -14.51
N PHE B 29 24.07 18.39 -14.19
CA PHE B 29 24.68 19.22 -13.15
C PHE B 29 25.77 20.10 -13.74
N THR B 30 26.22 21.09 -12.97
CA THR B 30 27.36 21.91 -13.38
C THR B 30 28.63 21.10 -13.30
N ASP B 31 29.69 21.55 -13.98
CA ASP B 31 30.99 20.89 -13.96
C ASP B 31 31.50 20.69 -12.52
N GLU B 32 31.30 21.69 -11.66
CA GLU B 32 31.75 21.61 -10.27
C GLU B 32 30.96 20.55 -9.49
N GLU B 33 29.63 20.55 -9.65
CA GLU B 33 28.76 19.56 -9.02
C GLU B 33 29.11 18.11 -9.41
N MET B 34 29.36 17.90 -10.71
CA MET B 34 29.83 16.60 -11.22
C MET B 34 31.19 16.20 -10.65
N MET B 35 32.11 17.16 -10.57
CA MET B 35 33.45 16.90 -10.03
C MET B 35 33.40 16.56 -8.53
N ILE B 36 32.62 17.32 -7.77
CA ILE B 36 32.47 17.05 -6.34
C ILE B 36 31.86 15.67 -6.10
N LYS B 37 30.81 15.34 -6.84
CA LYS B 37 30.17 14.04 -6.71
C LYS B 37 31.15 12.90 -7.01
N SER B 38 31.94 13.09 -8.06
CA SER B 38 32.88 12.07 -8.50
C SER B 38 34.00 11.85 -7.48
N SER B 39 34.53 12.93 -6.91
CA SER B 39 35.57 12.81 -5.88
C SER B 39 35.02 12.22 -4.57
N VAL B 40 33.77 12.52 -4.22
CA VAL B 40 33.15 11.97 -3.01
C VAL B 40 32.95 10.46 -3.16
N LYS B 41 32.46 10.03 -4.32
CA LYS B 41 32.34 8.61 -4.64
C LYS B 41 33.66 7.86 -4.41
N LYS B 42 34.75 8.40 -4.94
CA LYS B 42 36.08 7.82 -4.76
C LYS B 42 36.49 7.76 -3.27
N PHE B 43 36.39 8.89 -2.58
CA PHE B 43 36.72 8.98 -1.15
C PHE B 43 35.92 7.96 -0.31
N ALA B 44 34.64 7.85 -0.61
CA ALA B 44 33.71 6.96 0.10
C ALA B 44 34.09 5.47 -0.07
N GLN B 45 34.43 5.09 -1.31
CA GLN B 45 34.80 3.70 -1.59
C GLN B 45 36.16 3.29 -1.00
N GLU B 46 37.10 4.24 -0.93
CA GLU B 46 38.45 3.94 -0.51
C GLU B 46 38.66 4.13 0.98
N GLN B 47 38.04 5.15 1.55
CA GLN B 47 38.27 5.53 2.93
C GLN B 47 37.14 5.12 3.90
N ILE B 48 35.92 5.00 3.39
CA ILE B 48 34.78 4.74 4.28
C ILE B 48 34.33 3.28 4.21
N ALA B 49 34.10 2.76 2.99
CA ALA B 49 33.54 1.42 2.80
C ALA B 49 34.20 0.32 3.65
N PRO B 50 35.55 0.33 3.72
CA PRO B 50 36.22 -0.70 4.53
C PRO B 50 35.91 -0.64 6.03
N LEU B 51 35.39 0.49 6.50
CA LEU B 51 35.19 0.73 7.92
C LEU B 51 33.73 0.64 8.37
N VAL B 52 32.81 0.52 7.42
CA VAL B 52 31.37 0.64 7.68
C VAL B 52 30.87 -0.39 8.72
N SER B 53 31.24 -1.65 8.53
CA SER B 53 30.84 -2.74 9.43
C SER B 53 31.30 -2.53 10.87
N THR B 54 32.57 -2.19 11.02
CA THR B 54 33.18 -2.00 12.33
C THR B 54 32.60 -0.80 13.05
N MET B 55 32.38 0.28 12.31
CA MET B 55 31.81 1.49 12.91
C MET B 55 30.39 1.20 13.39
N ASP B 56 29.65 0.42 12.62
CA ASP B 56 28.31 -0.02 12.98
C ASP B 56 28.34 -0.95 14.19
N GLU B 57 29.15 -2.00 14.12
CA GLU B 57 29.28 -2.95 15.24
C GLU B 57 29.65 -2.24 16.56
N ASN B 58 30.61 -1.32 16.49
CA ASN B 58 31.13 -0.65 17.68
C ASN B 58 30.38 0.62 18.09
N SER B 59 29.40 1.04 17.29
CA SER B 59 28.71 2.34 17.47
C SER B 59 29.72 3.47 17.66
N LYS B 60 30.68 3.56 16.73
CA LYS B 60 31.77 4.52 16.85
C LYS B 60 32.25 4.96 15.48
N MET B 61 32.17 6.25 15.23
CA MET B 61 32.73 6.87 14.04
C MET B 61 34.27 6.86 14.14
N GLU B 62 34.95 6.51 13.05
CA GLU B 62 36.42 6.51 13.03
C GLU B 62 36.97 7.92 12.86
N LYS B 63 38.00 8.27 13.63
CA LYS B 63 38.60 9.60 13.52
C LYS B 63 39.18 9.79 12.11
N SER B 64 39.64 8.70 11.51
CA SER B 64 40.18 8.76 10.14
C SER B 64 39.14 9.19 9.11
N VAL B 65 37.90 8.76 9.31
CA VAL B 65 36.79 9.17 8.46
C VAL B 65 36.44 10.65 8.66
N ILE B 66 36.37 11.07 9.92
CA ILE B 66 36.07 12.46 10.26
C ILE B 66 37.16 13.37 9.70
N GLN B 67 38.42 13.00 9.93
CA GLN B 67 39.56 13.75 9.39
C GLN B 67 39.47 13.85 7.87
N GLY B 68 39.13 12.75 7.21
CA GLY B 68 38.97 12.72 5.76
C GLY B 68 37.89 13.65 5.24
N LEU B 69 36.76 13.72 5.94
CA LEU B 69 35.68 14.65 5.61
C LEU B 69 36.15 16.10 5.59
N PHE B 70 36.86 16.50 6.64
CA PHE B 70 37.44 17.84 6.72
C PHE B 70 38.50 18.04 5.62
N GLN B 71 39.42 17.08 5.50
CA GLN B 71 40.51 17.16 4.51
C GLN B 71 40.00 17.27 3.06
N GLN B 72 38.92 16.56 2.75
CA GLN B 72 38.30 16.58 1.42
C GLN B 72 37.45 17.83 1.15
N GLY B 73 37.35 18.73 2.13
CA GLY B 73 36.56 19.95 2.01
C GLY B 73 35.06 19.73 2.12
N LEU B 74 34.66 18.61 2.74
CA LEU B 74 33.27 18.19 2.75
C LEU B 74 32.49 18.71 3.96
N MET B 75 33.19 19.37 4.87
CA MET B 75 32.58 19.93 6.07
C MET B 75 32.37 21.44 5.94
N GLY B 76 32.70 22.00 4.77
CA GLY B 76 32.53 23.43 4.53
C GLY B 76 32.15 23.70 3.10
N ILE B 77 31.22 22.89 2.57
CA ILE B 77 30.92 22.80 1.15
C ILE B 77 30.51 24.15 0.53
N GLU B 78 29.58 24.84 1.19
CA GLU B 78 29.07 26.11 0.68
C GLU B 78 29.72 27.32 1.34
N VAL B 79 30.63 27.10 2.27
CA VAL B 79 31.30 28.20 2.98
C VAL B 79 32.27 28.89 2.02
N ASP B 80 32.37 30.21 2.13
CA ASP B 80 33.27 30.98 1.28
C ASP B 80 34.72 30.54 1.55
N PRO B 81 35.54 30.43 0.48
CA PRO B 81 37.00 30.23 0.58
C PRO B 81 37.74 31.15 1.56
N GLU B 82 37.20 32.35 1.81
CA GLU B 82 37.65 33.24 2.90
C GLU B 82 37.90 32.49 4.20
N TYR B 83 36.98 31.58 4.53
CA TYR B 83 36.95 30.87 5.80
C TYR B 83 37.39 29.40 5.66
N GLY B 84 38.13 29.10 4.60
CA GLY B 84 38.56 27.74 4.31
C GLY B 84 37.47 26.85 3.72
N GLY B 85 36.40 27.47 3.21
CA GLY B 85 35.29 26.73 2.62
C GLY B 85 35.54 26.37 1.17
N THR B 86 34.61 25.64 0.55
CA THR B 86 34.76 25.22 -0.85
C THR B 86 34.02 26.14 -1.81
N GLY B 87 33.09 26.94 -1.29
CA GLY B 87 32.37 27.92 -2.10
C GLY B 87 31.44 27.31 -3.15
N ALA B 88 30.93 26.11 -2.89
CA ALA B 88 30.10 25.37 -3.83
C ALA B 88 28.61 25.62 -3.65
N SER B 89 27.80 25.04 -4.53
CA SER B 89 26.35 25.23 -4.51
C SER B 89 25.66 24.34 -3.49
N PHE B 90 24.41 24.69 -3.15
CA PHE B 90 23.59 23.87 -2.25
C PHE B 90 23.35 22.48 -2.84
N LEU B 91 23.14 22.41 -4.16
CA LEU B 91 22.96 21.11 -4.82
C LEU B 91 24.22 20.24 -4.70
N SER B 92 25.41 20.85 -4.63
CA SER B 92 26.65 20.10 -4.36
C SER B 92 26.61 19.43 -2.98
N THR B 93 26.10 20.15 -1.98
CA THR B 93 25.89 19.58 -0.64
C THR B 93 24.92 18.39 -0.69
N VAL B 94 23.85 18.53 -1.45
CA VAL B 94 22.87 17.45 -1.61
C VAL B 94 23.51 16.21 -2.25
N LEU B 95 24.25 16.44 -3.34
CA LEU B 95 24.96 15.37 -4.03
C LEU B 95 26.01 14.68 -3.15
N VAL B 96 26.72 15.46 -2.32
CA VAL B 96 27.68 14.89 -1.37
C VAL B 96 27.00 14.00 -0.34
N ILE B 97 25.91 14.48 0.26
CA ILE B 97 25.19 13.71 1.26
C ILE B 97 24.66 12.40 0.64
N GLU B 98 24.04 12.51 -0.53
CA GLU B 98 23.58 11.33 -1.25
C GLU B 98 24.72 10.34 -1.54
N GLU B 99 25.86 10.82 -2.03
CA GLU B 99 27.00 9.93 -2.34
C GLU B 99 27.59 9.26 -1.09
N LEU B 100 27.74 10.00 0.00
CA LEU B 100 28.19 9.40 1.25
C LEU B 100 27.19 8.35 1.75
N ALA B 101 25.89 8.67 1.69
CA ALA B 101 24.85 7.77 2.16
C ALA B 101 24.78 6.44 1.39
N LYS B 102 25.21 6.45 0.12
CA LYS B 102 25.29 5.22 -0.70
C LYS B 102 26.22 4.18 -0.06
N VAL B 103 27.23 4.68 0.66
CA VAL B 103 28.15 3.84 1.42
C VAL B 103 27.80 3.75 2.92
N ASP B 104 27.57 4.89 3.58
CA ASP B 104 27.20 4.89 5.01
C ASP B 104 26.34 6.10 5.41
N ALA B 105 25.06 5.83 5.67
CA ALA B 105 24.11 6.87 6.10
C ALA B 105 24.58 7.63 7.34
N SER B 106 25.33 6.96 8.21
CA SER B 106 25.85 7.57 9.43
C SER B 106 26.84 8.66 9.10
N VAL B 107 27.76 8.37 8.17
CA VAL B 107 28.71 9.38 7.71
C VAL B 107 28.00 10.53 7.00
N ALA B 108 26.93 10.21 6.26
CA ALA B 108 26.18 11.22 5.52
C ALA B 108 25.54 12.25 6.46
N VAL B 109 24.91 11.78 7.54
CA VAL B 109 24.22 12.69 8.47
C VAL B 109 25.22 13.60 9.20
N PHE B 110 26.39 13.06 9.56
CA PHE B 110 27.48 13.83 10.15
C PHE B 110 27.80 15.03 9.23
N CYS B 111 27.91 14.74 7.95
CA CYS B 111 28.14 15.75 6.92
C CYS B 111 26.95 16.72 6.77
N GLU B 112 25.74 16.19 6.82
CA GLU B 112 24.52 16.99 6.63
C GLU B 112 24.29 17.98 7.77
N ILE B 113 24.52 17.54 9.01
CA ILE B 113 24.40 18.44 10.17
C ILE B 113 25.38 19.61 10.07
N GLN B 114 26.65 19.30 9.78
CA GLN B 114 27.69 20.34 9.68
C GLN B 114 27.32 21.39 8.63
N ASN B 115 26.99 20.93 7.42
CA ASN B 115 26.73 21.84 6.30
C ASN B 115 25.35 22.52 6.32
N THR B 116 24.28 21.74 6.51
CA THR B 116 22.93 22.26 6.31
C THR B 116 22.31 22.90 7.55
N LEU B 117 22.82 22.54 8.73
CA LEU B 117 22.29 23.08 9.98
C LEU B 117 23.26 24.09 10.61
N ILE B 118 24.51 23.67 10.81
CA ILE B 118 25.47 24.50 11.56
C ILE B 118 26.07 25.63 10.71
N ASN B 119 26.74 25.25 9.63
CA ASN B 119 27.35 26.22 8.71
C ASN B 119 26.35 27.24 8.17
N THR B 120 25.18 26.77 7.76
CA THR B 120 24.13 27.63 7.21
C THR B 120 23.67 28.71 8.19
N LEU B 121 23.38 28.31 9.42
CA LEU B 121 22.93 29.24 10.45
C LEU B 121 23.96 30.32 10.74
N ILE B 122 25.23 29.93 10.82
CA ILE B 122 26.31 30.87 11.09
C ILE B 122 26.56 31.80 9.87
N ARG B 123 26.53 31.25 8.66
CA ARG B 123 26.59 32.07 7.44
C ARG B 123 25.46 33.09 7.36
N LYS B 124 24.22 32.66 7.60
CA LYS B 124 23.07 33.54 7.47
C LYS B 124 22.95 34.55 8.60
N HIS B 125 23.15 34.13 9.85
CA HIS B 125 22.83 34.99 11.01
C HIS B 125 24.02 35.42 11.86
N GLY B 126 25.22 35.01 11.48
CA GLY B 126 26.42 35.36 12.24
C GLY B 126 26.87 36.79 11.98
N THR B 127 27.44 37.42 13.00
CA THR B 127 28.16 38.68 12.81
C THR B 127 29.44 38.35 12.08
N GLU B 128 30.12 39.38 11.56
CA GLU B 128 31.35 39.15 10.79
C GLU B 128 32.46 38.59 11.70
N GLU B 129 32.42 38.94 12.98
CA GLU B 129 33.38 38.42 13.96
C GLU B 129 33.07 36.96 14.30
N GLN B 130 31.79 36.64 14.48
CA GLN B 130 31.36 35.24 14.72
C GLN B 130 31.74 34.33 13.55
N LYS B 131 31.52 34.81 12.33
CA LYS B 131 31.94 34.11 11.13
C LYS B 131 33.45 33.91 11.09
N ALA B 132 34.20 34.99 11.34
CA ALA B 132 35.66 34.96 11.34
C ALA B 132 36.24 34.01 12.39
N THR B 133 35.56 33.90 13.52
CA THR B 133 35.95 32.98 14.60
C THR B 133 35.62 31.52 14.25
N TYR B 134 34.34 31.26 14.00
CA TYR B 134 33.84 29.87 13.91
C TYR B 134 33.95 29.20 12.54
N LEU B 135 33.73 29.94 11.45
CA LEU B 135 33.69 29.29 10.14
C LEU B 135 35.03 28.64 9.74
N PRO B 136 36.17 29.31 9.98
CA PRO B 136 37.47 28.65 9.75
C PRO B 136 37.68 27.36 10.54
N GLN B 137 37.12 27.28 11.75
CA GLN B 137 37.20 26.07 12.56
C GLN B 137 36.27 25.00 12.00
N LEU B 138 35.03 25.40 11.71
CA LEU B 138 34.02 24.47 11.22
C LEU B 138 34.37 23.87 9.86
N THR B 139 35.21 24.55 9.06
CA THR B 139 35.64 24.02 7.77
C THR B 139 36.90 23.13 7.87
N THR B 140 37.59 23.13 9.01
CA THR B 140 38.93 22.52 9.12
C THR B 140 39.03 21.40 10.16
N GLU B 141 38.46 21.59 11.35
CA GLU B 141 38.62 20.58 12.41
C GLU B 141 37.47 20.46 13.42
N LYS B 142 36.69 21.51 13.62
CA LYS B 142 35.67 21.52 14.68
C LYS B 142 34.30 21.05 14.20
N VAL B 143 33.76 20.07 14.91
CA VAL B 143 32.43 19.52 14.64
C VAL B 143 31.37 20.31 15.43
N GLY B 144 30.24 20.59 14.80
CA GLY B 144 29.12 21.28 15.44
C GLY B 144 27.94 20.37 15.69
N SER B 145 27.23 20.59 16.80
CA SER B 145 25.97 19.89 17.07
C SER B 145 24.84 20.92 17.16
N PHE B 146 23.69 20.51 16.62
CA PHE B 146 22.45 21.28 16.59
C PHE B 146 21.59 20.77 17.74
N CYS B 147 21.24 21.65 18.69
CA CYS B 147 20.59 21.26 19.95
C CYS B 147 19.22 21.90 20.17
N LEU B 148 18.19 21.21 19.68
CA LEU B 148 16.81 21.68 19.81
C LEU B 148 15.98 20.80 20.76
N SER B 149 15.92 19.50 20.45
CA SER B 149 14.99 18.56 21.08
C SER B 149 15.27 18.26 22.55
N GLU B 150 14.20 17.94 23.27
CA GLU B 150 14.24 17.56 24.67
C GLU B 150 13.30 16.36 24.89
N ALA B 151 13.42 15.74 26.06
CA ALA B 151 12.50 14.65 26.45
C ALA B 151 11.03 15.06 26.30
N GLY B 152 10.71 16.28 26.73
CA GLY B 152 9.34 16.82 26.67
C GLY B 152 9.03 17.62 25.42
N ALA B 153 9.97 17.68 24.48
CA ALA B 153 9.83 18.52 23.27
C ALA B 153 10.53 17.89 22.07
N GLY B 154 9.85 16.95 21.40
CA GLY B 154 10.36 16.35 20.18
C GLY B 154 9.67 16.96 18.98
N SER B 155 8.52 16.40 18.62
CA SER B 155 7.71 16.98 17.55
C SER B 155 7.30 18.40 17.95
N ASP B 156 6.95 18.57 19.22
CA ASP B 156 6.62 19.89 19.80
C ASP B 156 7.92 20.56 20.30
N SER B 157 8.82 20.85 19.36
CA SER B 157 10.13 21.48 19.64
C SER B 157 10.02 22.76 20.47
N PHE B 158 9.03 23.58 20.12
CA PHE B 158 8.92 24.89 20.73
C PHE B 158 8.36 24.85 22.14
N ALA B 159 8.02 23.65 22.64
CA ALA B 159 7.71 23.46 24.07
C ALA B 159 8.98 23.18 24.88
N LEU B 160 10.14 23.39 24.28
CA LEU B 160 11.42 23.21 24.98
C LEU B 160 11.50 24.05 26.25
N LYS B 161 12.05 23.46 27.30
CA LYS B 161 12.07 24.06 28.62
C LYS B 161 13.44 24.56 29.05
N THR B 162 14.48 24.30 28.25
CA THR B 162 15.80 24.89 28.52
C THR B 162 15.67 26.42 28.49
N ARG B 163 16.06 27.04 29.60
CA ARG B 163 15.85 28.47 29.79
C ARG B 163 17.19 29.21 29.78
N ALA B 164 17.15 30.48 29.40
CA ALA B 164 18.34 31.33 29.37
C ALA B 164 18.04 32.60 30.17
N ASP B 165 18.77 32.81 31.26
CA ASP B 165 18.64 34.02 32.07
C ASP B 165 19.80 34.97 31.82
N LYS B 166 19.50 36.22 31.41
CA LYS B 166 20.52 37.25 31.27
C LYS B 166 21.01 37.71 32.63
N GLU B 167 22.32 37.64 32.86
CA GLU B 167 22.94 38.16 34.07
C GLU B 167 24.09 39.09 33.69
N GLY B 168 23.77 40.32 33.34
CA GLY B 168 24.76 41.28 32.82
C GLY B 168 25.36 40.83 31.48
N ASP B 169 26.65 40.54 31.45
CA ASP B 169 27.37 40.28 30.19
C ASP B 169 27.28 38.82 29.70
N TYR B 170 26.40 38.03 30.29
CA TYR B 170 26.26 36.64 29.91
C TYR B 170 24.86 36.11 30.21
N TYR B 171 24.59 34.92 29.67
CA TYR B 171 23.32 34.23 29.81
C TYR B 171 23.57 32.89 30.50
N VAL B 172 22.73 32.56 31.49
CA VAL B 172 22.79 31.26 32.16
C VAL B 172 21.76 30.34 31.52
N LEU B 173 22.22 29.21 30.98
CA LEU B 173 21.35 28.20 30.38
C LEU B 173 21.14 27.05 31.36
N ASN B 174 19.87 26.67 31.53
CA ASN B 174 19.50 25.59 32.44
C ASN B 174 18.45 24.71 31.80
N GLY B 175 18.72 23.41 31.81
CA GLY B 175 17.80 22.43 31.22
C GLY B 175 18.52 21.21 30.71
N SER B 176 17.92 20.53 29.75
CA SER B 176 18.49 19.33 29.22
C SER B 176 18.07 19.23 27.76
N LYS B 177 18.88 18.55 26.96
CA LYS B 177 18.51 18.24 25.58
C LYS B 177 18.64 16.73 25.36
N MET B 178 17.93 16.25 24.35
CA MET B 178 17.93 14.84 24.05
C MET B 178 18.18 14.66 22.56
N TRP B 179 18.79 13.51 22.23
CA TRP B 179 18.98 13.06 20.87
C TRP B 179 19.98 13.93 20.11
N ILE B 180 21.00 14.46 20.78
CA ILE B 180 21.91 15.35 20.06
C ILE B 180 22.95 14.58 19.24
N SER B 181 22.82 14.65 17.93
CA SER B 181 23.75 14.01 17.01
C SER B 181 25.11 14.66 17.02
N SER B 182 26.15 13.83 16.90
CA SER B 182 27.56 14.24 16.85
C SER B 182 28.10 14.78 18.17
N ALA B 183 27.33 14.67 19.25
CA ALA B 183 27.67 15.30 20.52
C ALA B 183 28.99 14.80 21.09
N GLU B 184 29.30 13.54 20.85
CA GLU B 184 30.52 12.93 21.38
C GLU B 184 31.82 13.61 20.89
N HIS B 185 31.77 14.21 19.70
CA HIS B 185 32.93 14.83 19.05
C HIS B 185 32.83 16.35 18.93
N ALA B 186 31.63 16.90 19.10
CA ALA B 186 31.35 18.32 18.84
C ALA B 186 32.13 19.29 19.74
N GLY B 187 32.79 20.26 19.13
CA GLY B 187 33.44 21.35 19.84
C GLY B 187 32.55 22.57 19.97
N LEU B 188 31.51 22.63 19.15
CA LEU B 188 30.54 23.71 19.19
C LEU B 188 29.14 23.12 19.28
N PHE B 189 28.34 23.69 20.17
CA PHE B 189 26.94 23.35 20.32
C PHE B 189 26.13 24.61 20.04
N LEU B 190 25.21 24.48 19.09
CA LEU B 190 24.28 25.54 18.74
C LEU B 190 22.97 25.21 19.46
N VAL B 191 22.67 25.99 20.51
CA VAL B 191 21.62 25.64 21.47
C VAL B 191 20.43 26.60 21.42
N MET B 192 19.23 26.01 21.41
CA MET B 192 17.97 26.77 21.51
C MET B 192 17.49 26.75 22.93
N ALA B 193 17.37 27.94 23.51
CA ALA B 193 16.94 28.12 24.88
C ALA B 193 15.95 29.29 24.92
N ASN B 194 15.03 29.24 25.88
CA ASN B 194 13.99 30.24 25.99
C ASN B 194 14.36 31.32 27.04
N VAL B 195 14.46 32.57 26.59
CA VAL B 195 14.77 33.71 27.47
C VAL B 195 13.54 34.32 28.16
N ASP B 196 12.34 33.96 27.71
CA ASP B 196 11.11 34.36 28.40
C ASP B 196 9.97 33.40 28.06
N PRO B 197 9.82 32.31 28.83
CA PRO B 197 8.75 31.33 28.61
C PRO B 197 7.29 31.86 28.65
N THR B 198 7.06 33.04 29.23
CA THR B 198 5.70 33.62 29.18
C THR B 198 5.31 33.98 27.74
N ILE B 199 6.30 34.40 26.95
CA ILE B 199 6.11 34.69 25.51
C ILE B 199 6.03 33.41 24.67
N GLY B 200 6.28 32.27 25.30
CA GLY B 200 6.25 30.98 24.62
C GLY B 200 7.40 30.89 23.63
N TYR B 201 7.10 30.41 22.43
CA TYR B 201 8.11 30.17 21.40
C TYR B 201 8.83 31.44 20.93
N LYS B 202 8.20 32.60 21.09
CA LYS B 202 8.82 33.87 20.75
C LYS B 202 9.94 34.29 21.71
N GLY B 203 10.11 33.55 22.82
CA GLY B 203 11.26 33.73 23.69
C GLY B 203 12.46 32.87 23.30
N ILE B 204 12.28 31.98 22.34
CA ILE B 204 13.33 31.03 21.95
C ILE B 204 14.46 31.73 21.19
N THR B 205 15.68 31.48 21.64
CA THR B 205 16.88 32.22 21.20
C THR B 205 17.98 31.20 20.96
N SER B 206 18.88 31.48 20.03
CA SER B 206 19.95 30.53 19.71
C SER B 206 21.32 31.02 20.18
N PHE B 207 22.08 30.11 20.78
CA PHE B 207 23.35 30.43 21.43
C PHE B 207 24.45 29.52 20.89
N LEU B 208 25.62 30.11 20.66
CA LEU B 208 26.85 29.40 20.36
C LEU B 208 27.57 29.03 21.65
N VAL B 209 27.60 27.73 21.95
CA VAL B 209 28.16 27.22 23.20
C VAL B 209 29.36 26.33 22.91
N ASP B 210 30.52 26.68 23.47
CA ASP B 210 31.73 25.86 23.37
C ASP B 210 31.62 24.62 24.25
N ARG B 211 32.15 23.50 23.74
CA ARG B 211 32.12 22.22 24.45
C ARG B 211 32.57 22.33 25.91
N ASP B 212 33.78 22.81 26.11
CA ASP B 212 34.37 22.80 27.45
C ASP B 212 34.01 24.07 28.21
N THR B 213 32.72 24.18 28.54
CA THR B 213 32.19 25.19 29.43
C THR B 213 31.65 24.45 30.67
N PRO B 214 31.93 24.96 31.88
CA PRO B 214 31.36 24.32 33.09
C PRO B 214 29.82 24.18 33.08
N GLY B 215 29.34 23.04 33.56
CA GLY B 215 27.90 22.78 33.64
C GLY B 215 27.28 22.04 32.45
N LEU B 216 28.03 21.92 31.35
CA LEU B 216 27.58 21.25 30.14
C LEU B 216 28.06 19.80 30.18
N HIS B 217 27.13 18.87 30.39
CA HIS B 217 27.49 17.46 30.50
C HIS B 217 26.88 16.71 29.31
N ILE B 218 27.74 15.98 28.62
CA ILE B 218 27.36 15.17 27.48
C ILE B 218 27.26 13.74 28.01
N GLY B 219 26.06 13.16 27.93
CA GLY B 219 25.82 11.79 28.39
C GLY B 219 26.36 10.74 27.44
N LYS B 220 26.23 9.47 27.81
CA LYS B 220 26.73 8.37 26.96
C LYS B 220 25.87 8.22 25.71
N PRO B 221 26.51 7.92 24.56
CA PRO B 221 25.72 7.74 23.34
C PRO B 221 24.58 6.73 23.49
N GLU B 222 23.44 7.00 22.85
CA GLU B 222 22.36 6.01 22.79
C GLU B 222 22.84 4.74 22.08
N ASN B 223 22.29 3.62 22.52
CA ASN B 223 22.46 2.34 21.88
C ASN B 223 21.30 2.18 20.90
N LYS B 224 21.59 2.33 19.62
CA LYS B 224 20.53 2.49 18.61
C LYS B 224 20.38 1.29 17.66
N LEU B 225 19.20 1.22 17.05
CA LEU B 225 18.88 0.24 16.03
C LEU B 225 19.81 0.38 14.83
N GLY B 226 20.01 1.61 14.36
CA GLY B 226 20.86 1.90 13.22
C GLY B 226 21.45 3.30 13.37
N LEU B 227 22.00 3.84 12.29
CA LEU B 227 22.81 5.06 12.37
C LEU B 227 23.78 5.02 13.56
N ARG B 228 24.35 3.83 13.81
CA ARG B 228 25.05 3.56 15.05
C ARG B 228 26.38 4.30 15.19
N ALA B 229 27.04 4.61 14.06
CA ALA B 229 28.32 5.34 14.08
C ALA B 229 28.13 6.85 14.34
N SER B 230 26.91 7.35 14.19
CA SER B 230 26.59 8.73 14.50
C SER B 230 26.20 8.82 15.99
N SER B 231 27.02 9.51 16.78
CA SER B 231 26.77 9.60 18.22
C SER B 231 25.48 10.37 18.45
N THR B 232 24.68 9.88 19.39
CA THR B 232 23.42 10.52 19.75
C THR B 232 23.35 10.57 21.28
N CYS B 233 23.53 11.76 21.83
CA CYS B 233 23.71 11.88 23.27
C CYS B 233 22.71 12.83 23.94
N PRO B 234 22.33 12.52 25.20
CA PRO B 234 21.64 13.53 26.01
C PRO B 234 22.62 14.60 26.47
N LEU B 235 22.12 15.82 26.62
CA LEU B 235 22.90 16.92 27.19
C LEU B 235 22.19 17.41 28.44
N THR B 236 22.95 17.72 29.47
CA THR B 236 22.41 18.43 30.62
C THR B 236 23.14 19.78 30.73
N PHE B 237 22.36 20.83 30.92
CA PHE B 237 22.86 22.19 31.14
C PHE B 237 22.57 22.60 32.56
N GLU B 238 23.60 22.53 33.41
CA GLU B 238 23.50 23.00 34.78
C GLU B 238 24.25 24.33 34.86
N ASN B 239 23.48 25.41 34.78
CA ASN B 239 24.03 26.76 34.90
C ASN B 239 25.20 26.97 33.94
N VAL B 240 24.92 26.72 32.66
CA VAL B 240 25.90 26.87 31.60
C VAL B 240 25.92 28.33 31.18
N LYS B 241 27.09 28.96 31.23
CA LYS B 241 27.16 30.40 31.06
C LYS B 241 27.70 30.72 29.68
N VAL B 242 26.90 31.42 28.89
CA VAL B 242 27.25 31.79 27.52
C VAL B 242 27.40 33.33 27.46
N PRO B 243 28.56 33.82 26.98
CA PRO B 243 28.72 35.26 26.83
C PRO B 243 27.69 35.87 25.89
N GLU B 244 27.23 37.09 26.19
CA GLU B 244 26.18 37.70 25.38
C GLU B 244 26.60 37.86 23.92
N ALA B 245 27.90 37.94 23.69
CA ALA B 245 28.47 37.98 22.34
C ALA B 245 28.13 36.72 21.53
N ASN B 246 27.84 35.62 22.22
CA ASN B 246 27.59 34.33 21.58
C ASN B 246 26.12 34.04 21.23
N ILE B 247 25.24 35.03 21.35
CA ILE B 247 23.87 34.89 20.82
C ILE B 247 23.95 34.99 19.30
N LEU B 248 23.39 33.99 18.63
CA LEU B 248 23.31 33.97 17.17
C LEU B 248 22.00 34.64 16.72
N GLY B 249 22.13 35.76 16.03
CA GLY B 249 20.98 36.48 15.51
C GLY B 249 20.33 37.36 16.56
N GLN B 250 19.01 37.52 16.45
CA GLN B 250 18.23 38.36 17.35
C GLN B 250 17.61 37.49 18.45
N ILE B 251 17.46 38.09 19.63
CA ILE B 251 16.80 37.42 20.76
C ILE B 251 15.35 37.15 20.38
N GLY B 252 14.87 35.96 20.70
CA GLY B 252 13.50 35.57 20.40
C GLY B 252 13.24 35.13 18.96
N HIS B 253 14.29 35.10 18.14
CA HIS B 253 14.19 34.68 16.73
C HIS B 253 14.80 33.29 16.50
N GLY B 254 15.30 32.68 17.58
CA GLY B 254 15.88 31.34 17.52
C GLY B 254 14.91 30.27 17.00
N TYR B 255 13.62 30.41 17.32
CA TYR B 255 12.60 29.49 16.79
C TYR B 255 12.55 29.55 15.26
N LYS B 256 12.71 30.75 14.71
CA LYS B 256 12.71 30.97 13.28
C LYS B 256 13.96 30.39 12.59
N TYR B 257 15.11 30.54 13.25
CA TYR B 257 16.36 30.02 12.72
C TYR B 257 16.34 28.51 12.75
N ALA B 258 15.86 27.96 13.87
CA ALA B 258 15.71 26.53 14.04
C ALA B 258 14.96 25.93 12.86
N ILE B 259 13.70 26.37 12.68
CA ILE B 259 12.84 25.76 11.69
C ILE B 259 13.25 26.09 10.24
N GLY B 260 13.87 27.26 10.04
CA GLY B 260 14.45 27.62 8.76
C GLY B 260 15.57 26.66 8.32
N SER B 261 16.52 26.41 9.22
CA SER B 261 17.63 25.51 8.91
C SER B 261 17.10 24.11 8.67
N LEU B 262 16.10 23.72 9.46
CA LEU B 262 15.45 22.42 9.33
C LEU B 262 14.64 22.25 8.03
N ASN B 263 14.08 23.34 7.50
CA ASN B 263 13.47 23.29 6.17
C ASN B 263 14.51 22.87 5.12
N GLU B 264 15.70 23.43 5.23
CA GLU B 264 16.84 23.05 4.38
C GLU B 264 17.36 21.65 4.75
N GLY B 265 17.43 21.35 6.04
CA GLY B 265 17.83 20.05 6.53
C GLY B 265 16.96 18.93 5.99
N ARG B 266 15.70 19.24 5.75
CA ARG B 266 14.77 18.24 5.21
C ARG B 266 15.18 17.78 3.82
N ILE B 267 15.75 18.67 3.02
CA ILE B 267 16.30 18.31 1.72
C ILE B 267 17.53 17.44 1.92
N GLY B 268 18.34 17.77 2.93
CA GLY B 268 19.53 17.00 3.30
C GLY B 268 19.21 15.57 3.73
N ILE B 269 18.18 15.39 4.55
CA ILE B 269 17.77 14.06 4.95
C ILE B 269 17.12 13.30 3.79
N ALA B 270 16.39 13.99 2.92
CA ALA B 270 15.86 13.34 1.72
C ALA B 270 17.01 12.75 0.88
N ALA B 271 18.09 13.52 0.72
CA ALA B 271 19.30 13.09 0.01
C ALA B 271 19.99 11.92 0.68
N GLN B 272 20.08 11.95 2.01
CA GLN B 272 20.59 10.82 2.78
C GLN B 272 19.78 9.55 2.56
N MET B 273 18.46 9.68 2.66
CA MET B 273 17.58 8.55 2.51
C MET B 273 17.61 8.02 1.05
N LEU B 274 17.66 8.94 0.09
CA LEU B 274 17.84 8.63 -1.32
C LEU B 274 19.12 7.83 -1.57
N GLY B 275 20.24 8.34 -1.05
CA GLY B 275 21.53 7.69 -1.22
C GLY B 275 21.59 6.30 -0.61
N LEU B 276 21.08 6.18 0.61
CA LEU B 276 21.04 4.93 1.36
C LEU B 276 20.25 3.88 0.57
N ALA B 277 19.06 4.26 0.10
CA ALA B 277 18.19 3.37 -0.66
C ALA B 277 18.81 2.97 -1.99
N GLN B 278 19.42 3.94 -2.68
CA GLN B 278 20.11 3.69 -3.95
C GLN B 278 21.30 2.74 -3.80
N GLY B 279 22.13 2.95 -2.77
CA GLY B 279 23.25 2.05 -2.48
C GLY B 279 22.80 0.62 -2.20
N CYS B 280 21.73 0.49 -1.43
CA CYS B 280 21.15 -0.80 -1.14
C CYS B 280 20.64 -1.50 -2.40
N PHE B 281 19.90 -0.76 -3.22
CA PHE B 281 19.35 -1.25 -4.49
C PHE B 281 20.47 -1.68 -5.45
N ASP B 282 21.48 -0.82 -5.58
CA ASP B 282 22.63 -1.04 -6.48
C ASP B 282 23.43 -2.29 -6.10
N TYR B 283 23.58 -2.54 -4.81
CA TYR B 283 24.19 -3.76 -4.32
C TYR B 283 23.34 -5.01 -4.64
N THR B 284 22.02 -4.88 -4.53
CA THR B 284 21.14 -6.05 -4.57
C THR B 284 20.91 -6.55 -6.01
N ILE B 285 20.87 -5.66 -6.99
CA ILE B 285 20.52 -6.09 -8.33
C ILE B 285 21.53 -7.07 -8.92
N PRO B 286 22.85 -6.80 -8.79
CA PRO B 286 23.84 -7.80 -9.21
C PRO B 286 23.68 -9.17 -8.56
N TYR B 287 23.31 -9.22 -7.29
CA TYR B 287 23.12 -10.51 -6.62
C TYR B 287 21.97 -11.31 -7.24
N ILE B 288 20.83 -10.67 -7.49
CA ILE B 288 19.65 -11.38 -8.00
C ILE B 288 19.81 -11.73 -9.49
N LYS B 289 20.68 -11.02 -10.19
CA LYS B 289 21.07 -11.43 -11.54
C LYS B 289 21.97 -12.69 -11.52
N GLU B 290 22.79 -12.83 -10.48
CA GLU B 290 23.81 -13.90 -10.39
C GLU B 290 23.25 -15.17 -9.74
N ARG B 291 22.36 -15.00 -8.77
CA ARG B 291 21.84 -16.14 -7.97
C ARG B 291 20.80 -16.93 -8.79
N ILE B 292 20.98 -18.25 -8.84
CA ILE B 292 20.13 -19.14 -9.62
C ILE B 292 19.32 -20.07 -8.70
N GLN B 293 18.01 -20.14 -8.95
CA GLN B 293 17.09 -21.09 -8.32
C GLN B 293 16.12 -21.55 -9.39
N PHE B 294 15.72 -22.82 -9.35
CA PHE B 294 14.79 -23.40 -10.35
C PHE B 294 15.29 -23.22 -11.78
N GLY B 295 16.61 -23.25 -11.96
CA GLY B 295 17.24 -23.05 -13.25
C GLY B 295 17.18 -21.65 -13.85
N LYS B 296 16.75 -20.65 -13.08
CA LYS B 296 16.60 -19.27 -13.55
C LYS B 296 17.37 -18.33 -12.63
N ARG B 297 17.79 -17.19 -13.17
CA ARG B 297 18.24 -16.06 -12.36
C ARG B 297 17.06 -15.63 -11.50
N LEU B 298 17.31 -15.22 -10.26
CA LEU B 298 16.23 -14.71 -9.43
C LEU B 298 15.55 -13.55 -10.14
N PHE B 299 16.34 -12.75 -10.87
CA PHE B 299 15.84 -11.60 -11.63
C PHE B 299 14.77 -12.00 -12.66
N ASP B 300 14.80 -13.25 -13.11
CA ASP B 300 13.87 -13.68 -14.15
C ASP B 300 12.48 -14.16 -13.66
N PHE B 301 12.26 -14.20 -12.35
CA PHE B 301 10.92 -14.46 -11.82
C PHE B 301 10.15 -13.16 -11.88
N GLN B 302 9.04 -13.17 -12.63
CA GLN B 302 8.34 -11.93 -12.92
C GLN B 302 7.81 -11.20 -11.67
N GLY B 303 7.36 -11.93 -10.66
CA GLY B 303 6.92 -11.31 -9.40
C GLY B 303 8.02 -10.47 -8.80
N LEU B 304 9.21 -11.03 -8.74
CA LEU B 304 10.37 -10.32 -8.29
C LEU B 304 10.73 -9.14 -9.22
N GLN B 305 10.71 -9.35 -10.53
CA GLN B 305 10.93 -8.26 -11.49
C GLN B 305 10.02 -7.07 -11.24
N HIS B 306 8.74 -7.36 -11.00
CA HIS B 306 7.73 -6.32 -10.80
C HIS B 306 8.00 -5.52 -9.52
N GLN B 307 8.39 -6.21 -8.46
CA GLN B 307 8.81 -5.56 -7.22
C GLN B 307 10.03 -4.67 -7.44
N VAL B 308 11.01 -5.17 -8.18
CA VAL B 308 12.20 -4.40 -8.52
C VAL B 308 11.85 -3.14 -9.32
N ALA B 309 11.04 -3.30 -10.36
CA ALA B 309 10.62 -2.18 -11.18
C ALA B 309 9.79 -1.14 -10.41
N HIS B 310 8.93 -1.61 -9.49
CA HIS B 310 8.14 -0.73 -8.63
C HIS B 310 9.06 0.11 -7.75
N VAL B 311 9.99 -0.54 -7.03
CA VAL B 311 10.98 0.14 -6.23
C VAL B 311 11.85 1.13 -7.05
N ALA B 312 12.29 0.73 -8.24
CA ALA B 312 13.07 1.60 -9.11
C ALA B 312 12.32 2.89 -9.44
N THR B 313 11.02 2.77 -9.66
CA THR B 313 10.16 3.90 -9.99
C THR B 313 10.07 4.89 -8.81
N GLN B 314 9.91 4.32 -7.61
CA GLN B 314 9.92 5.11 -6.38
C GLN B 314 11.27 5.80 -6.12
N LEU B 315 12.38 5.09 -6.38
CA LEU B 315 13.71 5.69 -6.27
C LEU B 315 13.87 6.89 -7.20
N GLU B 316 13.40 6.73 -8.44
CA GLU B 316 13.40 7.79 -9.45
C GLU B 316 12.57 8.99 -9.01
N ALA B 317 11.38 8.71 -8.47
CA ALA B 317 10.50 9.78 -7.98
C ALA B 317 11.14 10.49 -6.78
N ALA B 318 11.73 9.72 -5.86
CA ALA B 318 12.44 10.32 -4.71
C ALA B 318 13.62 11.22 -5.12
N ARG B 319 14.42 10.79 -6.09
CA ARG B 319 15.51 11.59 -6.64
C ARG B 319 15.00 12.89 -7.23
N LEU B 320 13.95 12.81 -8.07
CA LEU B 320 13.41 14.01 -8.70
C LEU B 320 12.83 14.96 -7.66
N LEU B 321 12.13 14.44 -6.65
CA LEU B 321 11.63 15.31 -5.58
C LEU B 321 12.76 16.04 -4.85
N THR B 322 13.82 15.31 -4.52
CA THR B 322 14.95 15.83 -3.76
C THR B 322 15.69 16.90 -4.55
N TYR B 323 16.03 16.62 -5.81
CA TYR B 323 16.76 17.58 -6.63
C TYR B 323 15.93 18.82 -6.97
N ASN B 324 14.62 18.63 -7.20
CA ASN B 324 13.76 19.76 -7.52
C ASN B 324 13.62 20.72 -6.35
N ALA B 325 13.49 20.16 -5.15
CA ALA B 325 13.43 20.93 -3.92
C ALA B 325 14.69 21.78 -3.79
N ALA B 326 15.84 21.14 -4.05
CA ALA B 326 17.17 21.81 -4.02
C ALA B 326 17.29 22.96 -5.03
N ARG B 327 16.80 22.74 -6.25
CA ARG B 327 16.81 23.77 -7.29
C ARG B 327 15.86 24.92 -6.98
N LEU B 328 14.68 24.61 -6.42
CA LEU B 328 13.74 25.64 -6.00
C LEU B 328 14.36 26.55 -4.93
N LEU B 329 15.06 25.95 -3.97
CA LEU B 329 15.80 26.72 -2.96
C LEU B 329 16.83 27.63 -3.64
N GLU B 330 17.64 27.06 -4.54
CA GLU B 330 18.68 27.81 -5.23
C GLU B 330 18.13 28.94 -6.10
N ALA B 331 17.00 28.69 -6.74
CA ALA B 331 16.35 29.70 -7.58
C ALA B 331 15.66 30.81 -6.77
N GLY B 332 15.64 30.67 -5.45
CA GLY B 332 14.99 31.67 -4.59
C GLY B 332 13.48 31.58 -4.62
N LYS B 333 12.96 30.40 -4.98
CA LYS B 333 11.54 30.14 -5.10
C LYS B 333 11.03 29.45 -3.84
N PRO B 334 9.70 29.46 -3.63
CA PRO B 334 9.17 28.71 -2.50
C PRO B 334 9.56 27.23 -2.58
N PHE B 335 10.04 26.67 -1.47
CA PHE B 335 10.54 25.30 -1.44
C PHE B 335 10.11 24.48 -0.22
N ILE B 336 9.47 25.09 0.78
CA ILE B 336 9.13 24.37 2.00
C ILE B 336 8.22 23.14 1.75
N LYS B 337 7.14 23.32 1.00
CA LYS B 337 6.22 22.17 0.72
C LYS B 337 7.00 21.06 0.03
N GLU B 338 7.78 21.45 -0.97
CA GLU B 338 8.59 20.54 -1.77
C GLU B 338 9.71 19.84 -0.95
N ALA B 339 10.34 20.55 -0.01
CA ALA B 339 11.31 19.93 0.90
C ALA B 339 10.63 18.88 1.78
N SER B 340 9.44 19.20 2.28
CA SER B 340 8.70 18.25 3.12
C SER B 340 8.27 17.03 2.33
N MET B 341 7.79 17.26 1.11
CA MET B 341 7.42 16.16 0.24
C MET B 341 8.63 15.25 -0.03
N ALA B 342 9.79 15.85 -0.26
CA ALA B 342 11.00 15.09 -0.57
C ALA B 342 11.44 14.25 0.62
N LYS B 343 11.47 14.86 1.79
CA LYS B 343 11.90 14.15 3.01
C LYS B 343 10.94 13.03 3.36
N TYR B 344 9.65 13.34 3.33
CA TYR B 344 8.61 12.33 3.56
C TYR B 344 8.72 11.17 2.59
N TYR B 345 8.72 11.48 1.29
CA TYR B 345 8.71 10.45 0.28
C TYR B 345 9.99 9.60 0.28
N ALA B 346 11.15 10.28 0.34
CA ALA B 346 12.44 9.59 0.31
C ALA B 346 12.63 8.68 1.53
N SER B 347 12.22 9.17 2.70
CA SER B 347 12.32 8.36 3.93
C SER B 347 11.42 7.14 3.88
N GLU B 348 10.17 7.34 3.46
CA GLU B 348 9.21 6.25 3.37
C GLU B 348 9.67 5.20 2.35
N ILE B 349 10.10 5.63 1.16
CA ILE B 349 10.54 4.68 0.16
CA ILE B 349 10.61 4.76 0.10
C ILE B 349 11.91 4.06 0.48
N ALA B 350 12.77 4.76 1.23
CA ALA B 350 14.00 4.14 1.72
C ALA B 350 13.70 2.93 2.63
N GLY B 351 12.69 3.04 3.49
CA GLY B 351 12.26 1.93 4.32
C GLY B 351 11.74 0.77 3.46
N GLN B 352 10.91 1.10 2.47
CA GLN B 352 10.33 0.08 1.58
C GLN B 352 11.40 -0.61 0.76
N THR B 353 12.32 0.16 0.19
CA THR B 353 13.41 -0.35 -0.65
C THR B 353 14.29 -1.33 0.12
N THR B 354 14.74 -0.93 1.31
CA THR B 354 15.65 -1.75 2.09
C THR B 354 14.96 -3.03 2.62
N SER B 355 13.70 -2.91 3.00
CA SER B 355 12.87 -4.05 3.40
C SER B 355 12.76 -5.08 2.25
N LYS B 356 12.45 -4.58 1.05
CA LYS B 356 12.36 -5.44 -0.13
C LYS B 356 13.70 -6.06 -0.50
N CYS B 357 14.78 -5.28 -0.43
CA CYS B 357 16.10 -5.76 -0.80
C CYS B 357 16.52 -6.95 0.06
N ILE B 358 16.21 -6.90 1.35
CA ILE B 358 16.47 -8.03 2.24
C ILE B 358 15.75 -9.29 1.72
N GLU B 359 14.46 -9.14 1.39
CA GLU B 359 13.66 -10.24 0.83
C GLU B 359 14.21 -10.78 -0.50
N TRP B 360 14.68 -9.89 -1.37
CA TRP B 360 15.24 -10.30 -2.66
C TRP B 360 16.53 -11.09 -2.48
N MET B 361 17.35 -10.71 -1.48
CA MET B 361 18.58 -11.44 -1.16
C MET B 361 18.31 -12.80 -0.51
N GLY B 362 17.16 -12.93 0.16
CA GLY B 362 16.86 -14.11 0.96
C GLY B 362 17.68 -14.17 2.24
N GLY B 363 18.01 -15.40 2.66
CA GLY B 363 18.75 -15.66 3.89
C GLY B 363 19.97 -14.79 4.12
N VAL B 364 20.81 -14.66 3.09
CA VAL B 364 22.03 -13.86 3.21
C VAL B 364 21.75 -12.39 3.55
N GLY B 365 20.63 -11.85 3.05
CA GLY B 365 20.17 -10.50 3.40
C GLY B 365 19.91 -10.31 4.88
N TYR B 366 19.62 -11.39 5.61
CA TYR B 366 19.35 -11.32 7.04
C TYR B 366 20.63 -11.41 7.89
N THR B 367 21.80 -11.54 7.25
CA THR B 367 23.05 -11.68 7.99
C THR B 367 23.91 -10.42 7.86
N LYS B 368 24.78 -10.22 8.84
CA LYS B 368 25.63 -9.04 8.92
C LYS B 368 26.88 -9.21 8.04
N ASP B 369 27.03 -10.37 7.41
CA ASP B 369 28.07 -10.61 6.42
C ASP B 369 27.79 -9.88 5.10
N TYR B 370 26.54 -9.44 4.94
CA TYR B 370 26.09 -8.70 3.78
C TYR B 370 25.63 -7.32 4.25
N PRO B 371 25.63 -6.31 3.37
CA PRO B 371 25.35 -4.91 3.77
C PRO B 371 23.90 -4.48 3.85
N VAL B 372 22.98 -5.30 3.35
CA VAL B 372 21.61 -4.86 3.17
C VAL B 372 20.87 -4.72 4.52
N GLU B 373 21.17 -5.56 5.50
CA GLU B 373 20.50 -5.42 6.81
C GLU B 373 20.85 -4.10 7.54
N LYS B 374 22.08 -3.62 7.39
CA LYS B 374 22.46 -2.29 7.91
C LYS B 374 21.69 -1.15 7.24
N TYR B 375 21.59 -1.18 5.91
CA TYR B 375 20.81 -0.17 5.18
C TYR B 375 19.37 -0.14 5.74
N PHE B 376 18.79 -1.32 5.99
CA PHE B 376 17.43 -1.48 6.53
C PHE B 376 17.29 -0.88 7.94
N ARG B 377 18.27 -1.13 8.81
CA ARG B 377 18.25 -0.56 10.16
C ARG B 377 18.47 0.95 10.12
N ASP B 378 19.38 1.40 9.25
CA ASP B 378 19.65 2.84 9.10
C ASP B 378 18.46 3.61 8.52
N ALA B 379 17.78 3.03 7.51
CA ALA B 379 16.66 3.72 6.82
C ALA B 379 15.52 4.06 7.77
N LYS B 380 15.29 3.21 8.76
CA LYS B 380 14.15 3.35 9.66
C LYS B 380 14.14 4.70 10.43
N ILE B 381 15.31 5.25 10.73
CA ILE B 381 15.37 6.57 11.40
C ILE B 381 14.81 7.73 10.55
N GLY B 382 14.83 7.58 9.23
CA GLY B 382 14.39 8.61 8.29
C GLY B 382 12.97 9.15 8.47
N THR B 383 12.04 8.28 8.87
CA THR B 383 10.66 8.69 9.12
C THR B 383 10.44 9.28 10.52
N ILE B 384 11.50 9.32 11.35
CA ILE B 384 11.43 9.85 12.73
C ILE B 384 12.11 11.20 12.92
N TYR B 385 13.40 11.30 12.62
CA TYR B 385 14.13 12.52 12.91
C TYR B 385 13.97 13.57 11.80
N GLU B 386 14.43 14.79 12.08
CA GLU B 386 14.21 15.94 11.20
C GLU B 386 12.71 16.17 10.90
N GLY B 387 11.86 15.90 11.89
CA GLY B 387 10.41 16.05 11.73
C GLY B 387 9.85 14.74 11.23
N ALA B 388 9.16 14.03 12.10
CA ALA B 388 8.62 12.71 11.76
C ALA B 388 7.61 12.82 10.60
N SER B 389 7.34 11.71 9.92
CA SER B 389 6.44 11.72 8.76
C SER B 389 5.13 12.47 8.97
N ASN B 390 4.44 12.22 10.08
CA ASN B 390 3.17 12.91 10.36
C ASN B 390 3.35 14.43 10.37
N ILE B 391 4.51 14.90 10.85
CA ILE B 391 4.84 16.32 10.88
C ILE B 391 5.08 16.86 9.47
N GLN B 392 5.72 16.04 8.63
CA GLN B 392 5.92 16.41 7.24
C GLN B 392 4.55 16.58 6.55
N LEU B 393 3.64 15.64 6.79
CA LEU B 393 2.30 15.70 6.22
C LEU B 393 1.49 16.89 6.74
N ASN B 394 1.62 17.22 8.02
CA ASN B 394 0.98 18.42 8.56
C ASN B 394 1.46 19.68 7.85
N THR B 395 2.77 19.77 7.61
CA THR B 395 3.35 20.90 6.91
C THR B 395 2.85 21.00 5.46
N ILE B 396 2.80 19.86 4.78
CA ILE B 396 2.35 19.82 3.38
C ILE B 396 0.88 20.24 3.31
N ALA B 397 0.08 19.76 4.26
CA ALA B 397 -1.34 20.13 4.35
C ALA B 397 -1.53 21.63 4.57
N LYS B 398 -0.72 22.23 5.44
CA LYS B 398 -0.80 23.68 5.66
C LYS B 398 -0.57 24.45 4.35
N HIS B 399 0.39 24.00 3.55
CA HIS B 399 0.67 24.64 2.27
C HIS B 399 -0.44 24.42 1.23
N ILE B 400 -0.96 23.21 1.16
CA ILE B 400 -2.08 22.92 0.25
C ILE B 400 -3.26 23.80 0.62
N ASP B 401 -3.55 23.90 1.90
CA ASP B 401 -4.62 24.78 2.41
C ASP B 401 -4.47 26.22 1.89
N ALA B 402 -3.24 26.72 1.87
CA ALA B 402 -2.95 28.08 1.41
C ALA B 402 -2.96 28.24 -0.12
N GLU B 403 -2.85 27.14 -0.87
CA GLU B 403 -2.89 27.20 -2.35
C GLU B 403 -4.29 27.35 -2.94
N TYR B 404 -5.33 27.08 -2.16
CA TYR B 404 -6.70 27.20 -2.65
C TYR B 404 -7.43 28.33 -1.93
N THR C 28 -18.43 -23.19 8.91
CA THR C 28 -19.28 -24.34 9.38
C THR C 28 -20.65 -23.88 9.89
N PHE C 29 -21.62 -23.92 8.98
CA PHE C 29 -22.93 -23.36 9.22
C PHE C 29 -23.92 -24.43 9.67
N THR C 30 -25.01 -24.01 10.29
CA THR C 30 -26.10 -24.93 10.62
C THR C 30 -26.80 -25.38 9.33
N ASP C 31 -27.59 -26.44 9.43
CA ASP C 31 -28.34 -26.95 8.28
C ASP C 31 -29.19 -25.84 7.65
N GLU C 32 -29.88 -25.09 8.48
CA GLU C 32 -30.75 -23.99 8.05
C GLU C 32 -29.97 -22.89 7.32
N GLU C 33 -28.80 -22.53 7.86
CA GLU C 33 -27.93 -21.54 7.23
C GLU C 33 -27.44 -22.01 5.87
N MET C 34 -27.10 -23.30 5.76
CA MET C 34 -26.67 -23.88 4.49
C MET C 34 -27.81 -23.92 3.45
N MET C 35 -29.01 -24.32 3.87
CA MET C 35 -30.20 -24.36 3.01
C MET C 35 -30.58 -22.98 2.47
N ILE C 36 -30.57 -21.97 3.34
CA ILE C 36 -30.93 -20.61 2.96
C ILE C 36 -29.90 -20.06 1.94
N LYS C 37 -28.63 -20.33 2.19
CA LYS C 37 -27.57 -19.91 1.28
C LYS C 37 -27.74 -20.51 -0.11
N SER C 38 -28.02 -21.82 -0.17
CA SER C 38 -28.20 -22.51 -1.44
C SER C 38 -29.46 -22.00 -2.17
N SER C 39 -30.55 -21.82 -1.44
CA SER C 39 -31.77 -21.22 -1.99
C SER C 39 -31.53 -19.81 -2.61
N VAL C 40 -30.78 -18.96 -1.93
CA VAL C 40 -30.53 -17.60 -2.42
C VAL C 40 -29.64 -17.63 -3.65
N LYS C 41 -28.65 -18.52 -3.66
CA LYS C 41 -27.77 -18.68 -4.81
C LYS C 41 -28.57 -19.00 -6.09
N LYS C 42 -29.55 -19.91 -5.97
CA LYS C 42 -30.39 -20.32 -7.11
C LYS C 42 -31.29 -19.16 -7.55
N PHE C 43 -31.91 -18.51 -6.58
CA PHE C 43 -32.77 -17.36 -6.84
C PHE C 43 -31.96 -16.25 -7.55
N ALA C 44 -30.76 -15.97 -7.06
CA ALA C 44 -29.95 -14.89 -7.61
C ALA C 44 -29.56 -15.20 -9.06
N GLN C 45 -29.09 -16.43 -9.31
CA GLN C 45 -28.74 -16.87 -10.68
C GLN C 45 -29.91 -16.82 -11.65
N GLU C 46 -31.07 -17.26 -11.21
CA GLU C 46 -32.22 -17.40 -12.09
C GLU C 46 -33.05 -16.12 -12.25
N GLN C 47 -33.21 -15.36 -11.17
CA GLN C 47 -34.12 -14.23 -11.17
C GLN C 47 -33.44 -12.86 -11.23
N ILE C 48 -32.17 -12.78 -10.85
CA ILE C 48 -31.51 -11.48 -10.75
C ILE C 48 -30.46 -11.31 -11.84
N ALA C 49 -29.59 -12.31 -12.00
CA ALA C 49 -28.47 -12.21 -12.94
C ALA C 49 -28.83 -11.70 -14.35
N PRO C 50 -29.93 -12.20 -14.96
CA PRO C 50 -30.33 -11.70 -16.28
C PRO C 50 -30.64 -10.19 -16.35
N LEU C 51 -31.01 -9.60 -15.21
CA LEU C 51 -31.47 -8.22 -15.15
C LEU C 51 -30.46 -7.22 -14.62
N VAL C 52 -29.33 -7.71 -14.14
CA VAL C 52 -28.33 -6.85 -13.50
C VAL C 52 -27.93 -5.63 -14.37
N SER C 53 -27.58 -5.88 -15.63
CA SER C 53 -27.17 -4.80 -16.54
C SER C 53 -28.24 -3.72 -16.78
N THR C 54 -29.44 -4.15 -17.09
CA THR C 54 -30.54 -3.21 -17.40
C THR C 54 -30.99 -2.44 -16.15
N MET C 55 -30.97 -3.10 -14.99
CA MET C 55 -31.29 -2.39 -13.75
C MET C 55 -30.25 -1.30 -13.43
N ASP C 56 -28.98 -1.61 -13.66
CA ASP C 56 -27.88 -0.67 -13.49
C ASP C 56 -27.98 0.49 -14.48
N GLU C 57 -28.10 0.17 -15.76
CA GLU C 57 -28.20 1.19 -16.80
C GLU C 57 -29.30 2.21 -16.51
N ASN C 58 -30.47 1.73 -16.08
CA ASN C 58 -31.62 2.58 -15.92
C ASN C 58 -31.96 3.00 -14.49
N SER C 59 -31.06 2.69 -13.57
CA SER C 59 -31.24 2.99 -12.14
C SER C 59 -32.63 2.58 -11.67
N LYS C 60 -33.01 1.33 -11.93
CA LYS C 60 -34.36 0.85 -11.63
C LYS C 60 -34.33 -0.64 -11.28
N MET C 61 -34.64 -0.97 -10.04
CA MET C 61 -34.78 -2.35 -9.64
C MET C 61 -36.11 -2.87 -10.17
N GLU C 62 -36.09 -4.07 -10.74
CA GLU C 62 -37.30 -4.65 -11.30
C GLU C 62 -38.21 -5.18 -10.20
N LYS C 63 -39.50 -4.96 -10.40
CA LYS C 63 -40.54 -5.47 -9.52
C LYS C 63 -40.45 -7.00 -9.33
N SER C 64 -40.10 -7.72 -10.41
CA SER C 64 -39.89 -9.17 -10.38
C SER C 64 -38.87 -9.60 -9.29
N VAL C 65 -37.79 -8.83 -9.18
CA VAL C 65 -36.73 -9.05 -8.20
C VAL C 65 -37.22 -8.70 -6.79
N ILE C 66 -37.83 -7.54 -6.64
CA ILE C 66 -38.34 -7.06 -5.34
C ILE C 66 -39.37 -8.05 -4.78
N GLN C 67 -40.36 -8.37 -5.60
CA GLN C 67 -41.39 -9.29 -5.18
C GLN C 67 -40.85 -10.71 -4.97
N GLY C 68 -39.85 -11.09 -5.75
CA GLY C 68 -39.13 -12.34 -5.58
C GLY C 68 -38.47 -12.44 -4.19
N LEU C 69 -37.82 -11.37 -3.75
CA LEU C 69 -37.22 -11.31 -2.39
C LEU C 69 -38.27 -11.53 -1.28
N PHE C 70 -39.40 -10.84 -1.39
CA PHE C 70 -40.48 -11.04 -0.43
C PHE C 70 -41.02 -12.47 -0.46
N GLN C 71 -41.31 -12.94 -1.65
CA GLN C 71 -41.83 -14.30 -1.91
C GLN C 71 -40.93 -15.37 -1.30
N GLN C 72 -39.63 -15.20 -1.48
CA GLN C 72 -38.62 -16.16 -0.98
C GLN C 72 -38.38 -16.10 0.53
N GLY C 73 -39.06 -15.18 1.23
CA GLY C 73 -38.88 -14.97 2.67
C GLY C 73 -37.62 -14.20 3.01
N LEU C 74 -37.03 -13.51 2.05
CA LEU C 74 -35.74 -12.86 2.26
C LEU C 74 -35.84 -11.45 2.84
N MET C 75 -37.07 -10.95 3.00
CA MET C 75 -37.28 -9.62 3.60
C MET C 75 -37.68 -9.67 5.08
N GLY C 76 -37.82 -10.88 5.65
CA GLY C 76 -38.10 -11.06 7.08
C GLY C 76 -37.37 -12.26 7.62
N ILE C 77 -36.07 -12.32 7.33
CA ILE C 77 -35.25 -13.50 7.58
C ILE C 77 -35.28 -13.92 9.06
N GLU C 78 -35.17 -12.94 9.95
CA GLU C 78 -35.09 -13.17 11.41
C GLU C 78 -36.40 -12.93 12.14
N VAL C 79 -37.38 -12.38 11.41
CA VAL C 79 -38.69 -12.11 11.97
C VAL C 79 -39.39 -13.44 12.33
N ASP C 80 -40.19 -13.40 13.40
CA ASP C 80 -40.91 -14.59 13.84
C ASP C 80 -41.93 -15.01 12.78
N PRO C 81 -42.10 -16.34 12.56
CA PRO C 81 -43.17 -16.87 11.69
C PRO C 81 -44.58 -16.32 11.98
N GLU C 82 -44.89 -15.99 13.23
CA GLU C 82 -46.19 -15.39 13.57
C GLU C 82 -46.51 -14.10 12.81
N TYR C 83 -45.46 -13.39 12.38
CA TYR C 83 -45.59 -12.21 11.52
C TYR C 83 -45.18 -12.49 10.06
N GLY C 84 -45.22 -13.75 9.65
CA GLY C 84 -44.79 -14.13 8.29
C GLY C 84 -43.28 -14.14 8.03
N GLY C 85 -42.49 -14.13 9.09
CA GLY C 85 -41.03 -14.15 8.97
C GLY C 85 -40.46 -15.55 8.86
N THR C 86 -39.16 -15.62 8.53
CA THR C 86 -38.52 -16.92 8.34
C THR C 86 -38.04 -17.53 9.67
N GLY C 87 -37.82 -16.70 10.69
CA GLY C 87 -37.39 -17.17 12.01
C GLY C 87 -35.94 -17.65 12.11
N ALA C 88 -35.07 -17.16 11.22
CA ALA C 88 -33.70 -17.67 11.09
C ALA C 88 -32.70 -16.81 11.85
N SER C 89 -31.43 -17.24 11.83
CA SER C 89 -30.36 -16.62 12.60
C SER C 89 -29.83 -15.35 11.95
N PHE C 90 -29.13 -14.53 12.75
CA PHE C 90 -28.46 -13.37 12.19
C PHE C 90 -27.41 -13.76 11.14
N LEU C 91 -26.68 -14.86 11.35
CA LEU C 91 -25.72 -15.32 10.35
C LEU C 91 -26.41 -15.69 9.01
N SER C 92 -27.63 -16.21 9.05
CA SER C 92 -28.43 -16.40 7.83
C SER C 92 -28.60 -15.10 7.06
N THR C 93 -28.93 -14.00 7.75
CA THR C 93 -29.11 -12.71 7.10
C THR C 93 -27.79 -12.30 6.42
N VAL C 94 -26.69 -12.52 7.14
CA VAL C 94 -25.36 -12.21 6.61
C VAL C 94 -25.06 -13.00 5.33
N LEU C 95 -25.30 -14.31 5.36
CA LEU C 95 -25.07 -15.16 4.19
C LEU C 95 -25.98 -14.83 3.00
N VAL C 96 -27.23 -14.46 3.28
CA VAL C 96 -28.13 -13.96 2.25
C VAL C 96 -27.59 -12.69 1.61
N ILE C 97 -27.14 -11.74 2.42
CA ILE C 97 -26.63 -10.48 1.89
C ILE C 97 -25.40 -10.78 0.99
N GLU C 98 -24.52 -11.63 1.48
CA GLU C 98 -23.30 -11.96 0.76
C GLU C 98 -23.63 -12.64 -0.56
N GLU C 99 -24.51 -13.63 -0.52
CA GLU C 99 -24.89 -14.40 -1.69
C GLU C 99 -25.60 -13.51 -2.74
N LEU C 100 -26.50 -12.63 -2.31
CA LEU C 100 -27.11 -11.66 -3.22
C LEU C 100 -26.06 -10.74 -3.88
N ALA C 101 -25.09 -10.27 -3.09
CA ALA C 101 -24.14 -9.30 -3.58
C ALA C 101 -23.16 -9.88 -4.60
N LYS C 102 -22.94 -11.21 -4.57
CA LYS C 102 -22.14 -11.89 -5.59
C LYS C 102 -22.74 -11.66 -6.99
N VAL C 103 -24.06 -11.48 -7.09
CA VAL C 103 -24.72 -11.18 -8.34
C VAL C 103 -24.97 -9.66 -8.50
N ASP C 104 -25.53 -9.02 -7.47
CA ASP C 104 -25.87 -7.58 -7.55
C ASP C 104 -25.89 -6.94 -6.17
N ALA C 105 -24.88 -6.10 -5.93
CA ALA C 105 -24.74 -5.38 -4.68
C ALA C 105 -25.96 -4.48 -4.37
N SER C 106 -26.63 -3.98 -5.39
CA SER C 106 -27.84 -3.15 -5.22
C SER C 106 -28.98 -3.94 -4.58
N VAL C 107 -29.18 -5.15 -5.03
CA VAL C 107 -30.24 -5.99 -4.46
C VAL C 107 -29.86 -6.40 -3.05
N ALA C 108 -28.56 -6.67 -2.83
CA ALA C 108 -28.05 -7.00 -1.50
C ALA C 108 -28.30 -5.90 -0.45
N VAL C 109 -28.01 -4.65 -0.76
CA VAL C 109 -28.28 -3.58 0.21
C VAL C 109 -29.78 -3.35 0.46
N PHE C 110 -30.61 -3.51 -0.58
CA PHE C 110 -32.05 -3.45 -0.45
C PHE C 110 -32.55 -4.47 0.61
N CYS C 111 -32.06 -5.70 0.50
CA CYS C 111 -32.33 -6.73 1.48
C CYS C 111 -31.74 -6.42 2.88
N GLU C 112 -30.52 -5.89 2.89
CA GLU C 112 -29.83 -5.53 4.14
C GLU C 112 -30.58 -4.47 4.94
N ILE C 113 -31.04 -3.42 4.28
CA ILE C 113 -31.74 -2.34 4.96
C ILE C 113 -33.00 -2.89 5.65
N GLN C 114 -33.84 -3.62 4.90
CA GLN C 114 -35.09 -4.17 5.43
C GLN C 114 -34.84 -5.04 6.66
N ASN C 115 -33.92 -5.98 6.53
CA ASN C 115 -33.65 -6.94 7.61
C ASN C 115 -32.91 -6.35 8.80
N THR C 116 -31.80 -5.67 8.54
CA THR C 116 -30.87 -5.29 9.61
C THR C 116 -31.19 -3.94 10.24
N LEU C 117 -31.78 -3.03 9.47
CA LEU C 117 -32.16 -1.74 10.03
C LEU C 117 -33.62 -1.75 10.44
N ILE C 118 -34.51 -1.88 9.45
CA ILE C 118 -35.95 -1.70 9.67
C ILE C 118 -36.56 -2.79 10.58
N ASN C 119 -36.49 -4.05 10.14
CA ASN C 119 -37.06 -5.15 10.92
C ASN C 119 -36.49 -5.25 12.33
N THR C 120 -35.19 -5.13 12.47
CA THR C 120 -34.56 -5.29 13.78
C THR C 120 -35.02 -4.22 14.76
N LEU C 121 -35.15 -2.98 14.28
CA LEU C 121 -35.60 -1.88 15.14
C LEU C 121 -37.00 -2.10 15.64
N ILE C 122 -37.89 -2.54 14.75
CA ILE C 122 -39.27 -2.83 15.12
C ILE C 122 -39.38 -4.07 16.02
N ARG C 123 -38.57 -5.11 15.75
CA ARG C 123 -38.51 -6.30 16.63
C ARG C 123 -38.05 -5.96 18.04
N LYS C 124 -37.01 -5.13 18.16
CA LYS C 124 -36.40 -4.84 19.45
C LYS C 124 -37.13 -3.79 20.27
N HIS C 125 -37.70 -2.79 19.61
CA HIS C 125 -38.27 -1.63 20.31
C HIS C 125 -39.75 -1.39 20.10
N GLY C 126 -40.36 -2.12 19.18
CA GLY C 126 -41.77 -2.00 18.90
C GLY C 126 -42.64 -2.55 20.00
N THR C 127 -43.82 -1.95 20.16
CA THR C 127 -44.85 -2.48 21.06
C THR C 127 -45.46 -3.70 20.36
N GLU C 128 -46.24 -4.48 21.09
CA GLU C 128 -46.89 -5.65 20.49
C GLU C 128 -47.84 -5.20 19.39
N GLU C 129 -48.44 -4.04 19.60
CA GLU C 129 -49.33 -3.40 18.64
C GLU C 129 -48.60 -3.02 17.35
N GLN C 130 -47.47 -2.35 17.49
CA GLN C 130 -46.64 -1.94 16.34
C GLN C 130 -46.08 -3.14 15.56
N LYS C 131 -45.62 -4.15 16.29
CA LYS C 131 -45.13 -5.39 15.68
C LYS C 131 -46.23 -6.12 14.92
N ALA C 132 -47.40 -6.23 15.54
CA ALA C 132 -48.57 -6.88 14.91
C ALA C 132 -49.01 -6.15 13.65
N THR C 133 -48.88 -4.83 13.65
CA THR C 133 -49.24 -4.00 12.51
C THR C 133 -48.20 -4.06 11.38
N TYR C 134 -46.94 -3.77 11.69
CA TYR C 134 -45.94 -3.52 10.65
C TYR C 134 -45.18 -4.75 10.18
N LEU C 135 -44.83 -5.66 11.08
CA LEU C 135 -44.00 -6.79 10.70
C LEU C 135 -44.63 -7.70 9.64
N PRO C 136 -45.92 -8.05 9.79
CA PRO C 136 -46.61 -8.76 8.71
C PRO C 136 -46.54 -8.10 7.35
N GLN C 137 -46.59 -6.77 7.30
CA GLN C 137 -46.47 -6.02 6.04
C GLN C 137 -45.02 -6.03 5.53
N LEU C 138 -44.09 -5.84 6.45
CA LEU C 138 -42.67 -5.78 6.12
C LEU C 138 -42.10 -7.13 5.65
N THR C 139 -42.71 -8.23 6.08
CA THR C 139 -42.27 -9.54 5.62
C THR C 139 -42.92 -9.98 4.30
N THR C 140 -43.95 -9.27 3.88
CA THR C 140 -44.75 -9.68 2.71
C THR C 140 -44.72 -8.76 1.49
N GLU C 141 -44.81 -7.44 1.70
CA GLU C 141 -44.87 -6.49 0.55
C GLU C 141 -44.44 -5.04 0.81
N LYS C 142 -44.49 -4.55 2.05
CA LYS C 142 -44.08 -3.17 2.35
C LYS C 142 -42.56 -3.00 2.53
N VAL C 143 -42.01 -2.01 1.85
CA VAL C 143 -40.61 -1.63 1.97
C VAL C 143 -40.44 -0.48 2.98
N GLY C 144 -39.43 -0.59 3.83
CA GLY C 144 -39.10 0.48 4.76
C GLY C 144 -37.82 1.21 4.40
N SER C 145 -37.77 2.49 4.80
CA SER C 145 -36.59 3.32 4.65
C SER C 145 -36.15 3.81 6.03
N PHE C 146 -34.83 3.79 6.25
CA PHE C 146 -34.17 4.25 7.45
C PHE C 146 -33.71 5.69 7.22
N CYS C 147 -34.28 6.64 7.97
CA CYS C 147 -34.09 8.06 7.67
C CYS C 147 -33.35 8.76 8.79
N LEU C 148 -32.03 8.79 8.67
CA LEU C 148 -31.15 9.47 9.63
C LEU C 148 -30.46 10.72 9.03
N SER C 149 -29.75 10.51 7.93
CA SER C 149 -28.82 11.52 7.37
C SER C 149 -29.53 12.73 6.76
N GLU C 150 -28.85 13.86 6.90
CA GLU C 150 -29.25 15.14 6.31
C GLU C 150 -28.03 15.78 5.62
N ALA C 151 -28.31 16.76 4.77
CA ALA C 151 -27.27 17.52 4.09
C ALA C 151 -26.22 18.07 5.06
N GLY C 152 -26.67 18.55 6.22
CA GLY C 152 -25.75 19.05 7.24
C GLY C 152 -25.38 18.05 8.33
N ALA C 153 -25.79 16.79 8.16
CA ALA C 153 -25.60 15.73 9.16
C ALA C 153 -25.38 14.40 8.46
N GLY C 154 -24.14 14.21 7.98
CA GLY C 154 -23.70 12.98 7.36
C GLY C 154 -22.97 12.12 8.37
N SER C 155 -21.64 12.25 8.43
CA SER C 155 -20.85 11.57 9.47
C SER C 155 -21.31 12.04 10.86
N ASP C 156 -21.66 13.32 10.95
CA ASP C 156 -22.17 13.94 12.18
C ASP C 156 -23.71 13.79 12.22
N SER C 157 -24.15 12.53 12.25
CA SER C 157 -25.59 12.17 12.26
C SER C 157 -26.39 12.91 13.33
N PHE C 158 -25.84 13.00 14.53
CA PHE C 158 -26.58 13.57 15.67
C PHE C 158 -26.70 15.10 15.64
N ALA C 159 -26.12 15.72 14.62
CA ALA C 159 -26.36 17.13 14.32
C ALA C 159 -27.62 17.32 13.48
N LEU C 160 -28.40 16.26 13.27
CA LEU C 160 -29.61 16.34 12.45
C LEU C 160 -30.54 17.46 12.97
N LYS C 161 -31.14 18.19 12.03
CA LYS C 161 -31.94 19.37 12.33
C LYS C 161 -33.44 19.12 12.14
N THR C 162 -33.81 17.95 11.61
CA THR C 162 -35.23 17.59 11.56
C THR C 162 -35.77 17.54 12.99
N ARG C 163 -36.83 18.30 13.23
CA ARG C 163 -37.34 18.51 14.56
C ARG C 163 -38.76 17.93 14.67
N ALA C 164 -39.14 17.57 15.89
CA ALA C 164 -40.48 17.02 16.17
C ALA C 164 -41.11 17.76 17.34
N ASP C 165 -42.18 18.51 17.08
CA ASP C 165 -42.92 19.24 18.11
C ASP C 165 -44.16 18.47 18.56
N LYS C 166 -44.27 18.22 19.86
CA LYS C 166 -45.48 17.59 20.43
C LYS C 166 -46.61 18.60 20.45
N GLU C 167 -47.73 18.25 19.81
CA GLU C 167 -48.94 19.07 19.86
C GLU C 167 -50.12 18.18 20.24
N GLY C 168 -50.28 17.94 21.54
CA GLY C 168 -51.33 17.06 22.05
C GLY C 168 -51.07 15.63 21.60
N ASP C 169 -52.00 15.08 20.80
CA ASP C 169 -51.97 13.65 20.47
C ASP C 169 -51.07 13.26 19.27
N TYR C 170 -50.30 14.22 18.76
CA TYR C 170 -49.40 13.95 17.64
C TYR C 170 -48.15 14.84 17.69
N TYR C 171 -47.17 14.49 16.86
CA TYR C 171 -45.92 15.25 16.67
C TYR C 171 -45.86 15.87 15.28
N VAL C 172 -45.41 17.12 15.20
CA VAL C 172 -45.18 17.78 13.92
C VAL C 172 -43.70 17.70 13.57
N LEU C 173 -43.39 17.03 12.45
CA LEU C 173 -42.01 16.91 11.95
C LEU C 173 -41.71 17.93 10.84
N ASN C 174 -40.57 18.63 11.00
CA ASN C 174 -40.11 19.63 10.04
C ASN C 174 -38.63 19.47 9.79
N GLY C 175 -38.28 19.36 8.52
CA GLY C 175 -36.91 19.28 8.10
C GLY C 175 -36.75 18.57 6.77
N SER C 176 -35.60 17.94 6.62
CA SER C 176 -35.27 17.26 5.38
C SER C 176 -34.30 16.14 5.71
N LYS C 177 -34.29 15.10 4.86
CA LYS C 177 -33.29 14.05 4.94
C LYS C 177 -32.64 13.93 3.57
N MET C 178 -31.51 13.26 3.54
CA MET C 178 -30.74 13.12 2.32
C MET C 178 -30.20 11.69 2.25
N TRP C 179 -30.03 11.20 1.03
CA TRP C 179 -29.43 9.88 0.77
C TRP C 179 -30.29 8.72 1.22
N ILE C 180 -31.62 8.89 1.27
CA ILE C 180 -32.44 7.83 1.84
C ILE C 180 -32.61 6.64 0.88
N SER C 181 -32.02 5.50 1.27
CA SER C 181 -32.09 4.31 0.45
C SER C 181 -33.48 3.71 0.46
N SER C 182 -33.88 3.20 -0.70
CA SER C 182 -35.13 2.49 -0.89
C SER C 182 -36.38 3.38 -0.79
N ALA C 183 -36.22 4.71 -0.78
CA ALA C 183 -37.33 5.63 -0.52
C ALA C 183 -38.31 5.71 -1.67
N GLU C 184 -37.85 5.39 -2.88
CA GLU C 184 -38.65 5.67 -4.06
C GLU C 184 -40.04 5.05 -3.96
N HIS C 185 -40.12 3.81 -3.50
CA HIS C 185 -41.41 3.13 -3.36
C HIS C 185 -41.67 2.60 -1.94
N ALA C 186 -40.92 3.10 -0.96
CA ALA C 186 -41.10 2.70 0.43
C ALA C 186 -42.48 3.14 0.95
N GLY C 187 -43.11 2.28 1.73
CA GLY C 187 -44.38 2.62 2.39
C GLY C 187 -44.19 3.09 3.82
N LEU C 188 -43.05 2.76 4.42
CA LEU C 188 -42.78 3.08 5.82
C LEU C 188 -41.42 3.77 5.94
N PHE C 189 -41.41 4.88 6.66
CA PHE C 189 -40.19 5.64 6.91
C PHE C 189 -39.93 5.66 8.41
N LEU C 190 -38.77 5.14 8.80
CA LEU C 190 -38.33 5.16 10.18
C LEU C 190 -37.45 6.39 10.34
N VAL C 191 -38.00 7.44 10.96
CA VAL C 191 -37.43 8.78 10.92
C VAL C 191 -36.88 9.19 12.27
N MET C 192 -35.62 9.60 12.28
CA MET C 192 -34.97 10.19 13.46
C MET C 192 -35.16 11.70 13.43
N ALA C 193 -35.75 12.22 14.50
CA ALA C 193 -36.06 13.65 14.60
C ALA C 193 -35.88 14.09 16.04
N ASN C 194 -35.48 15.34 16.22
CA ASN C 194 -35.17 15.86 17.54
C ASN C 194 -36.36 16.56 18.17
N VAL C 195 -36.86 16.00 19.28
CA VAL C 195 -37.99 16.61 20.02
C VAL C 195 -37.60 17.80 20.90
N ASP C 196 -36.30 17.91 21.20
CA ASP C 196 -35.77 19.02 21.98
C ASP C 196 -34.30 19.30 21.62
N PRO C 197 -34.08 20.13 20.60
CA PRO C 197 -32.72 20.47 20.19
C PRO C 197 -31.86 21.13 21.28
N THR C 198 -32.46 21.63 22.36
CA THR C 198 -31.68 22.25 23.44
C THR C 198 -30.86 21.23 24.27
N ILE C 199 -31.19 19.94 24.16
CA ILE C 199 -30.45 18.87 24.86
C ILE C 199 -29.62 18.02 23.87
N GLY C 200 -29.44 18.52 22.66
CA GLY C 200 -28.59 17.87 21.68
C GLY C 200 -29.09 16.49 21.27
N TYR C 201 -28.17 15.54 21.12
CA TYR C 201 -28.50 14.20 20.66
C TYR C 201 -29.49 13.46 21.55
N LYS C 202 -29.59 13.84 22.83
CA LYS C 202 -30.53 13.21 23.75
C LYS C 202 -32.00 13.58 23.51
N GLY C 203 -32.26 14.49 22.56
CA GLY C 203 -33.61 14.75 22.07
C GLY C 203 -34.01 13.91 20.86
N ILE C 204 -33.06 13.18 20.27
CA ILE C 204 -33.30 12.41 19.06
C ILE C 204 -34.23 11.21 19.34
N THR C 205 -35.30 11.13 18.57
CA THR C 205 -36.40 10.19 18.79
C THR C 205 -36.73 9.53 17.45
N SER C 206 -37.16 8.28 17.50
CA SER C 206 -37.50 7.47 16.33
C SER C 206 -39.01 7.45 16.11
N PHE C 207 -39.44 7.70 14.86
CA PHE C 207 -40.84 7.74 14.49
C PHE C 207 -41.14 6.81 13.31
N LEU C 208 -42.29 6.15 13.38
CA LEU C 208 -42.81 5.38 12.24
C LEU C 208 -43.75 6.28 11.42
N VAL C 209 -43.38 6.55 10.19
CA VAL C 209 -44.13 7.46 9.34
C VAL C 209 -44.61 6.77 8.06
N ASP C 210 -45.92 6.80 7.81
CA ASP C 210 -46.48 6.24 6.59
C ASP C 210 -46.22 7.17 5.40
N ARG C 211 -46.02 6.58 4.23
CA ARG C 211 -45.69 7.34 3.03
C ARG C 211 -46.73 8.40 2.70
N ASP C 212 -48.00 8.01 2.79
CA ASP C 212 -49.11 8.82 2.33
C ASP C 212 -49.56 9.77 3.42
N THR C 213 -48.86 10.89 3.55
CA THR C 213 -49.17 11.86 4.58
C THR C 213 -48.84 13.28 4.11
N PRO C 214 -49.75 14.25 4.35
CA PRO C 214 -49.46 15.62 3.94
C PRO C 214 -48.10 16.10 4.42
N GLY C 215 -47.38 16.79 3.54
CA GLY C 215 -46.12 17.40 3.89
C GLY C 215 -44.88 16.56 3.68
N LEU C 216 -45.04 15.27 3.42
CA LEU C 216 -43.92 14.39 3.18
C LEU C 216 -43.70 14.29 1.67
N HIS C 217 -42.52 14.68 1.21
CA HIS C 217 -42.18 14.55 -0.22
C HIS C 217 -40.92 13.71 -0.37
N ILE C 218 -41.00 12.72 -1.27
CA ILE C 218 -39.86 11.91 -1.70
C ILE C 218 -39.43 12.43 -3.06
N GLY C 219 -38.19 12.91 -3.14
CA GLY C 219 -37.68 13.48 -4.37
C GLY C 219 -37.18 12.41 -5.34
N LYS C 220 -36.73 12.89 -6.48
CA LYS C 220 -36.14 12.07 -7.53
C LYS C 220 -34.93 11.26 -7.01
N PRO C 221 -34.85 9.96 -7.35
CA PRO C 221 -33.63 9.19 -7.03
C PRO C 221 -32.38 9.82 -7.63
N GLU C 222 -31.30 9.82 -6.87
CA GLU C 222 -30.04 10.34 -7.34
C GLU C 222 -29.51 9.51 -8.51
N ASN C 223 -28.78 10.21 -9.37
CA ASN C 223 -28.03 9.65 -10.48
C ASN C 223 -26.60 9.36 -9.99
N LYS C 224 -26.34 8.08 -9.78
CA LYS C 224 -25.16 7.63 -9.03
C LYS C 224 -24.13 6.92 -9.90
N LEU C 225 -22.89 6.95 -9.42
CA LEU C 225 -21.79 6.17 -9.99
C LEU C 225 -22.09 4.67 -10.07
N GLY C 226 -22.57 4.12 -8.98
CA GLY C 226 -22.93 2.72 -8.90
C GLY C 226 -24.05 2.53 -7.90
N LEU C 227 -24.32 1.28 -7.51
CA LEU C 227 -25.49 0.96 -6.70
C LEU C 227 -26.75 1.60 -7.31
N ARG C 228 -26.82 1.60 -8.63
CA ARG C 228 -27.80 2.43 -9.32
C ARG C 228 -29.25 1.95 -9.18
N ALA C 229 -29.45 0.64 -9.02
CA ALA C 229 -30.80 0.06 -8.87
C ALA C 229 -31.38 0.25 -7.45
N SER C 230 -30.52 0.61 -6.50
CA SER C 230 -30.96 0.98 -5.14
C SER C 230 -31.30 2.45 -5.13
N SER C 231 -32.59 2.75 -5.06
CA SER C 231 -33.04 4.15 -5.01
C SER C 231 -32.44 4.90 -3.80
N THR C 232 -32.01 6.12 -4.08
CA THR C 232 -31.41 6.97 -3.08
C THR C 232 -32.01 8.36 -3.28
N CYS C 233 -32.90 8.75 -2.38
CA CYS C 233 -33.75 9.92 -2.57
C CYS C 233 -33.67 10.93 -1.43
N PRO C 234 -33.79 12.22 -1.78
CA PRO C 234 -33.97 13.25 -0.77
C PRO C 234 -35.42 13.24 -0.25
N LEU C 235 -35.58 13.54 1.03
CA LEU C 235 -36.92 13.70 1.62
C LEU C 235 -37.07 15.07 2.21
N THR C 236 -38.28 15.62 2.16
CA THR C 236 -38.59 16.84 2.87
C THR C 236 -39.86 16.61 3.70
N PHE C 237 -39.85 17.20 4.89
CA PHE C 237 -40.92 17.12 5.86
C PHE C 237 -41.41 18.53 6.12
N GLU C 238 -42.58 18.84 5.57
CA GLU C 238 -43.25 20.12 5.79
C GLU C 238 -44.44 19.86 6.69
N ASN C 239 -44.28 20.09 7.97
CA ASN C 239 -45.36 19.94 8.95
C ASN C 239 -46.03 18.56 8.82
N VAL C 240 -45.18 17.55 8.83
CA VAL C 240 -45.63 16.17 8.76
C VAL C 240 -46.13 15.73 10.14
N LYS C 241 -47.35 15.24 10.19
CA LYS C 241 -48.01 14.93 11.46
C LYS C 241 -47.98 13.44 11.74
N VAL C 242 -47.38 13.07 12.87
CA VAL C 242 -47.22 11.67 13.24
C VAL C 242 -47.95 11.42 14.57
N PRO C 243 -48.88 10.44 14.60
CA PRO C 243 -49.55 10.13 15.88
C PRO C 243 -48.52 9.81 16.94
N GLU C 244 -48.79 10.20 18.18
CA GLU C 244 -47.90 9.89 19.31
C GLU C 244 -47.65 8.38 19.45
N ALA C 245 -48.64 7.56 19.06
CA ALA C 245 -48.52 6.11 19.15
C ALA C 245 -47.49 5.55 18.17
N ASN C 246 -47.08 6.36 17.20
CA ASN C 246 -46.08 5.96 16.22
C ASN C 246 -44.63 6.24 16.63
N ILE C 247 -44.42 6.71 17.85
CA ILE C 247 -43.07 6.79 18.37
C ILE C 247 -42.57 5.35 18.57
N LEU C 248 -41.38 5.07 18.04
CA LEU C 248 -40.75 3.78 18.24
C LEU C 248 -39.83 3.87 19.46
N GLY C 249 -40.18 3.12 20.51
CA GLY C 249 -39.36 3.04 21.70
C GLY C 249 -39.58 4.24 22.63
N GLN C 250 -38.52 4.63 23.34
CA GLN C 250 -38.59 5.74 24.30
C GLN C 250 -38.21 7.07 23.66
N ILE C 251 -38.90 8.14 24.06
CA ILE C 251 -38.52 9.50 23.63
C ILE C 251 -37.07 9.81 24.06
N GLY C 252 -36.28 10.35 23.15
CA GLY C 252 -34.90 10.70 23.43
C GLY C 252 -33.89 9.57 23.30
N HIS C 253 -34.35 8.36 23.00
CA HIS C 253 -33.47 7.20 22.83
C HIS C 253 -33.23 6.82 21.37
N GLY C 254 -33.82 7.58 20.45
CA GLY C 254 -33.67 7.33 19.03
C GLY C 254 -32.24 7.34 18.53
N TYR C 255 -31.37 8.11 19.21
CA TYR C 255 -29.96 8.12 18.84
C TYR C 255 -29.34 6.78 19.18
N LYS C 256 -29.78 6.18 20.29
CA LYS C 256 -29.31 4.86 20.69
C LYS C 256 -29.74 3.78 19.71
N TYR C 257 -30.99 3.86 19.26
CA TYR C 257 -31.52 2.89 18.30
C TYR C 257 -30.87 3.02 16.93
N ALA C 258 -30.58 4.25 16.52
CA ALA C 258 -29.95 4.50 15.23
C ALA C 258 -28.58 3.82 15.17
N ILE C 259 -27.72 4.14 16.13
CA ILE C 259 -26.36 3.62 16.11
C ILE C 259 -26.29 2.13 16.48
N GLY C 260 -27.16 1.68 17.37
CA GLY C 260 -27.34 0.25 17.61
C GLY C 260 -27.63 -0.53 16.34
N SER C 261 -28.61 -0.08 15.55
CA SER C 261 -28.97 -0.81 14.31
C SER C 261 -27.84 -0.69 13.28
N LEU C 262 -27.18 0.47 13.26
CA LEU C 262 -26.01 0.66 12.39
C LEU C 262 -24.78 -0.16 12.78
N ASN C 263 -24.60 -0.48 14.06
CA ASN C 263 -23.55 -1.45 14.48
C ASN C 263 -23.76 -2.84 13.85
N GLU C 264 -25.00 -3.29 13.81
CA GLU C 264 -25.37 -4.53 13.13
C GLU C 264 -25.34 -4.37 11.60
N GLY C 265 -25.77 -3.20 11.13
CA GLY C 265 -25.72 -2.84 9.72
C GLY C 265 -24.31 -2.87 9.13
N ARG C 266 -23.31 -2.52 9.93
CA ARG C 266 -21.92 -2.60 9.47
C ARG C 266 -21.47 -4.01 9.13
N ILE C 267 -21.95 -4.98 9.88
CA ILE C 267 -21.73 -6.39 9.54
C ILE C 267 -22.42 -6.72 8.21
N GLY C 268 -23.63 -6.19 8.01
CA GLY C 268 -24.38 -6.38 6.78
C GLY C 268 -23.69 -5.80 5.55
N ILE C 269 -23.12 -4.60 5.70
CA ILE C 269 -22.38 -3.96 4.65
C ILE C 269 -21.03 -4.66 4.39
N ALA C 270 -20.37 -5.12 5.46
CA ALA C 270 -19.20 -6.02 5.31
C ALA C 270 -19.57 -7.21 4.43
N ALA C 271 -20.73 -7.81 4.68
CA ALA C 271 -21.20 -8.98 3.91
C ALA C 271 -21.49 -8.64 2.44
N GLN C 272 -22.12 -7.49 2.21
CA GLN C 272 -22.36 -7.01 0.86
C GLN C 272 -21.04 -6.80 0.09
N MET C 273 -20.12 -6.08 0.73
CA MET C 273 -18.82 -5.79 0.11
C MET C 273 -18.01 -7.07 -0.16
N LEU C 274 -18.01 -7.97 0.81
CA LEU C 274 -17.45 -9.31 0.64
C LEU C 274 -18.04 -10.06 -0.56
N GLY C 275 -19.37 -10.12 -0.63
CA GLY C 275 -20.05 -10.87 -1.68
C GLY C 275 -19.79 -10.26 -3.04
N LEU C 276 -19.84 -8.94 -3.12
CA LEU C 276 -19.54 -8.20 -4.34
C LEU C 276 -18.13 -8.53 -4.85
N ALA C 277 -17.15 -8.38 -3.95
CA ALA C 277 -15.74 -8.67 -4.26
C ALA C 277 -15.55 -10.14 -4.68
N GLN C 278 -16.20 -11.05 -3.96
CA GLN C 278 -16.12 -12.46 -4.29
C GLN C 278 -16.71 -12.75 -5.67
N GLY C 279 -17.87 -12.17 -5.96
CA GLY C 279 -18.52 -12.37 -7.25
C GLY C 279 -17.63 -11.88 -8.39
N CYS C 280 -17.01 -10.73 -8.20
CA CYS C 280 -16.10 -10.17 -9.18
C CYS C 280 -14.90 -11.10 -9.42
N PHE C 281 -14.27 -11.51 -8.33
CA PHE C 281 -13.14 -12.44 -8.35
C PHE C 281 -13.49 -13.77 -9.04
N ASP C 282 -14.60 -14.38 -8.63
CA ASP C 282 -15.06 -15.64 -9.16
C ASP C 282 -15.30 -15.61 -10.67
N TYR C 283 -15.79 -14.48 -11.17
CA TYR C 283 -15.97 -14.28 -12.60
C TYR C 283 -14.63 -14.12 -13.34
N THR C 284 -13.69 -13.43 -12.72
CA THR C 284 -12.47 -13.03 -13.38
C THR C 284 -11.45 -14.19 -13.52
N ILE C 285 -11.37 -15.10 -12.56
CA ILE C 285 -10.36 -16.15 -12.61
C ILE C 285 -10.51 -17.07 -13.87
N PRO C 286 -11.72 -17.58 -14.16
CA PRO C 286 -11.89 -18.34 -15.41
C PRO C 286 -11.46 -17.58 -16.68
N TYR C 287 -11.70 -16.28 -16.74
CA TYR C 287 -11.27 -15.48 -17.88
C TYR C 287 -9.74 -15.51 -18.04
N ILE C 288 -9.01 -15.22 -16.97
CA ILE C 288 -7.55 -15.19 -17.03
C ILE C 288 -6.93 -16.60 -17.22
N LYS C 289 -7.69 -17.64 -16.86
CA LYS C 289 -7.30 -19.01 -17.20
C LYS C 289 -7.44 -19.30 -18.70
N GLU C 290 -8.45 -18.71 -19.34
CA GLU C 290 -8.79 -19.00 -20.74
C GLU C 290 -8.05 -18.07 -21.72
N ARG C 291 -7.84 -16.81 -21.33
CA ARG C 291 -7.25 -15.81 -22.25
C ARG C 291 -5.75 -16.09 -22.43
N ILE C 292 -5.31 -16.16 -23.68
CA ILE C 292 -3.93 -16.48 -24.03
C ILE C 292 -3.24 -15.26 -24.65
N GLN C 293 -2.09 -14.90 -24.09
CA GLN C 293 -1.17 -13.92 -24.69
C GLN C 293 0.25 -14.44 -24.56
N PHE C 294 1.10 -14.12 -25.53
CA PHE C 294 2.49 -14.59 -25.56
C PHE C 294 2.61 -16.10 -25.39
N GLY C 295 1.61 -16.82 -25.91
CA GLY C 295 1.62 -18.28 -25.83
C GLY C 295 1.28 -18.87 -24.48
N LYS C 296 0.80 -18.07 -23.54
CA LYS C 296 0.39 -18.66 -22.28
C LYS C 296 -0.88 -18.05 -21.74
N ARG C 297 -1.44 -18.75 -20.76
CA ARG C 297 -2.61 -18.24 -20.04
C ARG C 297 -2.18 -16.98 -19.31
N LEU C 298 -3.06 -15.99 -19.24
CA LEU C 298 -2.78 -14.82 -18.43
C LEU C 298 -2.42 -15.24 -16.99
N PHE C 299 -3.13 -16.27 -16.50
CA PHE C 299 -2.91 -16.80 -15.17
C PHE C 299 -1.48 -17.29 -14.96
N ASP C 300 -0.77 -17.62 -16.02
CA ASP C 300 0.60 -18.10 -15.88
C ASP C 300 1.68 -17.02 -15.80
N PHE C 301 1.33 -15.75 -15.90
CA PHE C 301 2.31 -14.68 -15.66
C PHE C 301 2.38 -14.49 -14.17
N GLN C 302 3.59 -14.65 -13.61
CA GLN C 302 3.75 -14.66 -12.17
C GLN C 302 3.35 -13.34 -11.51
N GLY C 303 3.58 -12.22 -12.18
CA GLY C 303 3.17 -10.92 -11.67
C GLY C 303 1.68 -10.91 -11.47
N LEU C 304 0.95 -11.44 -12.44
CA LEU C 304 -0.48 -11.54 -12.32
C LEU C 304 -0.90 -12.56 -11.25
N GLN C 305 -0.24 -13.73 -11.20
CA GLN C 305 -0.53 -14.74 -10.17
C GLN C 305 -0.39 -14.22 -8.76
N HIS C 306 0.64 -13.40 -8.53
CA HIS C 306 0.91 -12.82 -7.21
C HIS C 306 -0.15 -11.82 -6.79
N GLN C 307 -0.62 -11.02 -7.75
CA GLN C 307 -1.72 -10.07 -7.51
C GLN C 307 -3.01 -10.82 -7.18
N VAL C 308 -3.27 -11.90 -7.92
CA VAL C 308 -4.42 -12.77 -7.66
C VAL C 308 -4.36 -13.38 -6.24
N ALA C 309 -3.19 -13.92 -5.88
CA ALA C 309 -3.00 -14.57 -4.57
C ALA C 309 -3.12 -13.58 -3.41
N HIS C 310 -2.57 -12.39 -3.60
CA HIS C 310 -2.67 -11.31 -2.61
C HIS C 310 -4.15 -10.95 -2.38
N VAL C 311 -4.87 -10.75 -3.48
CA VAL C 311 -6.29 -10.42 -3.42
C VAL C 311 -7.10 -11.54 -2.75
N ALA C 312 -6.85 -12.80 -3.14
CA ALA C 312 -7.50 -13.96 -2.54
C ALA C 312 -7.31 -14.02 -1.02
N THR C 313 -6.12 -13.64 -0.56
CA THR C 313 -5.79 -13.64 0.87
C THR C 313 -6.66 -12.59 1.58
N GLN C 314 -6.76 -11.41 0.96
CA GLN C 314 -7.59 -10.31 1.48
C GLN C 314 -9.07 -10.69 1.54
N LEU C 315 -9.55 -11.40 0.52
CA LEU C 315 -10.93 -11.88 0.50
C LEU C 315 -11.18 -12.85 1.65
N GLU C 316 -10.22 -13.75 1.85
CA GLU C 316 -10.25 -14.69 2.95
C GLU C 316 -10.33 -13.99 4.31
N ALA C 317 -9.44 -13.02 4.53
CA ALA C 317 -9.43 -12.23 5.76
C ALA C 317 -10.79 -11.51 5.95
N ALA C 318 -11.28 -10.86 4.89
CA ALA C 318 -12.58 -10.17 4.90
C ALA C 318 -13.74 -11.08 5.32
N ARG C 319 -13.76 -12.30 4.77
CA ARG C 319 -14.78 -13.31 5.11
C ARG C 319 -14.68 -13.69 6.57
N LEU C 320 -13.48 -13.94 7.06
CA LEU C 320 -13.32 -14.29 8.47
C LEU C 320 -13.75 -13.19 9.43
N LEU C 321 -13.35 -11.94 9.15
CA LEU C 321 -13.75 -10.80 9.97
C LEU C 321 -15.27 -10.64 10.01
N THR C 322 -15.91 -10.80 8.86
CA THR C 322 -17.36 -10.60 8.74
C THR C 322 -18.11 -11.67 9.54
N TYR C 323 -17.77 -12.94 9.31
CA TYR C 323 -18.45 -14.02 10.00
C TYR C 323 -18.14 -14.03 11.49
N ASN C 324 -16.91 -13.65 11.87
CA ASN C 324 -16.59 -13.60 13.28
C ASN C 324 -17.36 -12.52 14.04
N ALA C 325 -17.53 -11.35 13.41
CA ALA C 325 -18.34 -10.28 13.98
C ALA C 325 -19.79 -10.77 14.20
N ALA C 326 -20.33 -11.45 13.19
CA ALA C 326 -21.68 -12.02 13.25
C ALA C 326 -21.85 -13.03 14.38
N ARG C 327 -20.84 -13.90 14.56
CA ARG C 327 -20.88 -14.90 15.57
C ARG C 327 -20.73 -14.30 16.97
N LEU C 328 -19.94 -13.25 17.11
CA LEU C 328 -19.85 -12.53 18.37
C LEU C 328 -21.21 -11.94 18.77
N LEU C 329 -21.84 -11.24 17.83
CA LEU C 329 -23.20 -10.70 18.02
C LEU C 329 -24.16 -11.80 18.46
N GLU C 330 -24.20 -12.89 17.72
CA GLU C 330 -25.05 -14.03 18.09
C GLU C 330 -24.76 -14.56 19.49
N ALA C 331 -23.48 -14.62 19.87
CA ALA C 331 -23.11 -15.17 21.17
C ALA C 331 -23.38 -14.19 22.31
N GLY C 332 -23.81 -12.97 22.00
CA GLY C 332 -24.04 -11.95 23.02
C GLY C 332 -22.73 -11.41 23.58
N LYS C 333 -21.67 -11.45 22.78
CA LYS C 333 -20.37 -10.92 23.17
C LYS C 333 -20.20 -9.52 22.59
N PRO C 334 -19.21 -8.75 23.12
CA PRO C 334 -18.90 -7.48 22.46
C PRO C 334 -18.54 -7.68 20.98
N PHE C 335 -19.16 -6.89 20.10
CA PHE C 335 -18.96 -7.03 18.65
C PHE C 335 -18.75 -5.71 17.89
N ILE C 336 -18.88 -4.57 18.56
CA ILE C 336 -18.83 -3.27 17.87
C ILE C 336 -17.47 -3.00 17.19
N LYS C 337 -16.38 -3.21 17.91
CA LYS C 337 -15.05 -3.07 17.32
C LYS C 337 -14.87 -4.01 16.12
N GLU C 338 -15.32 -5.25 16.28
CA GLU C 338 -15.18 -6.26 15.25
C GLU C 338 -16.07 -5.97 14.05
N ALA C 339 -17.28 -5.46 14.29
CA ALA C 339 -18.15 -5.03 13.19
C ALA C 339 -17.52 -3.90 12.36
N SER C 340 -16.96 -2.90 13.04
CA SER C 340 -16.25 -1.79 12.37
C SER C 340 -15.03 -2.27 11.59
N MET C 341 -14.25 -3.14 12.22
CA MET C 341 -13.15 -3.81 11.53
C MET C 341 -13.60 -4.54 10.26
N ALA C 342 -14.66 -5.37 10.34
CA ALA C 342 -15.17 -6.06 9.15
C ALA C 342 -15.63 -5.09 8.05
N LYS C 343 -16.35 -4.03 8.42
CA LYS C 343 -16.91 -3.13 7.41
C LYS C 343 -15.79 -2.35 6.73
N TYR C 344 -14.89 -1.81 7.55
CA TYR C 344 -13.72 -1.08 7.05
C TYR C 344 -12.91 -1.94 6.09
N TYR C 345 -12.50 -3.12 6.57
CA TYR C 345 -11.60 -4.01 5.80
C TYR C 345 -12.26 -4.52 4.50
N ALA C 346 -13.47 -5.07 4.64
CA ALA C 346 -14.23 -5.60 3.50
C ALA C 346 -14.51 -4.55 2.43
N SER C 347 -14.89 -3.34 2.86
CA SER C 347 -15.18 -2.26 1.90
C SER C 347 -13.89 -1.82 1.19
N GLU C 348 -12.81 -1.66 1.94
CA GLU C 348 -11.50 -1.28 1.37
C GLU C 348 -10.98 -2.36 0.42
N ILE C 349 -11.00 -3.62 0.83
CA ILE C 349 -10.55 -4.66 -0.09
C ILE C 349 -11.49 -4.94 -1.28
N ALA C 350 -12.79 -4.69 -1.15
CA ALA C 350 -13.69 -4.76 -2.29
C ALA C 350 -13.30 -3.73 -3.39
N GLY C 351 -12.90 -2.53 -2.98
CA GLY C 351 -12.41 -1.51 -3.92
C GLY C 351 -11.16 -2.00 -4.64
N GLN C 352 -10.26 -2.58 -3.87
CA GLN C 352 -9.00 -3.07 -4.40
C GLN C 352 -9.19 -4.26 -5.35
N THR C 353 -10.02 -5.22 -4.91
CA THR C 353 -10.32 -6.44 -5.65
C THR C 353 -10.92 -6.08 -7.02
N THR C 354 -11.97 -5.26 -7.02
CA THR C 354 -12.64 -4.87 -8.23
C THR C 354 -11.76 -4.05 -9.20
N SER C 355 -11.00 -3.10 -8.66
CA SER C 355 -10.01 -2.35 -9.42
C SER C 355 -8.98 -3.28 -10.12
N LYS C 356 -8.47 -4.25 -9.37
CA LYS C 356 -7.52 -5.21 -9.93
C LYS C 356 -8.15 -6.12 -10.97
N CYS C 357 -9.39 -6.57 -10.73
CA CYS C 357 -10.05 -7.46 -11.69
C CYS C 357 -10.25 -6.79 -13.06
N ILE C 358 -10.59 -5.50 -13.08
CA ILE C 358 -10.68 -4.77 -14.36
C ILE C 358 -9.34 -4.86 -15.11
N GLU C 359 -8.24 -4.66 -14.39
CA GLU C 359 -6.90 -4.74 -14.98
C GLU C 359 -6.55 -6.14 -15.52
N TRP C 360 -6.88 -7.17 -14.75
CA TRP C 360 -6.62 -8.56 -15.16
C TRP C 360 -7.42 -8.91 -16.42
N MET C 361 -8.65 -8.38 -16.52
CA MET C 361 -9.48 -8.57 -17.71
C MET C 361 -8.93 -7.83 -18.92
N GLY C 362 -8.25 -6.72 -18.67
CA GLY C 362 -7.78 -5.81 -19.72
C GLY C 362 -8.91 -5.02 -20.35
N GLY C 363 -8.79 -4.76 -21.65
CA GLY C 363 -9.77 -3.97 -22.40
C GLY C 363 -11.23 -4.31 -22.16
N VAL C 364 -11.57 -5.60 -22.27
CA VAL C 364 -12.96 -6.04 -22.07
C VAL C 364 -13.50 -5.66 -20.69
N GLY C 365 -12.63 -5.68 -19.68
CA GLY C 365 -13.00 -5.24 -18.33
C GLY C 365 -13.45 -3.79 -18.22
N TYR C 366 -13.04 -2.95 -19.18
CA TYR C 366 -13.45 -1.56 -19.23
C TYR C 366 -14.81 -1.35 -19.94
N THR C 367 -15.42 -2.42 -20.43
CA THR C 367 -16.66 -2.31 -21.20
C THR C 367 -17.85 -2.82 -20.40
N LYS C 368 -19.02 -2.26 -20.68
CA LYS C 368 -20.25 -2.64 -20.01
C LYS C 368 -20.85 -3.95 -20.54
N ASP C 369 -20.22 -4.54 -21.55
CA ASP C 369 -20.58 -5.88 -22.02
C ASP C 369 -20.10 -6.98 -21.08
N TYR C 370 -19.19 -6.62 -20.17
CA TYR C 370 -18.68 -7.51 -19.15
C TYR C 370 -19.11 -6.93 -17.80
N PRO C 371 -19.19 -7.77 -16.76
CA PRO C 371 -19.74 -7.35 -15.46
C PRO C 371 -18.79 -6.68 -14.48
N VAL C 372 -17.48 -6.68 -14.78
CA VAL C 372 -16.51 -6.28 -13.79
C VAL C 372 -16.51 -4.77 -13.53
N GLU C 373 -16.77 -3.96 -14.55
CA GLU C 373 -16.83 -2.50 -14.36
C GLU C 373 -17.98 -2.07 -13.43
N LYS C 374 -19.09 -2.80 -13.43
CA LYS C 374 -20.18 -2.53 -12.49
C LYS C 374 -19.79 -2.89 -11.03
N TYR C 375 -19.17 -4.05 -10.83
CA TYR C 375 -18.68 -4.40 -9.51
C TYR C 375 -17.79 -3.28 -8.94
N PHE C 376 -16.87 -2.77 -9.76
CA PHE C 376 -16.00 -1.62 -9.47
C PHE C 376 -16.74 -0.33 -9.08
N ARG C 377 -17.70 0.06 -9.90
CA ARG C 377 -18.54 1.21 -9.59
C ARG C 377 -19.33 1.02 -8.27
N ASP C 378 -19.90 -0.17 -8.08
CA ASP C 378 -20.66 -0.53 -6.88
C ASP C 378 -19.79 -0.53 -5.62
N ALA C 379 -18.57 -1.07 -5.72
CA ALA C 379 -17.72 -1.22 -4.53
C ALA C 379 -17.36 0.11 -3.90
N LYS C 380 -17.22 1.15 -4.72
CA LYS C 380 -16.75 2.44 -4.26
C LYS C 380 -17.64 3.02 -3.16
N ILE C 381 -18.95 2.75 -3.18
CA ILE C 381 -19.87 3.18 -2.13
C ILE C 381 -19.52 2.68 -0.71
N GLY C 382 -18.93 1.48 -0.63
CA GLY C 382 -18.67 0.81 0.63
C GLY C 382 -17.83 1.55 1.66
N THR C 383 -16.88 2.36 1.18
CA THR C 383 -16.06 3.15 2.09
C THR C 383 -16.73 4.46 2.51
N ILE C 384 -17.94 4.72 2.02
CA ILE C 384 -18.68 5.98 2.27
C ILE C 384 -19.88 5.81 3.20
N TYR C 385 -20.83 4.95 2.82
CA TYR C 385 -22.05 4.77 3.61
C TYR C 385 -21.91 3.79 4.78
N GLU C 386 -22.96 3.74 5.62
CA GLU C 386 -22.96 3.07 6.92
C GLU C 386 -21.74 3.43 7.77
N GLY C 387 -21.31 4.69 7.65
CA GLY C 387 -20.15 5.18 8.36
C GLY C 387 -18.91 5.05 7.51
N ALA C 388 -18.43 6.19 7.01
CA ALA C 388 -17.25 6.25 6.15
C ALA C 388 -16.07 5.58 6.83
N SER C 389 -15.06 5.23 6.03
CA SER C 389 -13.87 4.57 6.58
C SER C 389 -13.24 5.28 7.77
N ASN C 390 -13.03 6.61 7.68
CA ASN C 390 -12.46 7.37 8.77
C ASN C 390 -13.27 7.20 10.07
N ILE C 391 -14.59 7.12 9.94
CA ILE C 391 -15.51 6.94 11.07
C ILE C 391 -15.35 5.55 11.67
N GLN C 392 -15.18 4.53 10.84
CA GLN C 392 -14.90 3.18 11.33
C GLN C 392 -13.60 3.13 12.13
N LEU C 393 -12.56 3.74 11.58
CA LEU C 393 -11.27 3.82 12.27
C LEU C 393 -11.38 4.59 13.59
N ASN C 394 -12.17 5.66 13.62
CA ASN C 394 -12.39 6.41 14.86
C ASN C 394 -13.02 5.49 15.92
N THR C 395 -14.02 4.71 15.52
CA THR C 395 -14.73 3.80 16.43
C THR C 395 -13.78 2.72 16.96
N ILE C 396 -13.02 2.12 16.04
CA ILE C 396 -12.00 1.12 16.38
C ILE C 396 -11.00 1.67 17.37
N ALA C 397 -10.50 2.90 17.13
CA ALA C 397 -9.54 3.52 18.04
C ALA C 397 -10.13 3.75 19.42
N LYS C 398 -11.39 4.20 19.49
CA LYS C 398 -12.06 4.37 20.78
C LYS C 398 -12.04 3.07 21.58
N HIS C 399 -12.34 1.96 20.91
CA HIS C 399 -12.35 0.64 21.56
C HIS C 399 -10.93 0.24 22.00
N ILE C 400 -9.93 0.47 21.14
CA ILE C 400 -8.53 0.21 21.50
C ILE C 400 -8.11 1.02 22.73
N ASP C 401 -8.50 2.29 22.79
CA ASP C 401 -8.20 3.15 23.95
C ASP C 401 -8.76 2.57 25.25
N ALA C 402 -9.96 1.99 25.17
CA ALA C 402 -10.61 1.40 26.34
C ALA C 402 -10.01 0.04 26.74
N GLU C 403 -9.25 -0.58 25.84
CA GLU C 403 -8.59 -1.89 26.12
C GLU C 403 -7.21 -1.82 26.76
N TYR C 404 -6.59 -0.64 26.80
CA TYR C 404 -5.24 -0.48 27.34
C TYR C 404 -5.16 0.59 28.42
N ALA D 24 -19.03 -21.45 16.78
CA ALA D 24 -18.58 -20.38 17.73
C ALA D 24 -17.44 -19.54 17.14
N PRO D 25 -17.21 -18.32 17.68
CA PRO D 25 -16.09 -17.46 17.28
C PRO D 25 -14.71 -18.18 17.30
N LEU D 26 -13.83 -17.79 16.37
CA LEU D 26 -12.48 -18.40 16.23
C LEU D 26 -11.61 -18.24 17.48
N GLN D 27 -11.92 -17.25 18.32
CA GLN D 27 -11.19 -17.03 19.57
C GLN D 27 -11.81 -17.77 20.78
N THR D 28 -12.73 -18.71 20.52
CA THR D 28 -13.32 -19.57 21.57
C THR D 28 -12.58 -20.92 21.65
N PHE D 29 -11.91 -21.14 22.77
CA PHE D 29 -10.99 -22.25 22.95
C PHE D 29 -11.57 -23.31 23.91
N THR D 30 -11.06 -24.54 23.79
CA THR D 30 -11.38 -25.56 24.79
C THR D 30 -10.76 -25.15 26.12
N ASP D 31 -11.21 -25.78 27.20
CA ASP D 31 -10.61 -25.59 28.52
C ASP D 31 -9.10 -25.86 28.54
N GLU D 32 -8.64 -26.93 27.89
CA GLU D 32 -7.21 -27.24 27.85
C GLU D 32 -6.42 -26.16 27.12
N GLU D 33 -6.94 -25.71 25.97
CA GLU D 33 -6.30 -24.64 25.20
C GLU D 33 -6.16 -23.35 26.02
N MET D 34 -7.22 -22.98 26.74
CA MET D 34 -7.24 -21.79 27.59
C MET D 34 -6.22 -21.93 28.72
N MET D 35 -6.19 -23.10 29.36
CA MET D 35 -5.25 -23.36 30.46
C MET D 35 -3.79 -23.34 29.99
N ILE D 36 -3.52 -23.89 28.82
CA ILE D 36 -2.17 -23.94 28.28
C ILE D 36 -1.69 -22.52 27.93
N LYS D 37 -2.55 -21.75 27.25
CA LYS D 37 -2.28 -20.35 26.95
C LYS D 37 -1.88 -19.57 28.21
N SER D 38 -2.66 -19.74 29.28
CA SER D 38 -2.45 -19.09 30.57
C SER D 38 -1.12 -19.47 31.23
N SER D 39 -0.81 -20.76 31.23
CA SER D 39 0.48 -21.25 31.78
C SER D 39 1.67 -20.66 31.01
N VAL D 40 1.58 -20.61 29.69
CA VAL D 40 2.67 -20.08 28.88
C VAL D 40 2.87 -18.59 29.09
N LYS D 41 1.76 -17.84 29.19
CA LYS D 41 1.82 -16.42 29.48
C LYS D 41 2.65 -16.15 30.75
N LYS D 42 2.33 -16.89 31.81
CA LYS D 42 2.99 -16.77 33.11
C LYS D 42 4.46 -17.14 33.01
N PHE D 43 4.74 -18.29 32.40
CA PHE D 43 6.11 -18.75 32.19
C PHE D 43 6.95 -17.74 31.39
N ALA D 44 6.43 -17.24 30.28
CA ALA D 44 7.15 -16.26 29.46
C ALA D 44 7.44 -14.99 30.25
N GLN D 45 6.43 -14.44 30.93
CA GLN D 45 6.62 -13.22 31.71
C GLN D 45 7.62 -13.39 32.85
N GLU D 46 7.58 -14.53 33.54
CA GLU D 46 8.47 -14.78 34.69
C GLU D 46 9.88 -15.27 34.29
N GLN D 47 9.95 -16.18 33.34
CA GLN D 47 11.21 -16.86 33.04
C GLN D 47 11.94 -16.39 31.77
N ILE D 48 11.23 -15.74 30.86
CA ILE D 48 11.84 -15.35 29.58
C ILE D 48 12.10 -13.83 29.52
N ALA D 49 11.06 -13.05 29.79
CA ALA D 49 11.12 -11.58 29.66
C ALA D 49 12.38 -10.90 30.25
N PRO D 50 12.83 -11.28 31.47
CA PRO D 50 14.07 -10.69 32.04
C PRO D 50 15.35 -10.97 31.24
N LEU D 51 15.35 -12.02 30.41
CA LEU D 51 16.52 -12.40 29.64
C LEU D 51 16.48 -11.99 28.18
N VAL D 52 15.35 -11.49 27.69
CA VAL D 52 15.21 -11.19 26.25
C VAL D 52 16.35 -10.33 25.70
N SER D 53 16.71 -9.25 26.40
CA SER D 53 17.72 -8.29 25.93
C SER D 53 19.12 -8.87 25.86
N THR D 54 19.50 -9.58 26.92
CA THR D 54 20.80 -10.20 26.98
C THR D 54 21.00 -11.27 25.92
N MET D 55 19.95 -12.05 25.68
CA MET D 55 20.02 -13.12 24.72
C MET D 55 20.17 -12.57 23.31
N ASP D 56 19.48 -11.47 23.04
CA ASP D 56 19.59 -10.77 21.77
C ASP D 56 20.97 -10.17 21.60
N GLU D 57 21.43 -9.43 22.60
CA GLU D 57 22.75 -8.81 22.57
C GLU D 57 23.86 -9.84 22.32
N ASN D 58 23.79 -10.98 22.99
CA ASN D 58 24.84 -11.98 22.92
C ASN D 58 24.63 -13.07 21.86
N SER D 59 23.49 -13.02 21.15
CA SER D 59 23.08 -14.06 20.21
C SER D 59 23.18 -15.45 20.82
N LYS D 60 22.57 -15.61 21.98
CA LYS D 60 22.77 -16.81 22.79
C LYS D 60 21.52 -17.07 23.61
N MET D 61 20.89 -18.20 23.34
CA MET D 61 19.76 -18.66 24.12
C MET D 61 20.26 -19.19 25.47
N GLU D 62 19.55 -18.84 26.54
CA GLU D 62 19.91 -19.26 27.89
C GLU D 62 19.47 -20.70 28.16
N LYS D 63 20.35 -21.48 28.78
CA LYS D 63 20.04 -22.86 29.16
C LYS D 63 18.81 -22.92 30.05
N SER D 64 18.66 -21.98 30.97
CA SER D 64 17.48 -21.91 31.84
C SER D 64 16.16 -21.85 31.04
N VAL D 65 16.16 -21.12 29.93
CA VAL D 65 14.98 -20.99 29.08
C VAL D 65 14.68 -22.32 28.38
N ILE D 66 15.72 -22.94 27.79
CA ILE D 66 15.57 -24.23 27.12
C ILE D 66 15.06 -25.30 28.10
N GLN D 67 15.70 -25.38 29.26
CA GLN D 67 15.28 -26.27 30.36
C GLN D 67 13.82 -26.02 30.77
N GLY D 68 13.44 -24.74 30.86
CA GLY D 68 12.07 -24.35 31.18
C GLY D 68 11.05 -24.82 30.16
N LEU D 69 11.32 -24.60 28.87
CA LEU D 69 10.44 -25.08 27.80
C LEU D 69 10.16 -26.58 27.94
N PHE D 70 11.20 -27.36 28.21
CA PHE D 70 11.02 -28.80 28.40
C PHE D 70 10.24 -29.12 29.66
N GLN D 71 10.62 -28.47 30.76
CA GLN D 71 10.03 -28.72 32.07
C GLN D 71 8.54 -28.35 32.05
N GLN D 72 8.18 -27.29 31.33
CA GLN D 72 6.80 -26.86 31.21
C GLN D 72 5.95 -27.72 30.25
N GLY D 73 6.56 -28.71 29.59
CA GLY D 73 5.83 -29.55 28.62
C GLY D 73 5.65 -28.93 27.25
N LEU D 74 6.42 -27.89 26.94
CA LEU D 74 6.17 -27.10 25.73
C LEU D 74 6.95 -27.60 24.51
N MET D 75 7.73 -28.65 24.71
CA MET D 75 8.48 -29.29 23.64
C MET D 75 7.82 -30.59 23.12
N GLY D 76 6.72 -31.00 23.74
CA GLY D 76 5.96 -32.18 23.32
C GLY D 76 4.46 -31.97 23.42
N ILE D 77 4.00 -30.81 22.97
CA ILE D 77 2.62 -30.34 23.17
C ILE D 77 1.56 -31.34 22.66
N GLU D 78 1.75 -31.85 21.44
CA GLU D 78 0.83 -32.80 20.81
C GLU D 78 1.24 -34.26 20.92
N VAL D 79 2.43 -34.51 21.45
CA VAL D 79 2.91 -35.87 21.61
C VAL D 79 2.07 -36.58 22.65
N ASP D 80 1.78 -37.85 22.41
CA ASP D 80 0.98 -38.66 23.31
C ASP D 80 1.67 -38.73 24.67
N PRO D 81 0.89 -38.71 25.76
CA PRO D 81 1.44 -38.95 27.10
C PRO D 81 2.25 -40.24 27.29
N GLU D 82 2.06 -41.25 26.45
CA GLU D 82 2.87 -42.48 26.55
C GLU D 82 4.35 -42.22 26.24
N TYR D 83 4.62 -41.17 25.47
CA TYR D 83 5.99 -40.78 25.16
C TYR D 83 6.42 -39.54 25.94
N GLY D 84 5.71 -39.22 27.01
CA GLY D 84 5.99 -38.05 27.84
C GLY D 84 5.42 -36.73 27.33
N GLY D 85 4.53 -36.78 26.35
CA GLY D 85 3.96 -35.57 25.78
C GLY D 85 2.71 -35.10 26.50
N THR D 86 2.21 -33.93 26.10
CA THR D 86 0.99 -33.39 26.72
C THR D 86 -0.32 -33.87 26.07
N GLY D 87 -0.26 -34.37 24.83
CA GLY D 87 -1.45 -34.87 24.16
C GLY D 87 -2.49 -33.79 23.83
N ALA D 88 -2.05 -32.54 23.69
CA ALA D 88 -2.96 -31.44 23.38
C ALA D 88 -3.18 -31.26 21.87
N SER D 89 -4.10 -30.38 21.53
CA SER D 89 -4.47 -30.07 20.14
C SER D 89 -3.41 -29.30 19.39
N PHE D 90 -3.55 -29.27 18.07
CA PHE D 90 -2.66 -28.47 17.25
C PHE D 90 -2.86 -26.97 17.54
N LEU D 91 -4.10 -26.58 17.80
CA LEU D 91 -4.39 -25.22 18.17
C LEU D 91 -3.66 -24.79 19.44
N SER D 92 -3.53 -25.71 20.40
CA SER D 92 -2.69 -25.44 21.58
C SER D 92 -1.26 -25.07 21.20
N THR D 93 -0.68 -25.80 20.25
CA THR D 93 0.68 -25.51 19.78
C THR D 93 0.77 -24.10 19.17
N VAL D 94 -0.24 -23.77 18.37
CA VAL D 94 -0.35 -22.44 17.76
C VAL D 94 -0.40 -21.37 18.86
N LEU D 95 -1.26 -21.56 19.87
CA LEU D 95 -1.39 -20.61 20.97
C LEU D 95 -0.13 -20.46 21.82
N VAL D 96 0.59 -21.55 22.02
CA VAL D 96 1.86 -21.54 22.75
C VAL D 96 2.89 -20.72 22.00
N ILE D 97 3.01 -20.96 20.71
CA ILE D 97 3.96 -20.23 19.86
C ILE D 97 3.65 -18.73 19.86
N GLU D 98 2.39 -18.40 19.67
CA GLU D 98 1.93 -17.01 19.72
C GLU D 98 2.28 -16.36 21.04
N GLU D 99 1.94 -17.03 22.13
CA GLU D 99 2.15 -16.52 23.45
C GLU D 99 3.64 -16.31 23.77
N LEU D 100 4.48 -17.28 23.39
CA LEU D 100 5.93 -17.12 23.54
C LEU D 100 6.44 -15.95 22.70
N ALA D 101 5.94 -15.83 21.48
CA ALA D 101 6.40 -14.79 20.55
C ALA D 101 6.04 -13.38 21.03
N LYS D 102 4.97 -13.24 21.81
CA LYS D 102 4.63 -11.94 22.41
C LYS D 102 5.78 -11.42 23.28
N VAL D 103 6.59 -12.33 23.83
CA VAL D 103 7.72 -11.98 24.68
C VAL D 103 9.03 -12.06 23.89
N ASP D 104 9.25 -13.17 23.19
CA ASP D 104 10.49 -13.37 22.41
C ASP D 104 10.32 -14.31 21.21
N ALA D 105 10.30 -13.72 20.03
CA ALA D 105 10.17 -14.48 18.77
C ALA D 105 11.23 -15.60 18.61
N SER D 106 12.43 -15.41 19.16
CA SER D 106 13.48 -16.42 19.10
C SER D 106 13.15 -17.69 19.90
N VAL D 107 12.61 -17.50 21.10
CA VAL D 107 12.16 -18.62 21.91
C VAL D 107 10.99 -19.33 21.23
N ALA D 108 10.07 -18.56 20.66
CA ALA D 108 8.93 -19.10 19.91
C ALA D 108 9.31 -20.03 18.75
N VAL D 109 10.32 -19.64 17.94
CA VAL D 109 10.74 -20.47 16.82
C VAL D 109 11.41 -21.76 17.32
N PHE D 110 12.20 -21.64 18.39
CA PHE D 110 12.77 -22.80 19.05
C PHE D 110 11.69 -23.84 19.41
N CYS D 111 10.57 -23.36 19.93
CA CYS D 111 9.42 -24.20 20.24
C CYS D 111 8.68 -24.70 18.98
N GLU D 112 8.51 -23.81 18.02
CA GLU D 112 7.82 -24.16 16.78
C GLU D 112 8.52 -25.27 15.98
N ILE D 113 9.84 -25.19 15.88
CA ILE D 113 10.62 -26.20 15.16
C ILE D 113 10.43 -27.57 15.81
N GLN D 114 10.62 -27.64 17.13
CA GLN D 114 10.49 -28.90 17.85
C GLN D 114 9.12 -29.53 17.68
N ASN D 115 8.06 -28.75 17.91
CA ASN D 115 6.71 -29.29 17.85
C ASN D 115 6.20 -29.53 16.43
N THR D 116 6.36 -28.53 15.59
CA THR D 116 5.63 -28.52 14.33
C THR D 116 6.40 -29.18 13.20
N LEU D 117 7.74 -29.23 13.29
CA LEU D 117 8.54 -29.87 12.26
C LEU D 117 9.02 -31.22 12.78
N ILE D 118 9.84 -31.22 13.83
CA ILE D 118 10.52 -32.46 14.32
C ILE D 118 9.55 -33.49 14.87
N ASN D 119 8.78 -33.12 15.89
CA ASN D 119 7.86 -34.08 16.53
C ASN D 119 6.80 -34.58 15.57
N THR D 120 6.27 -33.68 14.74
CA THR D 120 5.25 -34.04 13.76
C THR D 120 5.79 -35.00 12.70
N LEU D 121 6.98 -34.72 12.17
CA LEU D 121 7.62 -35.65 11.22
C LEU D 121 7.72 -37.07 11.79
N ILE D 122 8.17 -37.19 13.02
CA ILE D 122 8.35 -38.49 13.67
C ILE D 122 6.99 -39.13 14.04
N ARG D 123 6.06 -38.35 14.60
CA ARG D 123 4.69 -38.82 14.89
C ARG D 123 3.98 -39.34 13.66
N LYS D 124 4.13 -38.65 12.54
CA LYS D 124 3.45 -39.04 11.29
C LYS D 124 4.11 -40.15 10.48
N HIS D 125 5.44 -40.19 10.46
CA HIS D 125 6.16 -41.04 9.51
C HIS D 125 7.13 -42.05 10.12
N GLY D 126 7.25 -42.02 11.44
CA GLY D 126 8.11 -42.94 12.15
C GLY D 126 7.51 -44.31 12.34
N THR D 127 8.38 -45.30 12.43
CA THR D 127 7.99 -46.65 12.84
C THR D 127 7.61 -46.57 14.30
N GLU D 128 6.96 -47.61 14.81
CA GLU D 128 6.65 -47.67 16.24
C GLU D 128 7.93 -47.66 17.09
N GLU D 129 8.97 -48.34 16.65
CA GLU D 129 10.27 -48.27 17.35
C GLU D 129 10.87 -46.86 17.35
N GLN D 130 10.83 -46.18 16.21
CA GLN D 130 11.35 -44.83 16.14
C GLN D 130 10.60 -43.87 17.06
N LYS D 131 9.27 -43.96 17.07
CA LYS D 131 8.48 -43.13 17.98
C LYS D 131 8.86 -43.40 19.46
N ALA D 132 8.97 -44.67 19.83
CA ALA D 132 9.28 -45.07 21.22
C ALA D 132 10.67 -44.61 21.66
N THR D 133 11.60 -44.60 20.72
CA THR D 133 12.98 -44.25 20.95
C THR D 133 13.19 -42.75 20.99
N TYR D 134 12.65 -42.04 20.00
CA TYR D 134 12.90 -40.60 19.85
C TYR D 134 11.96 -39.65 20.57
N LEU D 135 10.66 -39.92 20.55
CA LEU D 135 9.70 -39.00 21.16
C LEU D 135 9.88 -38.75 22.68
N PRO D 136 10.10 -39.78 23.50
CA PRO D 136 10.41 -39.49 24.92
C PRO D 136 11.60 -38.55 25.13
N GLN D 137 12.64 -38.68 24.30
CA GLN D 137 13.78 -37.76 24.37
C GLN D 137 13.41 -36.35 23.89
N LEU D 138 12.67 -36.26 22.79
CA LEU D 138 12.27 -34.97 22.23
C LEU D 138 11.29 -34.17 23.13
N THR D 139 10.56 -34.87 23.99
CA THR D 139 9.64 -34.20 24.90
C THR D 139 10.30 -33.79 26.23
N THR D 140 11.49 -34.32 26.49
CA THR D 140 12.13 -34.19 27.81
C THR D 140 13.45 -33.40 27.83
N GLU D 141 14.32 -33.59 26.84
CA GLU D 141 15.62 -32.91 26.86
C GLU D 141 16.34 -32.72 25.52
N LYS D 142 15.96 -33.48 24.49
CA LYS D 142 16.71 -33.48 23.23
C LYS D 142 16.06 -32.55 22.20
N VAL D 143 16.88 -31.63 21.70
CA VAL D 143 16.47 -30.67 20.69
C VAL D 143 16.76 -31.24 19.31
N GLY D 144 15.81 -31.03 18.40
CA GLY D 144 15.96 -31.43 17.01
C GLY D 144 16.11 -30.24 16.07
N SER D 145 16.88 -30.45 15.01
CA SER D 145 17.05 -29.50 13.89
C SER D 145 16.53 -30.13 12.60
N PHE D 146 15.87 -29.30 11.81
CA PHE D 146 15.28 -29.68 10.51
C PHE D 146 16.24 -29.18 9.43
N CYS D 147 16.80 -30.12 8.66
CA CYS D 147 17.89 -29.81 7.75
C CYS D 147 17.54 -30.08 6.29
N LEU D 148 17.02 -29.04 5.62
CA LEU D 148 16.58 -29.13 4.23
C LEU D 148 17.46 -28.26 3.32
N SER D 149 17.53 -26.98 3.67
CA SER D 149 18.16 -25.95 2.84
C SER D 149 19.66 -26.07 2.71
N GLU D 150 20.15 -25.62 1.56
CA GLU D 150 21.56 -25.58 1.21
C GLU D 150 21.83 -24.24 0.53
N ALA D 151 23.12 -23.92 0.37
CA ALA D 151 23.54 -22.71 -0.33
C ALA D 151 22.90 -22.59 -1.73
N GLY D 152 22.78 -23.73 -2.43
CA GLY D 152 22.22 -23.76 -3.78
C GLY D 152 20.78 -24.25 -3.85
N ALA D 153 20.13 -24.40 -2.71
CA ALA D 153 18.78 -24.95 -2.62
C ALA D 153 18.04 -24.31 -1.45
N GLY D 154 17.51 -23.12 -1.68
CA GLY D 154 16.72 -22.40 -0.70
C GLY D 154 15.25 -22.49 -1.03
N SER D 155 14.75 -21.56 -1.83
CA SER D 155 13.39 -21.69 -2.33
C SER D 155 13.27 -23.00 -3.12
N ASP D 156 14.30 -23.31 -3.90
CA ASP D 156 14.36 -24.53 -4.69
C ASP D 156 14.96 -25.64 -3.80
N SER D 157 14.19 -26.00 -2.77
CA SER D 157 14.62 -27.02 -1.79
C SER D 157 15.00 -28.33 -2.43
N PHE D 158 14.24 -28.74 -3.44
CA PHE D 158 14.42 -30.08 -3.99
C PHE D 158 15.60 -30.20 -4.96
N ALA D 159 16.30 -29.08 -5.19
CA ALA D 159 17.61 -29.10 -5.88
C ALA D 159 18.75 -29.44 -4.92
N LEU D 160 18.42 -29.84 -3.70
CA LEU D 160 19.45 -30.10 -2.70
C LEU D 160 20.46 -31.12 -3.27
N LYS D 161 21.75 -30.89 -2.99
CA LYS D 161 22.85 -31.73 -3.47
C LYS D 161 23.45 -32.71 -2.47
N THR D 162 23.07 -32.62 -1.19
CA THR D 162 23.53 -33.58 -0.19
C THR D 162 23.05 -34.97 -0.63
N ARG D 163 23.98 -35.90 -0.74
CA ARG D 163 23.68 -37.24 -1.27
C ARG D 163 23.91 -38.31 -0.24
N ALA D 164 23.16 -39.41 -0.39
CA ALA D 164 23.24 -40.54 0.53
C ALA D 164 23.51 -41.76 -0.35
N ASP D 165 24.70 -42.35 -0.20
CA ASP D 165 25.13 -43.51 -0.98
C ASP D 165 25.09 -44.76 -0.12
N LYS D 166 24.33 -45.76 -0.56
CA LYS D 166 24.20 -47.00 0.20
C LYS D 166 25.48 -47.79 0.16
N GLU D 167 25.94 -48.20 1.34
CA GLU D 167 27.08 -49.11 1.48
C GLU D 167 26.68 -50.15 2.53
N GLY D 168 26.41 -51.37 2.08
CA GLY D 168 25.92 -52.43 2.95
C GLY D 168 24.60 -52.05 3.59
N ASP D 169 24.52 -52.16 4.91
CA ASP D 169 23.30 -51.80 5.61
C ASP D 169 23.35 -50.36 6.18
N TYR D 170 24.19 -49.50 5.59
CA TYR D 170 24.22 -48.08 5.92
C TYR D 170 24.14 -47.18 4.70
N TYR D 171 23.88 -45.89 4.94
CA TYR D 171 24.04 -44.86 3.94
C TYR D 171 25.20 -43.95 4.33
N VAL D 172 25.93 -43.47 3.33
CA VAL D 172 27.04 -42.55 3.56
C VAL D 172 26.59 -41.22 3.01
N LEU D 173 26.51 -40.23 3.90
CA LEU D 173 26.04 -38.90 3.55
C LEU D 173 27.23 -37.96 3.28
N ASN D 174 27.14 -37.24 2.18
CA ASN D 174 28.13 -36.26 1.78
C ASN D 174 27.42 -35.01 1.25
N GLY D 175 27.82 -33.86 1.77
CA GLY D 175 27.27 -32.61 1.33
C GLY D 175 27.32 -31.57 2.42
N SER D 176 26.38 -30.64 2.34
CA SER D 176 26.33 -29.52 3.25
C SER D 176 24.89 -29.01 3.36
N LYS D 177 24.60 -28.37 4.49
CA LYS D 177 23.35 -27.68 4.71
C LYS D 177 23.66 -26.27 5.20
N MET D 178 22.68 -25.40 5.02
CA MET D 178 22.79 -24.00 5.37
C MET D 178 21.52 -23.57 6.11
N TRP D 179 21.69 -22.62 7.03
CA TRP D 179 20.59 -21.97 7.74
C TRP D 179 19.92 -22.86 8.78
N ILE D 180 20.65 -23.81 9.36
CA ILE D 180 20.02 -24.76 10.27
C ILE D 180 19.81 -24.18 11.67
N SER D 181 18.55 -23.92 11.97
CA SER D 181 18.11 -23.39 13.25
C SER D 181 18.28 -24.41 14.36
N SER D 182 18.65 -23.89 15.52
CA SER D 182 18.84 -24.66 16.75
C SER D 182 20.02 -25.64 16.71
N ALA D 183 20.86 -25.55 15.69
CA ALA D 183 21.94 -26.51 15.45
C ALA D 183 22.97 -26.54 16.58
N GLU D 184 23.18 -25.39 17.22
CA GLU D 184 24.20 -25.28 18.26
C GLU D 184 23.88 -26.18 19.46
N HIS D 185 22.59 -26.43 19.69
CA HIS D 185 22.12 -27.24 20.83
C HIS D 185 21.53 -28.60 20.45
N ALA D 186 21.24 -28.82 19.17
CA ALA D 186 20.49 -30.00 18.73
C ALA D 186 21.25 -31.32 18.94
N GLY D 187 20.54 -32.34 19.42
CA GLY D 187 21.07 -33.69 19.57
C GLY D 187 20.68 -34.56 18.37
N LEU D 188 19.67 -34.09 17.65
CA LEU D 188 19.12 -34.79 16.49
C LEU D 188 18.94 -33.85 15.31
N PHE D 189 19.44 -34.32 14.17
CA PHE D 189 19.37 -33.63 12.91
C PHE D 189 18.53 -34.47 11.95
N LEU D 190 17.41 -33.90 11.49
CA LEU D 190 16.56 -34.53 10.48
C LEU D 190 17.00 -34.04 9.14
N VAL D 191 17.76 -34.89 8.43
CA VAL D 191 18.46 -34.48 7.25
C VAL D 191 17.81 -35.02 5.99
N MET D 192 17.52 -34.13 5.06
CA MET D 192 17.04 -34.49 3.73
C MET D 192 18.25 -34.60 2.78
N ALA D 193 18.42 -35.78 2.20
CA ALA D 193 19.53 -36.10 1.31
C ALA D 193 19.00 -36.94 0.18
N ASN D 194 19.67 -36.86 -0.96
CA ASN D 194 19.22 -37.58 -2.14
C ASN D 194 19.98 -38.91 -2.34
N VAL D 195 19.22 -40.01 -2.37
CA VAL D 195 19.79 -41.34 -2.60
C VAL D 195 20.06 -41.65 -4.07
N ASP D 196 19.44 -40.89 -4.97
CA ASP D 196 19.54 -41.13 -6.42
C ASP D 196 19.31 -39.81 -7.17
N PRO D 197 20.33 -38.95 -7.21
CA PRO D 197 20.16 -37.64 -7.85
C PRO D 197 19.65 -37.65 -9.30
N THR D 198 19.80 -38.78 -10.01
CA THR D 198 19.34 -38.90 -11.40
C THR D 198 17.80 -38.93 -11.55
N ILE D 199 17.07 -39.22 -10.47
CA ILE D 199 15.59 -39.12 -10.50
C ILE D 199 15.03 -37.85 -9.85
N GLY D 200 15.90 -36.88 -9.60
CA GLY D 200 15.50 -35.60 -9.06
C GLY D 200 14.92 -35.68 -7.66
N TYR D 201 13.83 -34.95 -7.43
CA TYR D 201 13.22 -34.85 -6.11
C TYR D 201 12.72 -36.18 -5.54
N LYS D 202 12.35 -37.10 -6.42
CA LYS D 202 11.87 -38.41 -5.99
C LYS D 202 12.96 -39.30 -5.37
N GLY D 203 14.22 -38.87 -5.38
CA GLY D 203 15.28 -39.54 -4.63
C GLY D 203 15.50 -39.04 -3.20
N ILE D 204 14.84 -37.93 -2.85
CA ILE D 204 15.07 -37.22 -1.60
C ILE D 204 14.48 -38.03 -0.45
N THR D 205 15.30 -38.22 0.58
CA THR D 205 15.02 -39.13 1.66
C THR D 205 15.36 -38.43 2.97
N SER D 206 14.55 -38.67 3.99
CA SER D 206 14.75 -38.11 5.33
C SER D 206 15.55 -39.06 6.22
N PHE D 207 16.60 -38.54 6.85
CA PHE D 207 17.46 -39.30 7.76
C PHE D 207 17.51 -38.71 9.17
N LEU D 208 17.47 -39.61 10.16
CA LEU D 208 17.65 -39.24 11.55
C LEU D 208 19.13 -39.38 11.94
N VAL D 209 19.81 -38.25 11.97
CA VAL D 209 21.25 -38.21 12.20
C VAL D 209 21.51 -37.66 13.59
N ASP D 210 22.26 -38.42 14.40
CA ASP D 210 22.67 -37.96 15.72
C ASP D 210 23.79 -36.93 15.64
N ARG D 211 23.74 -35.92 16.50
CA ARG D 211 24.76 -34.85 16.56
C ARG D 211 26.22 -35.34 16.45
N ASP D 212 26.57 -36.32 17.28
CA ASP D 212 27.95 -36.74 17.47
C ASP D 212 28.36 -37.88 16.54
N THR D 213 27.88 -37.84 15.31
CA THR D 213 28.24 -38.80 14.29
C THR D 213 29.48 -38.28 13.57
N PRO D 214 30.58 -39.05 13.59
CA PRO D 214 31.78 -38.65 12.85
C PRO D 214 31.51 -38.21 11.40
N GLY D 215 32.14 -37.10 11.01
CA GLY D 215 31.94 -36.53 9.68
C GLY D 215 30.93 -35.39 9.64
N LEU D 216 30.09 -35.26 10.67
CA LEU D 216 29.14 -34.16 10.78
C LEU D 216 29.79 -32.98 11.51
N HIS D 217 29.94 -31.87 10.80
CA HIS D 217 30.49 -30.68 11.42
C HIS D 217 29.43 -29.57 11.45
N ILE D 218 29.31 -28.96 12.61
CA ILE D 218 28.40 -27.85 12.82
C ILE D 218 29.24 -26.59 12.85
N GLY D 219 28.99 -25.69 11.91
CA GLY D 219 29.75 -24.45 11.80
C GLY D 219 29.34 -23.42 12.82
N LYS D 220 29.95 -22.25 12.79
CA LYS D 220 29.63 -21.18 13.75
C LYS D 220 28.27 -20.53 13.41
N PRO D 221 27.52 -20.12 14.44
CA PRO D 221 26.23 -19.48 14.15
C PRO D 221 26.34 -18.18 13.34
N GLU D 222 25.38 -17.95 12.45
CA GLU D 222 25.31 -16.72 11.70
C GLU D 222 25.16 -15.52 12.65
N ASN D 223 25.73 -14.40 12.21
CA ASN D 223 25.55 -13.11 12.86
C ASN D 223 24.36 -12.43 12.18
N LYS D 224 23.22 -12.38 12.88
CA LYS D 224 21.95 -12.05 12.24
C LYS D 224 21.37 -10.70 12.65
N LEU D 225 20.51 -10.18 11.78
CA LEU D 225 19.74 -8.97 12.04
C LEU D 225 18.86 -9.11 13.30
N GLY D 226 18.12 -10.21 13.39
CA GLY D 226 17.22 -10.48 14.49
C GLY D 226 17.17 -11.99 14.67
N LEU D 227 16.18 -12.46 15.42
CA LEU D 227 16.10 -13.87 15.85
C LEU D 227 17.46 -14.34 16.37
N ARG D 228 18.16 -13.43 17.04
CA ARG D 228 19.59 -13.63 17.32
C ARG D 228 19.85 -14.72 18.35
N ALA D 229 18.91 -14.94 19.28
CA ALA D 229 19.06 -16.00 20.29
C ALA D 229 18.83 -17.41 19.71
N SER D 230 18.20 -17.51 18.53
CA SER D 230 18.04 -18.78 17.82
C SER D 230 19.29 -19.06 16.99
N SER D 231 20.07 -20.09 17.35
CA SER D 231 21.27 -20.43 16.58
C SER D 231 20.91 -20.86 15.17
N THR D 232 21.71 -20.39 14.22
CA THR D 232 21.51 -20.66 12.80
C THR D 232 22.87 -20.98 12.23
N CYS D 233 23.09 -22.25 11.89
CA CYS D 233 24.43 -22.75 11.55
C CYS D 233 24.49 -23.54 10.23
N PRO D 234 25.61 -23.40 9.52
CA PRO D 234 25.88 -24.30 8.42
C PRO D 234 26.29 -25.68 8.95
N LEU D 235 26.07 -26.70 8.15
CA LEU D 235 26.52 -28.06 8.46
C LEU D 235 27.29 -28.59 7.27
N THR D 236 28.30 -29.40 7.55
CA THR D 236 28.94 -30.19 6.53
C THR D 236 28.90 -31.67 6.91
N PHE D 237 28.68 -32.50 5.89
CA PHE D 237 28.69 -33.95 6.01
C PHE D 237 29.85 -34.50 5.19
N GLU D 238 30.82 -35.11 5.89
CA GLU D 238 31.97 -35.78 5.28
C GLU D 238 31.89 -37.26 5.58
N ASN D 239 31.43 -38.06 4.61
CA ASN D 239 31.28 -39.51 4.79
C ASN D 239 30.58 -39.88 6.11
N VAL D 240 29.43 -39.25 6.36
CA VAL D 240 28.67 -39.50 7.57
C VAL D 240 27.89 -40.80 7.41
N LYS D 241 28.19 -41.78 8.25
CA LYS D 241 27.57 -43.11 8.18
C LYS D 241 26.27 -43.16 8.98
N VAL D 242 25.18 -43.49 8.30
CA VAL D 242 23.85 -43.52 8.89
C VAL D 242 23.23 -44.91 8.65
N PRO D 243 22.89 -45.64 9.72
CA PRO D 243 22.28 -46.96 9.47
C PRO D 243 21.02 -46.86 8.61
N GLU D 244 20.74 -47.88 7.80
CA GLU D 244 19.54 -47.86 6.95
C GLU D 244 18.24 -47.76 7.77
N ALA D 245 18.27 -48.25 9.01
CA ALA D 245 17.13 -48.14 9.92
C ALA D 245 16.82 -46.69 10.28
N ASN D 246 17.81 -45.81 10.21
CA ASN D 246 17.63 -44.40 10.54
C ASN D 246 16.90 -43.55 9.47
N ILE D 247 16.50 -44.16 8.36
CA ILE D 247 15.62 -43.49 7.41
C ILE D 247 14.25 -43.28 8.06
N LEU D 248 13.75 -42.05 7.97
CA LEU D 248 12.42 -41.70 8.47
C LEU D 248 11.44 -41.86 7.31
N GLY D 249 10.53 -42.82 7.45
CA GLY D 249 9.56 -43.12 6.42
C GLY D 249 10.16 -43.82 5.22
N GLN D 250 9.54 -43.63 4.07
CA GLN D 250 9.89 -44.38 2.87
C GLN D 250 10.99 -43.68 2.07
N ILE D 251 11.95 -44.46 1.56
CA ILE D 251 12.99 -43.94 0.66
C ILE D 251 12.35 -43.19 -0.49
N GLY D 252 12.84 -41.98 -0.79
CA GLY D 252 12.33 -41.22 -1.92
C GLY D 252 11.06 -40.41 -1.65
N HIS D 253 10.55 -40.48 -0.42
CA HIS D 253 9.39 -39.69 0.01
C HIS D 253 9.77 -38.56 0.97
N GLY D 254 11.07 -38.35 1.17
CA GLY D 254 11.56 -37.29 2.05
C GLY D 254 11.08 -35.90 1.64
N TYR D 255 10.97 -35.69 0.32
CA TYR D 255 10.50 -34.43 -0.21
C TYR D 255 9.06 -34.17 0.21
N LYS D 256 8.25 -35.23 0.15
CA LYS D 256 6.85 -35.22 0.54
C LYS D 256 6.70 -34.91 2.04
N TYR D 257 7.53 -35.54 2.85
CA TYR D 257 7.45 -35.39 4.30
C TYR D 257 7.90 -33.99 4.72
N ALA D 258 8.96 -33.49 4.09
CA ALA D 258 9.52 -32.19 4.38
C ALA D 258 8.48 -31.10 4.13
N ILE D 259 7.93 -31.08 2.92
CA ILE D 259 6.96 -30.04 2.57
C ILE D 259 5.62 -30.16 3.30
N GLY D 260 5.15 -31.41 3.49
CA GLY D 260 4.01 -31.68 4.37
C GLY D 260 4.15 -31.05 5.76
N SER D 261 5.31 -31.24 6.39
CA SER D 261 5.57 -30.68 7.71
C SER D 261 5.68 -29.16 7.64
N LEU D 262 6.28 -28.64 6.57
CA LEU D 262 6.36 -27.19 6.33
C LEU D 262 4.99 -26.54 6.08
N ASN D 263 4.05 -27.25 5.47
CA ASN D 263 2.66 -26.76 5.39
C ASN D 263 2.09 -26.47 6.78
N GLU D 264 2.37 -27.36 7.73
CA GLU D 264 1.97 -27.17 9.12
CA GLU D 264 1.97 -27.17 9.13
C GLU D 264 2.81 -26.08 9.80
N GLY D 265 4.11 -26.10 9.56
CA GLY D 265 5.02 -25.10 10.08
C GLY D 265 4.70 -23.68 9.65
N ARG D 266 4.14 -23.51 8.47
CA ARG D 266 3.67 -22.21 8.01
C ARG D 266 2.60 -21.60 8.91
N ILE D 267 1.72 -22.43 9.46
CA ILE D 267 0.73 -21.97 10.44
C ILE D 267 1.48 -21.58 11.74
N GLY D 268 2.47 -22.38 12.08
CA GLY D 268 3.35 -22.10 13.23
C GLY D 268 4.11 -20.78 13.11
N ILE D 269 4.64 -20.50 11.93
CA ILE D 269 5.29 -19.22 11.71
C ILE D 269 4.27 -18.07 11.67
N ALA D 270 3.09 -18.30 11.10
CA ALA D 270 1.99 -17.31 11.22
C ALA D 270 1.75 -16.93 12.68
N ALA D 271 1.66 -17.95 13.54
CA ALA D 271 1.48 -17.76 14.99
C ALA D 271 2.61 -16.97 15.65
N GLN D 272 3.86 -17.26 15.28
CA GLN D 272 5.00 -16.50 15.77
C GLN D 272 4.93 -15.05 15.35
N MET D 273 4.66 -14.81 14.07
CA MET D 273 4.59 -13.46 13.51
C MET D 273 3.43 -12.66 14.15
N LEU D 274 2.30 -13.33 14.32
CA LEU D 274 1.14 -12.81 15.03
C LEU D 274 1.47 -12.41 16.47
N GLY D 275 2.12 -13.32 17.20
CA GLY D 275 2.45 -13.09 18.58
C GLY D 275 3.43 -11.95 18.75
N LEU D 276 4.47 -11.91 17.93
CA LEU D 276 5.42 -10.82 18.06
C LEU D 276 4.81 -9.46 17.70
N ALA D 277 4.00 -9.42 16.64
CA ALA D 277 3.30 -8.18 16.25
C ALA D 277 2.36 -7.72 17.38
N GLN D 278 1.65 -8.67 17.98
CA GLN D 278 0.75 -8.37 19.09
C GLN D 278 1.48 -7.88 20.34
N GLY D 279 2.59 -8.55 20.69
CA GLY D 279 3.42 -8.09 21.81
C GLY D 279 3.93 -6.68 21.64
N CYS D 280 4.39 -6.39 20.42
CA CYS D 280 4.85 -5.05 20.07
C CYS D 280 3.75 -3.99 20.20
N PHE D 281 2.61 -4.27 19.60
CA PHE D 281 1.43 -3.42 19.65
C PHE D 281 0.97 -3.19 21.10
N ASP D 282 0.88 -4.26 21.88
CA ASP D 282 0.41 -4.18 23.26
C ASP D 282 1.32 -3.31 24.12
N TYR D 283 2.63 -3.40 23.87
CA TYR D 283 3.58 -2.54 24.56
C TYR D 283 3.40 -1.07 24.15
N THR D 284 3.20 -0.85 22.86
CA THR D 284 3.21 0.52 22.31
C THR D 284 1.99 1.36 22.69
N ILE D 285 0.80 0.76 22.73
CA ILE D 285 -0.41 1.55 22.99
C ILE D 285 -0.40 2.32 24.33
N PRO D 286 -0.06 1.65 25.45
CA PRO D 286 0.11 2.42 26.69
C PRO D 286 1.08 3.61 26.57
N TYR D 287 2.19 3.47 25.87
CA TYR D 287 3.12 4.59 25.69
C TYR D 287 2.45 5.79 24.98
N ILE D 288 1.76 5.53 23.87
CA ILE D 288 1.15 6.64 23.12
C ILE D 288 -0.06 7.24 23.84
N LYS D 289 -0.65 6.49 24.79
CA LYS D 289 -1.67 7.04 25.67
C LYS D 289 -1.04 7.96 26.74
N GLU D 290 0.17 7.64 27.19
CA GLU D 290 0.86 8.38 28.27
C GLU D 290 1.63 9.60 27.78
N ARG D 291 2.23 9.47 26.60
CA ARG D 291 3.13 10.51 26.06
C ARG D 291 2.34 11.74 25.59
N ILE D 292 2.76 12.93 26.02
CA ILE D 292 2.12 14.19 25.64
C ILE D 292 3.00 15.07 24.76
N GLN D 293 2.41 15.56 23.68
CA GLN D 293 3.00 16.60 22.82
C GLN D 293 1.88 17.54 22.37
N PHE D 294 2.21 18.83 22.26
CA PHE D 294 1.22 19.85 21.90
C PHE D 294 -0.03 19.82 22.80
N GLY D 295 0.15 19.42 24.07
CA GLY D 295 -0.96 19.40 25.04
C GLY D 295 -1.90 18.21 24.94
N LYS D 296 -1.60 17.26 24.05
CA LYS D 296 -2.47 16.10 23.84
C LYS D 296 -1.68 14.82 23.97
N ARG D 297 -2.37 13.72 24.33
CA ARG D 297 -1.79 12.39 24.21
C ARG D 297 -1.47 12.14 22.75
N LEU D 298 -0.36 11.48 22.46
CA LEU D 298 -0.06 11.08 21.08
C LEU D 298 -1.25 10.34 20.46
N PHE D 299 -1.92 9.51 21.26
CA PHE D 299 -3.08 8.72 20.83
C PHE D 299 -4.20 9.62 20.30
N ASP D 300 -4.28 10.86 20.77
CA ASP D 300 -5.32 11.79 20.31
C ASP D 300 -5.05 12.53 19.01
N PHE D 301 -3.90 12.31 18.39
CA PHE D 301 -3.71 12.82 17.02
C PHE D 301 -4.37 11.83 16.08
N GLN D 302 -5.31 12.33 15.29
CA GLN D 302 -6.16 11.46 14.48
C GLN D 302 -5.36 10.67 13.45
N GLY D 303 -4.34 11.27 12.85
CA GLY D 303 -3.47 10.56 11.92
C GLY D 303 -2.90 9.31 12.57
N LEU D 304 -2.37 9.49 13.78
CA LEU D 304 -1.81 8.40 14.53
C LEU D 304 -2.89 7.36 14.91
N GLN D 305 -4.05 7.85 15.39
CA GLN D 305 -5.20 6.98 15.73
C GLN D 305 -5.63 6.09 14.57
N HIS D 306 -5.71 6.70 13.38
CA HIS D 306 -6.07 5.95 12.17
C HIS D 306 -5.06 4.87 11.87
N GLN D 307 -3.77 5.16 12.07
CA GLN D 307 -2.73 4.17 11.82
C GLN D 307 -2.86 3.01 12.82
N VAL D 308 -3.14 3.35 14.08
CA VAL D 308 -3.31 2.36 15.14
C VAL D 308 -4.52 1.46 14.82
N ALA D 309 -5.65 2.08 14.44
CA ALA D 309 -6.86 1.33 14.10
C ALA D 309 -6.67 0.43 12.86
N HIS D 310 -5.93 0.92 11.87
CA HIS D 310 -5.65 0.15 10.65
C HIS D 310 -4.80 -1.08 11.01
N VAL D 311 -3.72 -0.86 11.74
CA VAL D 311 -2.89 -1.95 12.27
C VAL D 311 -3.67 -2.97 13.13
N ALA D 312 -4.54 -2.48 14.02
CA ALA D 312 -5.35 -3.36 14.85
C ALA D 312 -6.21 -4.30 13.97
N THR D 313 -6.77 -3.74 12.91
CA THR D 313 -7.61 -4.50 11.99
C THR D 313 -6.80 -5.61 11.34
N GLN D 314 -5.59 -5.27 10.87
CA GLN D 314 -4.68 -6.24 10.26
C GLN D 314 -4.27 -7.35 11.25
N LEU D 315 -4.02 -6.97 12.51
CA LEU D 315 -3.70 -7.97 13.54
C LEU D 315 -4.87 -8.93 13.75
N GLU D 316 -6.09 -8.38 13.75
CA GLU D 316 -7.32 -9.18 13.88
C GLU D 316 -7.47 -10.15 12.72
N ALA D 317 -7.29 -9.66 11.50
CA ALA D 317 -7.32 -10.50 10.30
C ALA D 317 -6.24 -11.60 10.34
N ALA D 318 -5.02 -11.24 10.74
CA ALA D 318 -3.94 -12.22 10.86
C ALA D 318 -4.27 -13.31 11.88
N ARG D 319 -4.85 -12.91 13.01
CA ARG D 319 -5.26 -13.88 14.03
C ARG D 319 -6.30 -14.85 13.49
N LEU D 320 -7.30 -14.32 12.81
CA LEU D 320 -8.40 -15.15 12.31
C LEU D 320 -7.89 -16.11 11.24
N LEU D 321 -7.03 -15.64 10.35
CA LEU D 321 -6.42 -16.50 9.32
C LEU D 321 -5.60 -17.66 9.92
N THR D 322 -4.84 -17.36 10.96
CA THR D 322 -3.98 -18.32 11.62
C THR D 322 -4.80 -19.39 12.34
N TYR D 323 -5.76 -18.95 13.15
CA TYR D 323 -6.61 -19.87 13.89
C TYR D 323 -7.49 -20.71 12.94
N ASN D 324 -8.01 -20.11 11.88
CA ASN D 324 -8.83 -20.86 10.93
C ASN D 324 -8.03 -21.95 10.22
N ALA D 325 -6.82 -21.63 9.78
CA ALA D 325 -5.91 -22.64 9.19
C ALA D 325 -5.71 -23.83 10.15
N ALA D 326 -5.48 -23.52 11.43
CA ALA D 326 -5.26 -24.53 12.46
C ALA D 326 -6.51 -25.40 12.65
N ARG D 327 -7.70 -24.77 12.64
CA ARG D 327 -8.93 -25.52 12.81
C ARG D 327 -9.25 -26.38 11.60
N LEU D 328 -8.94 -25.88 10.41
CA LEU D 328 -9.08 -26.68 9.18
C LEU D 328 -8.20 -27.94 9.27
N LEU D 329 -6.93 -27.75 9.63
CA LEU D 329 -6.01 -28.87 9.87
C LEU D 329 -6.62 -29.87 10.88
N GLU D 330 -7.11 -29.38 12.02
CA GLU D 330 -7.73 -30.26 13.04
C GLU D 330 -8.98 -30.99 12.54
N ALA D 331 -9.78 -30.36 11.70
CA ALA D 331 -11.00 -30.99 11.17
C ALA D 331 -10.72 -32.00 10.04
N GLY D 332 -9.45 -32.17 9.67
CA GLY D 332 -9.08 -32.98 8.52
C GLY D 332 -9.54 -32.40 7.19
N LYS D 333 -9.71 -31.09 7.12
CA LYS D 333 -10.09 -30.42 5.89
C LYS D 333 -8.85 -29.94 5.13
N PRO D 334 -9.01 -29.60 3.83
CA PRO D 334 -7.85 -29.03 3.14
C PRO D 334 -7.41 -27.73 3.82
N PHE D 335 -6.12 -27.56 4.04
CA PHE D 335 -5.61 -26.40 4.73
C PHE D 335 -4.37 -25.75 4.09
N ILE D 336 -3.83 -26.29 3.00
CA ILE D 336 -2.55 -25.76 2.48
C ILE D 336 -2.67 -24.31 2.02
N LYS D 337 -3.67 -24.00 1.20
CA LYS D 337 -3.89 -22.61 0.75
C LYS D 337 -3.98 -21.67 1.96
N GLU D 338 -4.81 -22.08 2.92
CA GLU D 338 -5.09 -21.29 4.11
C GLU D 338 -3.86 -21.11 5.01
N ALA D 339 -3.03 -22.14 5.10
CA ALA D 339 -1.76 -22.03 5.84
C ALA D 339 -0.83 -21.02 5.19
N SER D 340 -0.74 -21.06 3.86
CA SER D 340 0.07 -20.13 3.11
C SER D 340 -0.44 -18.71 3.22
N MET D 341 -1.77 -18.55 3.13
CA MET D 341 -2.41 -17.26 3.37
C MET D 341 -2.08 -16.70 4.75
N ALA D 342 -2.21 -17.52 5.80
CA ALA D 342 -1.88 -17.08 7.16
C ALA D 342 -0.41 -16.68 7.32
N LYS D 343 0.51 -17.48 6.79
CA LYS D 343 1.94 -17.19 6.92
C LYS D 343 2.33 -15.91 6.17
N TYR D 344 1.86 -15.80 4.95
CA TYR D 344 2.13 -14.63 4.13
C TYR D 344 1.59 -13.37 4.81
N TYR D 345 0.32 -13.41 5.19
CA TYR D 345 -0.36 -12.25 5.73
C TYR D 345 0.21 -11.83 7.09
N ALA D 346 0.34 -12.78 8.00
CA ALA D 346 0.89 -12.50 9.33
C ALA D 346 2.31 -11.96 9.27
N SER D 347 3.14 -12.54 8.42
CA SER D 347 4.52 -12.09 8.31
C SER D 347 4.58 -10.67 7.70
N GLU D 348 3.79 -10.41 6.67
CA GLU D 348 3.74 -9.07 6.06
C GLU D 348 3.23 -8.02 7.05
N ILE D 349 2.15 -8.32 7.77
CA ILE D 349 1.63 -7.33 8.70
CA ILE D 349 1.56 -7.42 8.76
C ILE D 349 2.47 -7.24 9.98
N ALA D 350 3.23 -8.28 10.33
CA ALA D 350 4.17 -8.18 11.45
C ALA D 350 5.27 -7.12 11.14
N GLY D 351 5.76 -7.14 9.91
CA GLY D 351 6.72 -6.14 9.44
C GLY D 351 6.12 -4.75 9.50
N GLN D 352 4.90 -4.61 9.00
CA GLN D 352 4.23 -3.30 8.99
C GLN D 352 3.94 -2.78 10.40
N THR D 353 3.45 -3.68 11.25
CA THR D 353 3.09 -3.37 12.63
C THR D 353 4.31 -2.89 13.40
N THR D 354 5.39 -3.63 13.33
CA THR D 354 6.58 -3.29 14.09
C THR D 354 7.23 -2.01 13.57
N SER D 355 7.21 -1.81 12.26
CA SER D 355 7.72 -0.60 11.63
C SER D 355 6.92 0.64 12.10
N LYS D 356 5.60 0.52 12.13
CA LYS D 356 4.74 1.59 12.64
C LYS D 356 4.92 1.85 14.14
N CYS D 357 5.10 0.80 14.95
CA CYS D 357 5.28 0.98 16.39
C CYS D 357 6.52 1.81 16.71
N ILE D 358 7.62 1.59 16.00
CA ILE D 358 8.82 2.41 16.18
C ILE D 358 8.51 3.89 15.94
N GLU D 359 7.80 4.17 14.86
CA GLU D 359 7.35 5.51 14.52
C GLU D 359 6.45 6.11 15.59
N TRP D 360 5.47 5.34 16.08
CA TRP D 360 4.57 5.83 17.13
C TRP D 360 5.32 6.13 18.42
N MET D 361 6.34 5.33 18.73
CA MET D 361 7.18 5.59 19.90
C MET D 361 8.05 6.84 19.72
N GLY D 362 8.45 7.13 18.47
CA GLY D 362 9.42 8.20 18.20
C GLY D 362 10.85 7.77 18.48
N GLY D 363 11.68 8.75 18.88
CA GLY D 363 13.10 8.52 19.15
C GLY D 363 13.38 7.35 20.08
N VAL D 364 12.61 7.23 21.18
CA VAL D 364 12.82 6.09 22.12
C VAL D 364 12.64 4.75 21.43
N GLY D 365 11.71 4.67 20.48
CA GLY D 365 11.51 3.44 19.68
C GLY D 365 12.70 2.93 18.89
N TYR D 366 13.61 3.85 18.56
CA TYR D 366 14.87 3.53 17.84
C TYR D 366 16.01 3.10 18.78
N THR D 367 15.78 3.06 20.10
CA THR D 367 16.85 2.67 21.02
C THR D 367 16.60 1.27 21.60
N LYS D 368 17.69 0.64 22.01
CA LYS D 368 17.67 -0.72 22.55
C LYS D 368 17.27 -0.76 24.02
N ASP D 369 17.08 0.41 24.60
CA ASP D 369 16.53 0.51 25.94
C ASP D 369 15.03 0.20 25.94
N TYR D 370 14.41 0.24 24.76
CA TYR D 370 13.00 -0.09 24.62
C TYR D 370 12.92 -1.35 23.74
N PRO D 371 11.82 -2.10 23.83
CA PRO D 371 11.74 -3.42 23.17
C PRO D 371 11.28 -3.43 21.72
N VAL D 372 10.80 -2.29 21.21
CA VAL D 372 10.12 -2.28 19.92
C VAL D 372 11.11 -2.48 18.75
N GLU D 373 12.34 -1.98 18.88
CA GLU D 373 13.35 -2.21 17.83
C GLU D 373 13.71 -3.71 17.65
N LYS D 374 13.73 -4.47 18.72
CA LYS D 374 13.96 -5.91 18.61
C LYS D 374 12.82 -6.60 17.88
N TYR D 375 11.58 -6.24 18.22
CA TYR D 375 10.41 -6.82 17.53
C TYR D 375 10.50 -6.56 16.02
N PHE D 376 10.93 -5.36 15.64
CA PHE D 376 11.14 -4.93 14.24
C PHE D 376 12.22 -5.76 13.49
N ARG D 377 13.36 -5.93 14.13
CA ARG D 377 14.41 -6.79 13.59
C ARG D 377 13.99 -8.26 13.46
N ASP D 378 13.32 -8.78 14.48
CA ASP D 378 12.82 -10.16 14.50
C ASP D 378 11.76 -10.43 13.43
N ALA D 379 10.81 -9.48 13.25
CA ALA D 379 9.71 -9.65 12.31
C ALA D 379 10.19 -9.88 10.87
N LYS D 380 11.28 -9.22 10.49
CA LYS D 380 11.76 -9.24 9.11
C LYS D 380 12.06 -10.67 8.60
N ILE D 381 12.48 -11.59 9.48
CA ILE D 381 12.73 -12.98 9.07
C ILE D 381 11.46 -13.70 8.55
N GLY D 382 10.29 -13.26 8.97
CA GLY D 382 9.05 -13.98 8.69
C GLY D 382 8.68 -14.02 7.22
N THR D 383 9.11 -13.03 6.45
CA THR D 383 8.85 -13.04 5.01
C THR D 383 9.87 -13.86 4.21
N ILE D 384 10.85 -14.44 4.91
CA ILE D 384 11.94 -15.17 4.26
C ILE D 384 11.90 -16.67 4.56
N TYR D 385 12.01 -17.07 5.82
CA TYR D 385 12.05 -18.50 6.16
C TYR D 385 10.68 -19.19 6.15
N GLU D 386 10.73 -20.53 6.20
CA GLU D 386 9.56 -21.40 5.99
C GLU D 386 8.80 -21.09 4.68
N GLY D 387 9.56 -20.69 3.66
CA GLY D 387 9.02 -20.36 2.34
C GLY D 387 8.82 -18.87 2.25
N ALA D 388 9.69 -18.18 1.48
CA ALA D 388 9.60 -16.73 1.32
C ALA D 388 8.18 -16.33 0.83
N SER D 389 7.82 -15.08 1.03
CA SER D 389 6.51 -14.58 0.57
C SER D 389 6.13 -14.92 -0.87
N ASN D 390 7.05 -14.75 -1.84
CA ASN D 390 6.74 -15.09 -3.22
C ASN D 390 6.33 -16.55 -3.38
N ILE D 391 6.98 -17.42 -2.61
CA ILE D 391 6.73 -18.85 -2.63
C ILE D 391 5.34 -19.14 -2.03
N GLN D 392 4.98 -18.47 -0.93
CA GLN D 392 3.58 -18.50 -0.42
C GLN D 392 2.57 -18.08 -1.50
N LEU D 393 2.83 -16.97 -2.20
CA LEU D 393 1.93 -16.50 -3.26
C LEU D 393 1.81 -17.53 -4.40
N ASN D 394 2.93 -18.16 -4.77
CA ASN D 394 2.92 -19.19 -5.81
C ASN D 394 2.08 -20.39 -5.38
N THR D 395 2.22 -20.79 -4.13
CA THR D 395 1.43 -21.88 -3.58
C THR D 395 -0.08 -21.58 -3.57
N ILE D 396 -0.45 -20.39 -3.11
CA ILE D 396 -1.85 -19.92 -3.13
C ILE D 396 -2.43 -19.89 -4.55
N ALA D 397 -1.68 -19.32 -5.50
CA ALA D 397 -2.08 -19.33 -6.89
C ALA D 397 -2.32 -20.73 -7.47
N LYS D 398 -1.46 -21.70 -7.14
CA LYS D 398 -1.68 -23.08 -7.60
C LYS D 398 -3.03 -23.65 -7.11
N HIS D 399 -3.37 -23.36 -5.85
CA HIS D 399 -4.66 -23.81 -5.29
C HIS D 399 -5.84 -23.07 -5.91
N ILE D 400 -5.72 -21.77 -6.16
CA ILE D 400 -6.78 -21.01 -6.85
C ILE D 400 -7.04 -21.56 -8.25
N ASP D 401 -5.96 -21.90 -8.97
CA ASP D 401 -6.09 -22.46 -10.33
C ASP D 401 -6.90 -23.78 -10.28
N ALA D 402 -6.62 -24.60 -9.27
CA ALA D 402 -7.35 -25.87 -9.07
C ALA D 402 -8.82 -25.67 -8.67
N GLU D 403 -9.13 -24.54 -8.05
CA GLU D 403 -10.49 -24.24 -7.59
C GLU D 403 -11.42 -23.72 -8.68
N TYR D 404 -10.85 -23.28 -9.80
CA TYR D 404 -11.64 -22.76 -10.92
C TYR D 404 -11.35 -23.53 -12.21
PA FAD E . -4.51 -8.39 -22.23
O1A FAD E . -5.38 -9.68 -22.35
O2A FAD E . -3.31 -8.32 -23.14
O5B FAD E . -4.01 -8.19 -20.72
C5B FAD E . -4.87 -8.50 -19.61
C4B FAD E . -4.05 -8.49 -18.34
O4B FAD E . -2.97 -9.46 -18.52
C3B FAD E . -3.37 -7.15 -18.01
O3B FAD E . -3.37 -7.03 -16.57
C2B FAD E . -1.96 -7.40 -18.50
O2B FAD E . -0.96 -6.54 -17.89
C1B FAD E . -1.76 -8.87 -18.16
N9A FAD E . -0.61 -9.32 -18.98
C8A FAD E . -0.61 -9.51 -20.32
N7A FAD E . 0.60 -9.90 -20.70
C5A FAD E . 1.38 -9.94 -19.62
C6A FAD E . 2.74 -10.25 -19.41
N6A FAD E . 3.54 -10.61 -20.43
N1A FAD E . 3.24 -10.21 -18.14
C2A FAD E . 2.45 -9.86 -17.13
N3A FAD E . 1.16 -9.55 -17.29
C4A FAD E . 0.61 -9.57 -18.52
N1 FAD E . -5.21 -0.14 -29.33
C2 FAD E . -4.87 0.37 -30.59
O2 FAD E . -4.26 -0.32 -31.41
N3 FAD E . -5.27 1.66 -30.90
C4 FAD E . -5.98 2.44 -29.98
O4 FAD E . -6.27 3.58 -30.33
C4X FAD E . -6.29 1.96 -28.71
N5 FAD E . -6.98 2.69 -27.79
C5X FAD E . -7.68 2.05 -26.80
C6 FAD E . -8.76 2.65 -26.14
C7 FAD E . -9.46 1.96 -25.14
C7M FAD E . -10.62 2.64 -24.42
C8 FAD E . -9.08 0.65 -24.81
C8M FAD E . -9.81 -0.18 -23.73
C9 FAD E . -8.04 0.05 -25.48
C9A FAD E . -7.33 0.75 -26.46
N10 FAD E . -6.26 0.11 -27.13
C10 FAD E . -5.92 0.64 -28.39
C1' FAD E . -5.97 -1.32 -26.82
C2' FAD E . -5.13 -1.44 -25.55
O2' FAD E . -3.82 -0.98 -25.78
C3' FAD E . -5.17 -2.88 -25.04
O3' FAD E . -6.45 -3.05 -24.44
C4' FAD E . -4.06 -3.18 -24.01
O4' FAD E . -2.80 -3.33 -24.65
C5' FAD E . -4.36 -4.48 -23.28
O5' FAD E . -4.65 -5.53 -24.22
P FAD E . -5.89 -6.53 -23.92
O1P FAD E . -7.16 -5.62 -23.73
O2P FAD E . -6.11 -7.54 -24.98
O3P FAD E . -5.54 -7.18 -22.46
N1A COS F . 10.86 0.19 -27.16
C2A COS F . 11.47 -0.06 -28.31
N3A COS F . 11.58 -1.30 -28.81
C4A COS F . 11.06 -2.34 -28.14
C5A COS F . 10.39 -2.12 -26.94
C6A COS F . 10.30 -0.82 -26.44
N6A COS F . 9.67 -0.57 -25.28
N7A COS F . 9.96 -3.30 -26.50
C8A COS F . 10.33 -4.24 -27.37
N9A COS F . 11.01 -3.66 -28.38
C1B COS F . 11.57 -4.37 -29.59
C2B COS F . 12.73 -5.34 -29.36
O2B COS F . 13.98 -4.63 -29.38
C3B COS F . 12.58 -6.26 -30.56
O3B COS F . 13.01 -5.60 -31.76
P3B COS F . 14.45 -5.95 -32.42
O7A COS F . 14.58 -4.91 -33.65
O8A COS F . 15.54 -5.46 -31.33
O9A COS F . 14.52 -7.40 -32.79
C4B COS F . 11.06 -6.43 -30.65
O4B COS F . 10.49 -5.20 -30.12
C5B COS F . 10.59 -7.61 -29.82
O5B COS F . 11.25 -7.67 -28.55
P1A COS F . 10.55 -8.51 -27.36
O1A COS F . 11.16 -7.93 -25.93
O2A COS F . 10.68 -9.97 -27.56
O3A COS F . 9.02 -8.00 -27.47
P2A COS F . 7.85 -8.56 -26.51
O4A COS F . 8.50 -8.85 -25.04
O5A COS F . 7.15 -9.74 -27.08
O6A COS F . 6.93 -7.26 -26.29
CBP COS F . 5.65 -5.32 -27.08
CCP COS F . 6.42 -6.57 -27.44
CDP COS F . 4.37 -5.36 -27.93
CEP COS F . 6.49 -4.09 -27.43
CAP COS F . 5.28 -5.29 -25.55
OAP COS F . 6.42 -5.14 -24.72
C9P COS F . 4.38 -4.09 -25.27
O9P COS F . 4.88 -2.98 -25.04
N8P COS F . 3.06 -4.33 -25.31
C7P COS F . 2.05 -3.30 -25.10
C6P COS F . 1.82 -2.62 -26.45
C5P COS F . 1.03 -1.33 -26.30
O5P COS F . 1.48 -0.36 -25.69
N4P COS F . -0.17 -1.34 -26.89
C3P COS F . -1.04 -0.18 -26.81
C2P COS F . -1.54 0.32 -28.15
S1P COS F . -2.43 1.91 -27.90
S'P COS F . -3.52 1.46 -26.29
C1 EDO G . -14.30 18.96 -15.34
O1 EDO G . -14.71 20.13 -16.07
C2 EDO G . -14.78 18.95 -13.89
O2 EDO G . -14.04 19.83 -13.03
CL CL H . 7.08 18.35 -39.25
CL CL I . -13.96 10.26 -31.31
PA FAD J . 7.30 12.35 19.47
O1A FAD J . 6.86 11.81 20.91
O2A FAD J . 7.26 13.82 19.32
O5B FAD J . 6.42 11.63 18.33
C5B FAD J . 6.06 10.23 18.38
C4B FAD J . 5.01 9.94 17.28
O4B FAD J . 3.90 10.84 17.53
C3B FAD J . 5.51 10.21 15.86
O3B FAD J . 4.95 9.25 14.94
C2B FAD J . 4.91 11.59 15.60
O2B FAD J . 4.77 11.83 14.18
C1B FAD J . 3.56 11.49 16.33
N9A FAD J . 3.13 12.90 16.49
C8A FAD J . 3.69 13.84 17.29
N7A FAD J . 3.04 15.00 17.15
C5A FAD J . 2.07 14.83 16.22
C6A FAD J . 1.10 15.66 15.66
N6A FAD J . 0.98 16.96 15.99
N1A FAD J . 0.27 15.11 14.74
C2A FAD J . 0.35 13.83 14.38
N3A FAD J . 1.26 13.01 14.90
C4A FAD J . 2.14 13.48 15.82
N1 FAD J . 17.23 16.53 17.66
C2 FAD J . 18.11 17.61 17.78
O2 FAD J . 17.74 18.65 18.30
N3 FAD J . 19.39 17.47 17.31
C4 FAD J . 19.82 16.30 16.72
O4 FAD J . 20.98 16.27 16.34
C4X FAD J . 18.94 15.20 16.59
N5 FAD J . 19.32 14.03 16.01
C5X FAD J . 18.60 12.90 16.29
C6 FAD J . 19.19 11.64 16.12
C7 FAD J . 18.49 10.47 16.40
C7M FAD J . 19.24 9.15 16.17
C8 FAD J . 17.17 10.53 16.87
C8M FAD J . 16.33 9.26 17.22
C9 FAD J . 16.59 11.78 17.06
C9A FAD J . 17.30 12.96 16.75
N10 FAD J . 16.72 14.23 16.95
C10 FAD J . 17.62 15.33 17.07
C1' FAD J . 15.39 14.26 17.62
C2' FAD J . 14.28 13.96 16.63
O2' FAD J . 14.09 15.10 15.80
C3' FAD J . 13.02 13.57 17.41
O3' FAD J . 13.19 12.21 17.88
C4' FAD J . 11.77 13.70 16.55
O4' FAD J . 11.57 15.08 16.22
C5' FAD J . 10.52 13.15 17.25
O5' FAD J . 10.50 13.52 18.62
P FAD J . 10.13 12.43 19.75
O1P FAD J . 11.28 11.35 19.67
O2P FAD J . 9.99 13.05 21.09
O3P FAD J . 8.76 11.70 19.28
N1A COS K . 8.69 26.62 8.21
C2A COS K . 8.79 27.87 8.65
N3A COS K . 8.13 28.29 9.73
C4A COS K . 7.33 27.45 10.42
C5A COS K . 7.21 26.12 9.99
C6A COS K . 7.92 25.71 8.85
N6A COS K . 7.83 24.45 8.38
N7A COS K . 6.37 25.52 10.84
C8A COS K . 5.99 26.40 11.77
N9A COS K . 6.57 27.58 11.51
C1B COS K . 6.43 28.84 12.30
C2B COS K . 5.07 29.56 12.16
O2B COS K . 5.06 30.42 11.00
C3B COS K . 5.07 30.37 13.46
O3B COS K . 5.92 31.51 13.29
P3B COS K . 5.33 32.99 13.34
O7A COS K . 6.65 33.95 13.17
O8A COS K . 4.42 33.19 12.00
O9A COS K . 4.56 33.22 14.60
C4B COS K . 5.74 29.44 14.49
O4B COS K . 6.59 28.53 13.73
C5B COS K . 4.65 28.60 15.20
O5B COS K . 3.65 28.11 14.25
P1A COS K . 2.78 26.80 14.58
O1A COS K . 2.37 26.16 13.14
O2A COS K . 1.63 27.16 15.44
O3A COS K . 3.86 25.81 15.30
P2A COS K . 3.63 24.20 15.54
O4A COS K . 3.06 23.59 14.15
O5A COS K . 2.78 23.89 16.72
O6A COS K . 5.14 23.60 15.70
CBP COS K . 7.23 23.05 14.58
CCP COS K . 6.18 24.11 14.88
CDP COS K . 8.02 22.74 15.87
CEP COS K . 8.16 23.65 13.52
CAP COS K . 6.60 21.71 14.04
OAP COS K . 5.66 21.89 12.97
C9P COS K . 7.74 20.80 13.55
O9P COS K . 8.18 20.90 12.40
N8P COS K . 8.20 19.95 14.47
C7P COS K . 9.31 19.03 14.22
C6P COS K . 10.60 19.82 14.45
C5P COS K . 11.82 19.09 13.87
O5P COS K . 11.96 18.99 12.65
N4P COS K . 12.68 18.63 14.76
C3P COS K . 13.90 17.90 14.35
C2P COS K . 15.18 18.47 14.97
S1P COS K . 16.68 17.65 14.27
S'P COS K . 16.07 15.72 14.21
C1 EDO L . 23.26 -6.13 16.92
O1 EDO L . 21.84 -6.36 17.05
C2 EDO L . 23.64 -4.64 17.05
O2 EDO L . 23.37 -3.93 15.83
CL CL M . 30.48 31.94 3.97
CL CL N . 29.82 11.36 16.05
CL CL O . 4.30 5.71 -4.03
PA FAD P . -19.24 13.73 5.16
O1A FAD P . -19.22 15.22 4.70
O2A FAD P . -19.79 13.47 6.52
O5B FAD P . -17.75 13.08 5.00
C5B FAD P . -16.83 13.46 3.97
C4B FAD P . -15.45 12.86 4.32
O4B FAD P . -15.16 13.50 5.58
C3B FAD P . -15.45 11.34 4.55
O3B FAD P . -14.22 10.82 4.02
C2B FAD P . -15.45 11.26 6.07
O2B FAD P . -14.81 10.04 6.53
C1B FAD P . -14.64 12.53 6.43
N9A FAD P . -14.97 12.81 7.83
C8A FAD P . -16.15 13.26 8.29
N7A FAD P . -16.09 13.36 9.62
C5A FAD P . -14.87 12.97 10.00
C6A FAD P . -14.24 12.83 11.24
N6A FAD P . -14.88 13.14 12.39
N1A FAD P . -12.96 12.40 11.25
C2A FAD P . -12.30 12.08 10.15
N3A FAD P . -12.86 12.16 8.95
C4A FAD P . -14.15 12.61 8.86
N1 FAD P . -28.28 7.62 5.18
C2 FAD P . -29.48 7.31 5.77
O2 FAD P . -29.82 7.91 6.78
N3 FAD P . -30.26 6.31 5.22
C4 FAD P . -29.84 5.61 4.10
O4 FAD P . -30.60 4.74 3.68
C4X FAD P . -28.62 5.92 3.51
N5 FAD P . -28.14 5.28 2.41
C5X FAD P . -27.21 5.86 1.60
C6 FAD P . -27.07 5.47 0.27
C7 FAD P . -26.11 6.08 -0.54
C7M FAD P . -25.95 5.65 -2.01
C8 FAD P . -25.33 7.13 -0.03
C8M FAD P . -24.29 7.88 -0.91
C9 FAD P . -25.49 7.52 1.29
C9A FAD P . -26.44 6.89 2.11
N10 FAD P . -26.61 7.28 3.45
C10 FAD P . -27.83 6.94 4.06
C1' FAD P . -25.82 8.44 3.92
C2' FAD P . -24.40 8.04 4.28
O2' FAD P . -24.40 7.38 5.56
C3' FAD P . -23.54 9.31 4.30
O3' FAD P . -23.21 9.66 2.94
C4' FAD P . -22.26 9.09 5.11
O4' FAD P . -22.62 8.91 6.49
C5' FAD P . -21.28 10.25 4.94
O5' FAD P . -21.96 11.53 5.07
P FAD P . -21.65 12.75 4.04
O1P FAD P . -22.10 12.20 2.61
O2P FAD P . -22.41 13.91 4.50
O3P FAD P . -20.06 12.94 4.02
N1A COS Q . -22.06 2.42 19.07
C2A COS Q . -22.89 2.72 20.08
N3A COS Q . -22.95 3.95 20.60
C4A COS Q . -22.17 4.93 20.11
C5A COS Q . -21.29 4.66 19.06
C6A COS Q . -21.26 3.35 18.53
N6A COS Q . -20.45 3.04 17.51
N7A COS Q . -20.67 5.80 18.78
C8A COS Q . -21.10 6.74 19.61
N9A COS Q . -22.01 6.21 20.44
C1B COS Q . -22.80 6.91 21.51
C2B COS Q . -22.03 7.38 22.75
O2B COS Q . -21.96 6.29 23.68
C3B COS Q . -22.95 8.52 23.24
O3B COS Q . -24.12 8.01 23.89
P3B COS Q . -24.31 8.16 25.51
O7A COS Q . -25.77 7.53 25.81
O8A COS Q . -23.21 7.17 26.15
O9A COS Q . -24.14 9.54 26.03
C4B COS Q . -23.43 9.17 21.93
O4B COS Q . -23.32 8.14 20.91
C5B COS Q . -22.52 10.30 21.48
O5B COS Q . -21.15 9.87 21.53
P1A COS Q . -20.00 10.62 20.67
O1A COS Q . -18.72 9.61 20.69
O2A COS Q . -19.74 12.01 21.15
O3A COS Q . -20.64 10.53 19.19
P2A COS Q . -20.46 11.55 17.94
O4A COS Q . -18.95 12.14 17.89
O5A COS Q . -21.55 12.56 17.83
O6A COS Q . -20.56 10.50 16.73
CBP COS Q . -21.86 8.79 15.55
CCP COS Q . -21.55 9.49 16.87
CDP COS Q . -22.89 9.65 14.78
CEP COS Q . -22.45 7.41 15.86
CAP COS Q . -20.56 8.63 14.67
OAP COS Q . -19.50 7.99 15.39
C9P COS Q . -20.89 7.74 13.46
O9P COS Q . -20.80 6.52 13.56
N8P COS Q . -21.26 8.40 12.35
C7P COS Q . -21.62 7.71 11.12
C6P COS Q . -23.05 7.18 11.31
C5P COS Q . -23.47 6.23 10.21
O5P COS Q . -23.03 5.07 10.16
N4P COS Q . -24.31 6.74 9.33
C3P COS Q . -24.78 5.95 8.19
C2P COS Q . -26.30 5.90 8.09
S1P COS Q . -26.82 4.63 6.85
S'P COS Q . -25.59 5.06 5.33
C1 EDO R . -23.42 -10.48 -12.02
O1 EDO R . -24.30 -11.53 -12.43
C2 EDO R . -22.14 -10.42 -12.85
O2 EDO R . -21.34 -11.62 -12.74
CL CL S . -40.24 -10.93 15.51
CL CL T . -34.54 0.48 -4.12
PA FAD U . 16.37 -17.58 -2.37
O1A FAD U . 17.63 -17.24 -3.19
O2A FAD U . 15.75 -18.92 -2.61
O5B FAD U . 15.24 -16.42 -2.59
C5B FAD U . 15.60 -15.05 -2.77
C4B FAD U . 14.36 -14.29 -3.26
O4B FAD U . 14.02 -14.92 -4.52
C3B FAD U . 13.14 -14.41 -2.36
O3B FAD U . 12.48 -13.12 -2.41
C2B FAD U . 12.32 -15.47 -3.08
O2B FAD U . 10.93 -15.29 -2.81
C1B FAD U . 12.65 -15.17 -4.56
N9A FAD U . 12.32 -16.40 -5.29
C8A FAD U . 12.94 -17.57 -5.26
N7A FAD U . 12.31 -18.45 -6.04
C5A FAD U . 11.26 -17.82 -6.59
C6A FAD U . 10.23 -18.20 -7.46
N6A FAD U . 10.15 -19.43 -7.96
N1A FAD U . 9.31 -17.27 -7.82
C2A FAD U . 9.38 -16.03 -7.36
N3A FAD U . 10.33 -15.65 -6.53
C4A FAD U . 11.27 -16.52 -6.12
N1 FAD U . 16.21 -23.94 6.39
C2 FAD U . 16.29 -25.23 6.90
O2 FAD U . 16.38 -26.20 6.16
N3 FAD U . 16.22 -25.38 8.27
C4 FAD U . 16.07 -24.32 9.12
O4 FAD U . 16.03 -24.59 10.33
C4X FAD U . 16.00 -23.01 8.62
N5 FAD U . 15.87 -21.93 9.41
C5X FAD U . 16.28 -20.72 8.95
C6 FAD U . 16.58 -19.69 9.81
C7 FAD U . 17.03 -18.45 9.35
C7M FAD U . 17.37 -17.36 10.37
C8 FAD U . 17.15 -18.23 7.97
C8M FAD U . 17.67 -16.87 7.40
C9 FAD U . 16.85 -19.26 7.09
C9A FAD U . 16.39 -20.51 7.57
N10 FAD U . 16.07 -21.57 6.69
C10 FAD U . 16.09 -22.85 7.23
C1' FAD U . 16.36 -21.42 5.23
C2' FAD U . 15.25 -20.57 4.61
O2' FAD U . 14.06 -21.35 4.52
C3' FAD U . 15.70 -20.00 3.28
O3' FAD U . 16.48 -18.84 3.63
C4' FAD U . 14.48 -19.58 2.44
O4' FAD U . 13.73 -20.74 2.01
C5' FAD U . 14.92 -18.81 1.19
O5' FAD U . 16.03 -19.47 0.54
P FAD U . 17.33 -18.59 0.14
O1P FAD U . 17.89 -17.87 1.40
O2P FAD U . 18.33 -19.45 -0.56
O3P FAD U . 16.75 -17.40 -0.80
N1A COS V . 2.44 -29.30 -0.18
C2A COS V . 2.52 -30.59 -0.53
N3A COS V . 3.18 -30.97 -1.62
C4A COS V . 3.77 -30.05 -2.40
C5A COS V . 3.69 -28.70 -2.07
C6A COS V . 3.00 -28.32 -0.92
N6A COS V . 2.92 -27.03 -0.55
N7A COS V . 4.36 -28.03 -3.03
C8A COS V . 4.84 -28.91 -3.91
N9A COS V . 4.46 -30.14 -3.53
C1B COS V . 4.78 -31.42 -4.20
C2B COS V . 4.25 -31.62 -5.62
O2B COS V . 2.93 -32.15 -5.57
C3B COS V . 5.28 -32.63 -6.14
O3B COS V . 5.15 -33.92 -5.53
P3B COS V . 4.49 -35.15 -6.38
O7A COS V . 4.40 -36.33 -5.30
O8A COS V . 2.98 -34.65 -6.73
O9A COS V . 5.25 -35.52 -7.61
C4B COS V . 6.59 -32.02 -5.63
O4B COS V . 6.24 -31.40 -4.33
C5B COS V . 7.21 -30.99 -6.58
O5B COS V . 6.21 -30.22 -7.26
P1A COS V . 6.60 -28.78 -7.89
O1A COS V . 5.21 -27.94 -7.97
O2A COS V . 7.38 -28.90 -9.14
O3A COS V . 7.44 -28.09 -6.70
P2A COS V . 8.68 -27.06 -6.88
O4A COS V . 8.22 -25.91 -7.89
O5A COS V . 9.98 -27.73 -7.14
O6A COS V . 8.76 -26.38 -5.42
CBP COS V . 8.76 -26.54 -3.00
CCP COS V . 8.40 -27.20 -4.31
CDP COS V . 10.27 -26.71 -2.75
CEP COS V . 7.95 -27.26 -1.90
CAP COS V . 8.39 -25.01 -3.05
OAP COS V . 7.02 -24.81 -3.45
C9P COS V . 8.56 -24.42 -1.65
O9P COS V . 7.60 -24.44 -0.87
N8P COS V . 9.75 -23.89 -1.38
C7P COS V . 10.10 -23.31 -0.06
C6P COS V . 10.39 -24.49 0.89
C5P COS V . 10.44 -24.05 2.36
O5P COS V . 9.41 -23.69 2.93
N4P COS V . 11.65 -24.08 2.95
C3P COS V . 11.80 -23.63 4.32
C2P COS V . 12.58 -24.57 5.25
S1P COS V . 12.42 -23.94 6.97
S'P COS V . 13.02 -22.05 6.67
C1 EDO W . 16.73 -45.78 13.96
O1 EDO W . 16.07 -44.54 13.63
C2 EDO W . 16.20 -46.44 15.22
O2 EDO W . 16.77 -45.78 16.35
C1 EDO X . 23.55 -41.89 12.60
O1 EDO X . 23.78 -40.54 12.95
C2 EDO X . 23.26 -42.76 13.82
O2 EDO X . 24.30 -42.63 14.81
C1 EDO Y . 8.16 -22.67 -7.62
O1 EDO Y . 7.11 -23.61 -7.87
C2 EDO Y . 8.26 -22.31 -6.13
O2 EDO Y . 7.08 -21.63 -5.71
C1 EDO Z . 9.35 -8.45 25.31
O1 EDO Z . 9.72 -9.02 26.57
C2 EDO Z . 9.35 -6.92 25.35
O2 EDO Z . 8.01 -6.36 25.30
CL CL AA . 2.46 -39.13 19.63
CL CL BA . 19.39 -22.43 19.73
CL CL CA . -4.34 -5.81 4.16
#